data_4HCW
#
_entry.id   4HCW
#
_cell.length_a   104.56
_cell.length_b   203.05
_cell.length_c   309.18
_cell.angle_alpha   90.00
_cell.angle_beta   90.00
_cell.angle_gamma   90.00
#
_symmetry.space_group_name_H-M   'C 2 2 21'
#
_entity_poly.entity_id   1
_entity_poly.type   'polypeptide(L)'
_entity_poly.pdbx_seq_one_letter_code
;HMSTQPKTLTVGLFPYLPSWNENGNEVKLINLIKDVLPTQVSGYNIEYTEFDCYSDASLQSLPDVFSTDSIFLPYLVSLG
GVKSLDESLVRGVTGDLHSFVSSSASVNGSVYGFPQYLCSNFLLSSPNATQQASSLLELAQKVGYEQIVYPDVASSSSFT
VFGLYQQLLQSSSSAAVDIKASDLPQSGDQVNKDITQKYRTILDSTVVASQREYINSVKQGKPISNYYVGYSESMCEIKD
IIRDQQYNVQLIGTSDKPYVYTDVLALNSNLCDEKQKVAVEVIKNLLTNTLVLDLLGLGLTLPANKNGIAHLAKSSNFYA
QLSQQFDAKESEVRVLRCVDFANKEVKNCAGVLRPFL
;
_entity_poly.pdbx_strand_id   A,B,C,D,E,F
#
# COMPACT_ATOMS: atom_id res chain seq x y z
N PRO A 6 22.37 24.23 18.21
CA PRO A 6 23.59 24.99 18.55
C PRO A 6 24.52 24.18 19.44
N LYS A 7 24.03 23.80 20.62
CA LYS A 7 24.81 22.99 21.54
C LYS A 7 24.70 21.51 21.20
N THR A 8 25.55 21.06 20.27
CA THR A 8 25.54 19.67 19.83
C THR A 8 26.87 18.99 20.13
N LEU A 9 26.86 17.66 20.21
CA LEU A 9 28.06 16.90 20.50
C LEU A 9 28.33 15.86 19.41
N THR A 10 29.48 15.98 18.75
CA THR A 10 29.86 15.03 17.70
C THR A 10 30.62 13.83 18.28
N VAL A 11 30.12 12.64 17.99
CA VAL A 11 30.74 11.42 18.47
C VAL A 11 31.24 10.55 17.33
N GLY A 12 32.52 10.21 17.36
CA GLY A 12 33.12 9.36 16.34
C GLY A 12 33.23 7.92 16.81
N LEU A 13 32.32 7.08 16.34
CA LEU A 13 32.29 5.67 16.76
C LEU A 13 33.24 4.79 15.96
N PHE A 14 33.75 3.75 16.60
CA PHE A 14 34.58 2.75 15.94
C PHE A 14 33.73 1.96 14.95
N PRO A 15 34.03 2.12 13.64
CA PRO A 15 33.16 1.61 12.58
C PRO A 15 33.44 0.15 12.22
N TYR A 16 34.51 -0.43 12.76
CA TYR A 16 34.89 -1.79 12.39
C TYR A 16 34.33 -2.85 13.32
N LEU A 17 33.00 -2.95 13.33
CA LEU A 17 32.30 -3.98 14.08
C LEU A 17 31.83 -5.05 13.09
N PRO A 18 31.55 -6.27 13.58
CA PRO A 18 31.17 -7.36 12.67
C PRO A 18 29.88 -7.08 11.90
N SER A 19 29.63 -7.88 10.86
CA SER A 19 28.39 -7.77 10.10
C SER A 19 27.90 -9.16 9.72
N TRP A 20 26.63 -9.25 9.32
CA TRP A 20 26.04 -10.51 8.91
C TRP A 20 25.60 -10.47 7.46
N ASN A 21 25.41 -11.64 6.86
CA ASN A 21 25.00 -11.74 5.48
C ASN A 21 24.45 -13.11 5.10
N GLU A 22 23.43 -13.12 4.23
CA GLU A 22 22.90 -14.35 3.68
C GLU A 22 23.04 -14.27 2.15
N ASN A 23 22.43 -13.24 1.59
CA ASN A 23 22.53 -12.94 0.16
C ASN A 23 22.02 -11.55 -0.16
N GLY A 24 22.93 -10.61 -0.38
CA GLY A 24 22.56 -9.25 -0.73
C GLY A 24 22.31 -8.38 0.50
N ASN A 25 21.39 -8.82 1.35
CA ASN A 25 21.06 -8.07 2.56
C ASN A 25 22.16 -8.15 3.62
N GLU A 26 22.90 -7.06 3.77
CA GLU A 26 23.96 -7.00 4.77
C GLU A 26 23.49 -6.26 6.02
N VAL A 27 23.79 -6.83 7.18
CA VAL A 27 23.41 -6.22 8.45
C VAL A 27 24.65 -5.88 9.28
N LYS A 28 24.86 -4.59 9.49
CA LYS A 28 26.01 -4.13 10.28
C LYS A 28 25.63 -3.97 11.75
N LEU A 29 26.47 -4.50 12.63
CA LEU A 29 26.23 -4.39 14.06
C LEU A 29 26.32 -2.94 14.52
N ILE A 30 27.14 -2.16 13.82
CA ILE A 30 27.30 -0.74 14.16
C ILE A 30 26.01 0.02 13.97
N ASN A 31 25.17 -0.43 13.04
CA ASN A 31 23.87 0.18 12.80
C ASN A 31 22.87 -0.16 13.89
N LEU A 32 22.93 -1.41 14.38
CA LEU A 32 22.05 -1.85 15.45
C LEU A 32 22.34 -1.08 16.74
N ILE A 33 23.62 -0.86 17.01
CA ILE A 33 24.04 -0.12 18.20
C ILE A 33 23.68 1.37 18.07
N LYS A 34 23.88 1.93 16.88
CA LYS A 34 23.58 3.33 16.62
C LYS A 34 22.10 3.64 16.85
N ASP A 35 21.23 2.69 16.54
CA ASP A 35 19.80 2.89 16.68
C ASP A 35 19.34 2.79 18.14
N VAL A 36 20.26 2.46 19.03
CA VAL A 36 19.95 2.31 20.45
C VAL A 36 20.43 3.53 21.24
N LEU A 37 21.51 4.16 20.76
CA LEU A 37 22.10 5.31 21.43
C LEU A 37 21.16 6.52 21.39
N PRO A 38 21.10 7.27 22.51
CA PRO A 38 20.26 8.46 22.64
C PRO A 38 20.82 9.65 21.88
N THR A 39 19.95 10.40 21.21
CA THR A 39 20.37 11.57 20.44
C THR A 39 20.10 12.87 21.18
N GLN A 40 19.77 12.77 22.47
CA GLN A 40 19.49 13.94 23.28
C GLN A 40 19.86 13.68 24.73
N VAL A 41 21.03 14.19 25.13
CA VAL A 41 21.52 14.00 26.49
C VAL A 41 21.88 15.34 27.14
N SER A 42 21.26 15.61 28.29
CA SER A 42 21.50 16.85 29.04
C SER A 42 21.28 18.10 28.19
N GLY A 43 20.31 18.04 27.27
CA GLY A 43 19.99 19.18 26.44
C GLY A 43 20.85 19.26 25.18
N TYR A 44 21.82 18.37 25.09
CA TYR A 44 22.73 18.35 23.96
C TYR A 44 22.26 17.41 22.86
N ASN A 45 22.39 17.84 21.61
CA ASN A 45 22.06 17.00 20.47
C ASN A 45 23.27 16.16 20.05
N ILE A 46 23.21 14.85 20.29
CA ILE A 46 24.35 13.98 20.06
C ILE A 46 24.39 13.42 18.63
N GLU A 47 25.48 13.69 17.93
CA GLU A 47 25.66 13.22 16.56
C GLU A 47 26.63 12.05 16.50
N TYR A 48 26.13 10.87 16.16
CA TYR A 48 26.96 9.68 16.05
C TYR A 48 27.36 9.39 14.61
N THR A 49 28.65 9.49 14.32
CA THR A 49 29.18 9.16 13.00
C THR A 49 30.34 8.19 13.13
N GLU A 50 30.72 7.57 12.01
CA GLU A 50 31.81 6.61 11.98
C GLU A 50 33.15 7.32 11.85
N PHE A 51 34.05 7.04 12.79
CA PHE A 51 35.38 7.64 12.78
C PHE A 51 36.45 6.62 12.42
N ASP A 52 36.96 6.70 11.20
CA ASP A 52 37.98 5.78 10.72
C ASP A 52 39.36 6.19 11.23
N CYS A 53 39.80 5.57 12.32
CA CYS A 53 41.10 5.86 12.89
C CYS A 53 42.23 5.29 12.04
N TYR A 54 41.86 4.46 11.07
CA TYR A 54 42.84 3.88 10.15
C TYR A 54 42.98 4.72 8.88
N SER A 55 42.59 5.99 9.00
CA SER A 55 42.77 6.96 7.94
C SER A 55 43.49 8.19 8.51
N ASP A 56 44.65 8.51 7.95
CA ASP A 56 45.44 9.64 8.43
C ASP A 56 44.70 10.97 8.31
N ALA A 57 43.82 11.07 7.31
CA ALA A 57 43.04 12.28 7.10
C ALA A 57 42.08 12.53 8.26
N SER A 58 41.52 11.44 8.80
CA SER A 58 40.56 11.54 9.89
C SER A 58 41.26 11.84 11.22
N LEU A 59 42.52 11.42 11.34
CA LEU A 59 43.30 11.69 12.53
C LEU A 59 43.75 13.15 12.59
N GLN A 60 43.62 13.85 11.47
CA GLN A 60 43.98 15.25 11.39
C GLN A 60 42.87 16.15 11.93
N SER A 61 41.63 15.71 11.75
CA SER A 61 40.47 16.48 12.20
C SER A 61 39.61 15.67 13.15
N LEU A 62 39.96 15.69 14.43
CA LEU A 62 39.26 14.93 15.45
C LEU A 62 37.93 15.58 15.83
N PRO A 63 36.90 14.76 16.05
CA PRO A 63 35.59 15.23 16.54
C PRO A 63 35.66 15.59 18.02
N ASP A 64 34.51 15.90 18.61
CA ASP A 64 34.46 16.22 20.04
C ASP A 64 34.89 15.02 20.87
N VAL A 65 34.30 13.87 20.59
CA VAL A 65 34.68 12.62 21.23
C VAL A 65 34.76 11.51 20.18
N PHE A 66 35.87 10.78 20.19
CA PHE A 66 36.12 9.78 19.15
C PHE A 66 36.66 8.47 19.74
N SER A 67 36.42 7.38 19.02
CA SER A 67 36.98 6.09 19.39
C SER A 67 38.11 5.73 18.43
N THR A 68 39.31 5.53 18.97
CA THR A 68 40.47 5.21 18.15
C THR A 68 41.23 4.00 18.67
N ASP A 69 41.91 3.31 17.77
CA ASP A 69 42.80 2.23 18.17
C ASP A 69 43.95 2.82 18.96
N SER A 70 44.35 2.14 20.03
CA SER A 70 45.43 2.62 20.88
C SER A 70 46.79 2.51 20.21
N ILE A 71 46.82 1.87 19.04
CA ILE A 71 48.05 1.70 18.28
C ILE A 71 48.53 3.05 17.73
N PHE A 72 47.62 4.00 17.63
CA PHE A 72 47.96 5.34 17.14
C PHE A 72 47.76 6.38 18.22
N LEU A 73 47.54 5.93 19.45
CA LEU A 73 47.29 6.83 20.58
C LEU A 73 48.44 7.79 20.90
N PRO A 74 49.67 7.27 21.10
CA PRO A 74 50.76 8.20 21.42
C PRO A 74 51.03 9.22 20.30
N TYR A 75 50.92 8.78 19.05
CA TYR A 75 51.05 9.68 17.91
C TYR A 75 49.93 10.71 17.91
N LEU A 76 48.76 10.29 18.36
CA LEU A 76 47.59 11.16 18.42
C LEU A 76 47.73 12.13 19.60
N VAL A 77 48.46 11.71 20.62
CA VAL A 77 48.71 12.55 21.79
C VAL A 77 49.70 13.67 21.46
N SER A 78 50.75 13.31 20.72
CA SER A 78 51.81 14.27 20.38
C SER A 78 51.32 15.39 19.46
N LEU A 79 50.09 15.28 18.97
CA LEU A 79 49.49 16.32 18.15
C LEU A 79 48.64 17.25 19.00
N GLY A 80 48.37 16.83 20.24
CA GLY A 80 47.67 17.65 21.20
C GLY A 80 46.15 17.59 21.13
N GLY A 81 45.63 16.96 20.08
CA GLY A 81 44.20 16.93 19.84
C GLY A 81 43.38 16.11 20.82
N VAL A 82 44.05 15.46 21.77
CA VAL A 82 43.35 14.65 22.76
C VAL A 82 43.57 15.17 24.19
N LYS A 83 42.49 15.26 24.95
CA LYS A 83 42.55 15.79 26.31
C LYS A 83 42.99 14.75 27.34
N SER A 84 43.89 15.16 28.23
CA SER A 84 44.31 14.31 29.33
C SER A 84 43.19 14.20 30.37
N LEU A 85 43.00 13.02 30.92
CA LEU A 85 41.89 12.77 31.83
C LEU A 85 42.35 12.31 33.21
N ASP A 86 41.54 12.59 34.22
CA ASP A 86 41.83 12.15 35.58
C ASP A 86 41.66 10.64 35.72
N GLU A 87 42.47 10.04 36.59
CA GLU A 87 42.38 8.62 36.86
C GLU A 87 41.02 8.26 37.47
N SER A 88 40.54 9.13 38.36
CA SER A 88 39.27 8.90 39.04
C SER A 88 38.07 9.01 38.09
N LEU A 89 38.19 9.88 37.10
CA LEU A 89 37.12 10.10 36.14
C LEU A 89 36.87 8.85 35.29
N VAL A 90 37.95 8.16 34.94
CA VAL A 90 37.86 6.95 34.13
C VAL A 90 37.38 5.76 34.95
N ARG A 91 37.94 5.62 36.15
CA ARG A 91 37.58 4.52 37.04
C ARG A 91 36.12 4.59 37.49
N GLY A 92 35.58 5.79 37.53
CA GLY A 92 34.19 5.99 37.93
C GLY A 92 33.21 5.69 36.81
N VAL A 93 33.73 5.40 35.63
CA VAL A 93 32.91 5.10 34.47
C VAL A 93 33.11 3.66 33.99
N THR A 94 34.36 3.29 33.76
CA THR A 94 34.69 1.97 33.24
C THR A 94 34.74 0.92 34.34
N GLY A 95 35.10 1.34 35.54
CA GLY A 95 35.28 0.41 36.63
C GLY A 95 36.70 -0.14 36.66
N ASP A 96 36.84 -1.42 36.91
CA ASP A 96 38.16 -2.06 36.97
C ASP A 96 38.63 -2.54 35.60
N LEU A 97 39.83 -2.14 35.22
CA LEU A 97 40.43 -2.55 33.96
C LEU A 97 41.61 -3.47 34.23
N HIS A 98 42.00 -4.24 33.24
CA HIS A 98 43.21 -5.06 33.35
C HIS A 98 44.44 -4.16 33.31
N SER A 99 45.59 -4.72 33.67
CA SER A 99 46.83 -3.96 33.68
C SER A 99 47.20 -3.48 32.27
N PHE A 100 47.04 -4.36 31.29
CA PHE A 100 47.41 -4.03 29.91
C PHE A 100 46.38 -3.10 29.25
N VAL A 101 45.12 -3.23 29.64
CA VAL A 101 44.06 -2.38 29.11
C VAL A 101 44.27 -0.93 29.54
N SER A 102 44.55 -0.73 30.82
CA SER A 102 44.79 0.61 31.35
C SER A 102 46.11 1.18 30.83
N SER A 103 47.08 0.31 30.62
CA SER A 103 48.39 0.74 30.12
C SER A 103 48.30 1.21 28.67
N SER A 104 47.43 0.56 27.90
CA SER A 104 47.26 0.90 26.49
C SER A 104 46.58 2.25 26.31
N ALA A 105 45.89 2.70 27.34
CA ALA A 105 45.17 3.97 27.29
C ALA A 105 45.99 5.11 27.89
N SER A 106 47.04 4.76 28.62
CA SER A 106 47.88 5.75 29.28
C SER A 106 49.10 6.12 28.42
N VAL A 107 49.32 7.42 28.27
CA VAL A 107 50.47 7.92 27.52
C VAL A 107 51.33 8.82 28.38
N ASN A 108 52.57 8.37 28.65
CA ASN A 108 53.51 9.10 29.49
C ASN A 108 52.95 9.37 30.90
N GLY A 109 52.41 8.33 31.53
CA GLY A 109 51.89 8.44 32.87
C GLY A 109 50.42 8.84 32.91
N SER A 110 50.09 9.91 32.19
CA SER A 110 48.73 10.43 32.17
C SER A 110 47.78 9.52 31.38
N VAL A 111 46.49 9.64 31.67
CA VAL A 111 45.47 8.87 30.95
C VAL A 111 44.83 9.74 29.88
N TYR A 112 44.60 9.16 28.70
CA TYR A 112 44.08 9.93 27.57
C TYR A 112 42.81 9.37 26.94
N GLY A 113 42.09 8.51 27.67
CA GLY A 113 40.84 7.99 27.16
C GLY A 113 40.23 6.83 27.92
N PHE A 114 38.96 6.56 27.60
CA PHE A 114 38.23 5.46 28.21
C PHE A 114 38.25 4.25 27.29
N PRO A 115 38.86 3.14 27.76
CA PRO A 115 38.91 1.90 26.98
C PRO A 115 37.53 1.38 26.65
N GLN A 116 37.29 1.07 25.38
CA GLN A 116 35.98 0.62 24.92
C GLN A 116 35.98 -0.84 24.50
N TYR A 117 36.80 -1.16 23.50
CA TYR A 117 36.84 -2.51 22.95
C TYR A 117 38.17 -3.20 23.21
N LEU A 118 38.13 -4.52 23.33
CA LEU A 118 39.34 -5.32 23.48
C LEU A 118 39.41 -6.30 22.31
N CYS A 119 40.54 -6.33 21.62
CA CYS A 119 40.66 -7.14 20.42
C CYS A 119 42.02 -7.85 20.35
N SER A 120 42.05 -9.02 19.71
CA SER A 120 43.28 -9.79 19.56
C SER A 120 43.11 -10.90 18.53
N ASN A 121 44.23 -11.42 18.03
CA ASN A 121 44.20 -12.58 17.12
C ASN A 121 44.19 -13.88 17.90
N PHE A 122 43.01 -14.30 18.33
CA PHE A 122 42.87 -15.50 19.15
C PHE A 122 42.99 -16.78 18.33
N LEU A 123 43.20 -17.90 19.01
CA LEU A 123 43.25 -19.21 18.36
C LEU A 123 41.95 -19.97 18.61
N LEU A 124 41.14 -20.10 17.56
CA LEU A 124 39.89 -20.86 17.66
C LEU A 124 40.15 -22.31 17.32
N SER A 125 40.38 -23.13 18.34
CA SER A 125 40.71 -24.53 18.15
C SER A 125 39.48 -25.44 18.27
N SER A 126 39.24 -26.22 17.23
CA SER A 126 38.17 -27.21 17.22
C SER A 126 38.45 -28.28 18.28
N PRO A 127 37.38 -28.92 18.80
CA PRO A 127 37.54 -30.03 19.75
C PRO A 127 38.45 -31.14 19.21
N ASN A 128 38.54 -31.26 17.89
CA ASN A 128 39.51 -32.13 17.25
C ASN A 128 40.89 -31.46 17.29
N ALA A 129 41.38 -31.21 18.49
CA ALA A 129 42.58 -30.40 18.70
C ALA A 129 43.85 -31.05 18.17
N THR A 130 44.02 -32.33 18.46
CA THR A 130 45.23 -33.07 18.09
C THR A 130 46.51 -32.49 18.72
N GLN A 131 46.79 -31.22 18.44
CA GLN A 131 48.00 -30.58 18.95
C GLN A 131 47.71 -29.23 19.61
N GLN A 132 48.48 -28.91 20.65
CA GLN A 132 48.32 -27.67 21.39
C GLN A 132 49.64 -26.89 21.42
N ALA A 133 49.58 -25.62 21.81
CA ALA A 133 50.77 -24.78 21.88
C ALA A 133 50.58 -23.54 22.76
N SER A 134 51.67 -22.81 22.99
CA SER A 134 51.63 -21.59 23.76
C SER A 134 51.87 -20.36 22.89
N SER A 135 52.49 -20.59 21.73
CA SER A 135 52.73 -19.53 20.76
C SER A 135 52.48 -20.04 19.34
N LEU A 136 52.40 -19.12 18.39
CA LEU A 136 52.13 -19.48 17.00
C LEU A 136 53.31 -20.18 16.33
N LEU A 137 54.52 -19.75 16.67
CA LEU A 137 55.73 -20.39 16.15
C LEU A 137 55.79 -21.84 16.63
N GLU A 138 55.53 -22.04 17.91
CA GLU A 138 55.48 -23.38 18.49
C GLU A 138 54.41 -24.22 17.81
N LEU A 139 53.26 -23.61 17.55
CA LEU A 139 52.14 -24.30 16.91
C LEU A 139 52.43 -24.62 15.46
N ALA A 140 53.05 -23.68 14.75
CA ALA A 140 53.35 -23.83 13.33
C ALA A 140 54.28 -25.01 13.07
N GLN A 141 55.28 -25.18 13.93
CA GLN A 141 56.24 -26.26 13.80
C GLN A 141 55.58 -27.62 14.00
N LYS A 142 54.62 -27.66 14.92
CA LYS A 142 53.94 -28.90 15.26
C LYS A 142 52.93 -29.33 14.20
N VAL A 143 52.17 -28.37 13.68
CA VAL A 143 51.10 -28.68 12.74
C VAL A 143 51.62 -28.99 11.33
N GLY A 144 52.79 -28.44 10.99
CA GLY A 144 53.39 -28.69 9.69
C GLY A 144 52.98 -27.70 8.62
N TYR A 145 53.13 -28.11 7.36
CA TYR A 145 52.88 -27.25 6.22
C TYR A 145 51.39 -27.15 5.88
N GLU A 146 50.89 -25.92 5.86
CA GLU A 146 49.50 -25.63 5.52
C GLU A 146 48.49 -26.41 6.37
N GLN A 147 48.29 -25.96 7.60
CA GLN A 147 47.34 -26.60 8.50
C GLN A 147 46.44 -25.57 9.18
N ILE A 148 47.04 -24.52 9.70
CA ILE A 148 46.31 -23.46 10.39
C ILE A 148 45.60 -22.55 9.39
N VAL A 149 44.48 -21.97 9.80
CA VAL A 149 43.81 -20.96 8.99
C VAL A 149 44.03 -19.58 9.58
N TYR A 150 44.64 -18.70 8.81
CA TYR A 150 44.98 -17.36 9.25
C TYR A 150 44.87 -16.42 8.05
N PRO A 151 43.64 -15.98 7.76
CA PRO A 151 43.29 -15.22 6.55
C PRO A 151 44.11 -13.96 6.33
N ASP A 152 44.39 -13.21 7.40
CA ASP A 152 45.15 -11.97 7.27
C ASP A 152 46.60 -12.22 6.86
N VAL A 153 47.19 -13.29 7.38
CA VAL A 153 48.56 -13.66 7.01
C VAL A 153 48.60 -14.24 5.60
N ALA A 154 47.60 -15.06 5.28
CA ALA A 154 47.51 -15.67 3.96
C ALA A 154 47.33 -14.61 2.88
N SER A 155 46.67 -13.51 3.23
CA SER A 155 46.42 -12.43 2.29
C SER A 155 47.47 -11.32 2.43
N SER A 156 48.28 -11.43 3.48
CA SER A 156 49.33 -10.45 3.78
C SER A 156 48.77 -9.03 3.89
N SER A 157 47.83 -8.85 4.82
CA SER A 157 47.26 -7.53 5.07
C SER A 157 48.32 -6.62 5.65
N SER A 158 48.33 -5.37 5.20
CA SER A 158 49.34 -4.39 5.59
C SER A 158 49.43 -4.26 7.11
N PHE A 159 48.26 -4.19 7.76
CA PHE A 159 48.19 -4.01 9.20
C PHE A 159 48.68 -5.25 9.94
N THR A 160 48.52 -6.42 9.32
CA THR A 160 48.94 -7.68 9.92
C THR A 160 50.41 -7.97 9.65
N VAL A 161 50.86 -7.69 8.43
CA VAL A 161 52.26 -7.84 8.07
C VAL A 161 53.13 -6.96 8.96
N PHE A 162 52.71 -5.70 9.12
CA PHE A 162 53.39 -4.76 9.99
C PHE A 162 53.38 -5.21 11.44
N GLY A 163 52.22 -5.71 11.89
CA GLY A 163 52.04 -6.11 13.26
C GLY A 163 52.88 -7.29 13.69
N LEU A 164 52.79 -8.39 12.94
CA LEU A 164 53.50 -9.63 13.27
C LEU A 164 55.02 -9.44 13.27
N TYR A 165 55.51 -8.63 12.33
CA TYR A 165 56.93 -8.36 12.24
C TYR A 165 57.43 -7.68 13.52
N GLN A 166 56.70 -6.67 13.97
CA GLN A 166 57.08 -5.92 15.17
C GLN A 166 56.89 -6.74 16.44
N GLN A 167 55.91 -7.65 16.43
CA GLN A 167 55.69 -8.50 17.59
C GLN A 167 56.81 -9.53 17.74
N LEU A 168 57.25 -10.09 16.62
CA LEU A 168 58.36 -11.03 16.62
C LEU A 168 59.66 -10.33 16.99
N LEU A 169 59.77 -9.07 16.57
CA LEU A 169 60.99 -8.29 16.75
C LEU A 169 61.14 -7.74 18.16
N GLN A 170 60.40 -6.68 18.48
CA GLN A 170 60.54 -5.98 19.75
C GLN A 170 60.13 -6.83 20.96
N SER A 171 60.69 -6.48 22.11
CA SER A 171 60.33 -7.10 23.37
C SER A 171 60.33 -6.03 24.46
N SER A 172 59.43 -6.17 25.44
CA SER A 172 59.31 -5.18 26.49
C SER A 172 58.99 -5.80 27.84
N SER A 173 59.41 -5.13 28.90
CA SER A 173 59.11 -5.56 30.26
C SER A 173 57.74 -5.03 30.68
N SER A 174 57.40 -3.84 30.19
CA SER A 174 56.09 -3.25 30.43
C SER A 174 55.09 -3.79 29.43
N ALA A 175 53.88 -3.24 29.44
CA ALA A 175 52.82 -3.71 28.56
C ALA A 175 52.80 -2.94 27.24
N ALA A 176 53.22 -1.69 27.28
CA ALA A 176 53.18 -0.83 26.11
C ALA A 176 54.49 -0.88 25.31
N VAL A 177 54.44 -1.53 24.15
CA VAL A 177 55.59 -1.58 23.25
C VAL A 177 55.52 -0.43 22.26
N ASP A 178 56.04 0.72 22.67
CA ASP A 178 55.97 1.94 21.86
C ASP A 178 57.16 2.05 20.91
N ILE A 179 56.88 1.95 19.62
CA ILE A 179 57.93 2.06 18.60
C ILE A 179 57.81 3.36 17.82
N LYS A 180 58.93 3.81 17.24
CA LYS A 180 58.95 5.03 16.44
C LYS A 180 59.30 4.72 14.99
N ALA A 181 59.16 5.74 14.13
CA ALA A 181 59.38 5.57 12.69
C ALA A 181 60.83 5.19 12.36
N SER A 182 61.74 5.45 13.30
CA SER A 182 63.14 5.11 13.11
C SER A 182 63.43 3.66 13.50
N ASP A 183 62.38 2.85 13.57
CA ASP A 183 62.51 1.43 13.88
C ASP A 183 61.92 0.58 12.76
N LEU A 184 61.44 1.24 11.71
CA LEU A 184 60.80 0.55 10.59
C LEU A 184 61.77 0.41 9.41
N PRO A 185 61.80 -0.79 8.81
CA PRO A 185 62.60 -1.06 7.62
C PRO A 185 62.26 -0.10 6.49
N GLN A 186 63.27 0.60 5.98
CA GLN A 186 63.04 1.66 5.00
C GLN A 186 63.32 1.20 3.57
N SER A 187 64.24 0.25 3.42
CA SER A 187 64.65 -0.21 2.10
C SER A 187 64.44 -1.71 1.92
N GLY A 188 65.28 -2.49 2.59
CA GLY A 188 65.24 -3.93 2.48
C GLY A 188 66.45 -4.53 3.18
N ASP A 189 67.53 -3.76 3.23
CA ASP A 189 68.73 -4.16 3.95
C ASP A 189 68.55 -3.92 5.45
N GLN A 190 67.47 -3.23 5.80
CA GLN A 190 67.14 -2.96 7.20
C GLN A 190 66.15 -4.00 7.72
N VAL A 191 65.66 -4.84 6.82
CA VAL A 191 64.74 -5.91 7.18
C VAL A 191 65.48 -7.01 7.95
N ASN A 192 65.07 -7.25 9.19
CA ASN A 192 65.69 -8.28 10.02
C ASN A 192 65.40 -9.67 9.49
N LYS A 193 66.42 -10.34 8.97
CA LYS A 193 66.25 -11.65 8.34
C LYS A 193 65.86 -12.74 9.34
N ASP A 194 66.25 -12.57 10.59
CA ASP A 194 65.89 -13.54 11.63
C ASP A 194 64.39 -13.47 11.93
N ILE A 195 63.84 -12.26 11.86
CA ILE A 195 62.42 -12.04 12.10
C ILE A 195 61.61 -12.48 10.89
N THR A 196 62.14 -12.22 9.70
CA THR A 196 61.50 -12.63 8.45
C THR A 196 61.48 -14.16 8.36
N GLN A 197 62.42 -14.80 9.05
CA GLN A 197 62.47 -16.26 9.12
C GLN A 197 61.30 -16.80 9.93
N LYS A 198 61.03 -16.18 11.07
CA LYS A 198 59.95 -16.59 11.96
C LYS A 198 58.59 -16.47 11.28
N TYR A 199 58.39 -15.35 10.58
CA TYR A 199 57.14 -15.08 9.88
C TYR A 199 56.88 -16.12 8.80
N ARG A 200 57.95 -16.51 8.10
CA ARG A 200 57.83 -17.48 7.01
C ARG A 200 57.41 -18.85 7.56
N THR A 201 57.89 -19.17 8.75
CA THR A 201 57.54 -20.43 9.41
C THR A 201 56.03 -20.50 9.65
N ILE A 202 55.47 -19.38 10.10
CA ILE A 202 54.03 -19.30 10.35
C ILE A 202 53.23 -19.28 9.05
N LEU A 203 53.71 -18.50 8.08
CA LEU A 203 53.04 -18.40 6.78
C LEU A 203 52.96 -19.74 6.06
N ASP A 204 53.99 -20.56 6.23
CA ASP A 204 54.03 -21.87 5.61
C ASP A 204 53.03 -22.84 6.25
N SER A 205 52.60 -22.51 7.47
CA SER A 205 51.65 -23.36 8.18
C SER A 205 50.21 -22.89 7.96
N THR A 206 50.03 -21.84 7.16
CA THR A 206 48.71 -21.30 6.90
C THR A 206 48.18 -21.73 5.53
N VAL A 207 46.93 -22.16 5.51
CA VAL A 207 46.29 -22.55 4.27
C VAL A 207 45.79 -21.32 3.53
N VAL A 208 45.99 -21.28 2.21
CA VAL A 208 45.49 -20.18 1.41
C VAL A 208 43.97 -20.24 1.36
N ALA A 209 43.33 -19.67 2.37
CA ALA A 209 41.88 -19.67 2.48
C ALA A 209 41.40 -18.45 3.25
N SER A 210 40.36 -17.80 2.74
CA SER A 210 39.81 -16.61 3.36
C SER A 210 38.93 -16.96 4.56
N GLN A 211 38.54 -15.94 5.32
CA GLN A 211 37.67 -16.12 6.48
C GLN A 211 36.30 -16.62 6.05
N ARG A 212 35.81 -16.09 4.94
CA ARG A 212 34.50 -16.47 4.40
C ARG A 212 34.45 -17.96 4.05
N GLU A 213 35.54 -18.47 3.48
CA GLU A 213 35.61 -19.89 3.13
C GLU A 213 35.61 -20.76 4.38
N TYR A 214 36.29 -20.29 5.42
CA TYR A 214 36.37 -21.03 6.68
C TYR A 214 35.02 -21.10 7.39
N ILE A 215 34.35 -19.96 7.47
CA ILE A 215 33.04 -19.87 8.12
C ILE A 215 32.01 -20.77 7.44
N ASN A 216 32.00 -20.73 6.10
CA ASN A 216 31.11 -21.57 5.32
C ASN A 216 31.34 -23.06 5.56
N SER A 217 32.61 -23.43 5.69
CA SER A 217 32.97 -24.83 5.91
C SER A 217 32.54 -25.31 7.29
N VAL A 218 32.72 -24.47 8.30
CA VAL A 218 32.32 -24.80 9.66
C VAL A 218 30.79 -24.94 9.76
N LYS A 219 30.08 -24.05 9.08
CA LYS A 219 28.63 -24.10 9.04
C LYS A 219 28.14 -25.41 8.39
N GLN A 220 28.81 -25.81 7.32
CA GLN A 220 28.41 -26.99 6.56
C GLN A 220 28.90 -28.29 7.20
N GLY A 221 29.47 -28.19 8.39
CA GLY A 221 29.87 -29.36 9.16
C GLY A 221 31.18 -30.01 8.72
N LYS A 222 31.81 -29.41 7.72
CA LYS A 222 33.09 -29.93 7.22
C LYS A 222 34.19 -28.87 7.27
N PRO A 223 34.79 -28.68 8.46
CA PRO A 223 35.86 -27.69 8.65
C PRO A 223 37.08 -28.01 7.80
N ILE A 224 37.63 -27.00 7.14
CA ILE A 224 38.83 -27.18 6.32
C ILE A 224 40.07 -27.29 7.19
N SER A 225 39.92 -26.92 8.46
CA SER A 225 41.01 -27.01 9.42
C SER A 225 40.48 -26.96 10.84
N ASN A 226 41.25 -27.50 11.78
CA ASN A 226 40.89 -27.49 13.19
C ASN A 226 41.49 -26.29 13.91
N TYR A 227 42.25 -25.48 13.17
CA TYR A 227 42.91 -24.31 13.74
C TYR A 227 42.52 -23.05 12.98
N TYR A 228 42.23 -21.99 13.72
CA TYR A 228 41.86 -20.71 13.13
C TYR A 228 42.39 -19.55 13.98
N VAL A 229 43.00 -18.57 13.32
CA VAL A 229 43.47 -17.38 14.01
C VAL A 229 42.85 -16.13 13.42
N GLY A 230 42.30 -15.28 14.28
CA GLY A 230 41.66 -14.04 13.85
C GLY A 230 41.00 -13.34 15.01
N TYR A 231 40.37 -12.19 14.74
CA TYR A 231 39.68 -11.45 15.77
C TYR A 231 38.43 -12.21 16.20
N SER A 232 38.00 -11.98 17.44
CA SER A 232 36.80 -12.64 17.95
C SER A 232 35.55 -12.20 17.19
N GLU A 233 35.58 -10.99 16.67
CA GLU A 233 34.45 -10.45 15.91
C GLU A 233 34.24 -11.22 14.60
N SER A 234 35.29 -11.89 14.14
CA SER A 234 35.22 -12.66 12.90
C SER A 234 34.62 -14.04 13.13
N MET A 235 34.33 -14.36 14.38
CA MET A 235 33.80 -15.67 14.73
C MET A 235 32.31 -15.60 15.06
N CYS A 236 31.72 -14.41 14.89
CA CYS A 236 30.34 -14.18 15.29
C CYS A 236 29.32 -15.00 14.49
N GLU A 237 29.67 -15.32 13.25
CA GLU A 237 28.76 -16.04 12.37
C GLU A 237 28.70 -17.53 12.69
N ILE A 238 29.47 -17.97 13.67
CA ILE A 238 29.45 -19.36 14.12
C ILE A 238 29.50 -19.45 15.65
N LYS A 239 28.96 -18.43 16.32
CA LYS A 239 29.01 -18.38 17.77
C LYS A 239 28.15 -19.47 18.41
N ASP A 240 27.21 -20.01 17.64
CA ASP A 240 26.36 -21.10 18.10
C ASP A 240 27.11 -22.42 18.06
N ILE A 241 27.80 -22.66 16.95
CA ILE A 241 28.59 -23.88 16.78
C ILE A 241 29.76 -23.92 17.76
N ILE A 242 30.32 -22.76 18.05
CA ILE A 242 31.40 -22.64 19.03
C ILE A 242 30.92 -23.07 20.41
N ARG A 243 29.72 -22.63 20.78
CA ARG A 243 29.14 -22.97 22.08
C ARG A 243 28.70 -24.43 22.13
N ASP A 244 28.05 -24.90 21.08
CA ASP A 244 27.51 -26.26 21.05
C ASP A 244 28.59 -27.33 20.92
N GLN A 245 29.39 -27.25 19.87
CA GLN A 245 30.41 -28.27 19.61
C GLN A 245 31.66 -28.09 20.47
N GLN A 246 31.59 -27.15 21.41
CA GLN A 246 32.69 -26.87 22.34
C GLN A 246 34.01 -26.53 21.65
N TYR A 247 34.05 -25.39 20.98
CA TYR A 247 35.29 -24.86 20.42
C TYR A 247 36.05 -24.10 21.50
N ASN A 248 37.38 -24.22 21.47
CA ASN A 248 38.21 -23.52 22.44
C ASN A 248 38.90 -22.29 21.86
N VAL A 249 39.02 -21.25 22.68
CA VAL A 249 39.66 -20.01 22.27
C VAL A 249 40.65 -19.54 23.34
N GLN A 250 41.85 -19.16 22.91
CA GLN A 250 42.90 -18.78 23.85
C GLN A 250 43.75 -17.62 23.35
N LEU A 251 44.49 -17.01 24.27
CA LEU A 251 45.45 -15.97 23.94
C LEU A 251 46.77 -16.60 23.51
N ILE A 252 47.11 -16.45 22.24
CA ILE A 252 48.39 -16.93 21.74
C ILE A 252 49.19 -15.81 21.10
N GLY A 253 50.43 -15.64 21.56
CA GLY A 253 51.33 -14.70 20.93
C GLY A 253 51.88 -15.33 19.67
N THR A 254 52.22 -14.50 18.70
CA THR A 254 52.87 -15.00 17.48
C THR A 254 54.23 -15.58 17.85
N SER A 255 54.79 -15.06 18.94
CA SER A 255 56.01 -15.60 19.55
C SER A 255 56.09 -15.12 20.98
N ASP A 256 56.17 -16.06 21.91
CA ASP A 256 56.30 -15.75 23.33
C ASP A 256 55.14 -14.91 23.86
N LYS A 257 55.31 -13.59 23.87
CA LYS A 257 54.32 -12.69 24.46
C LYS A 257 53.07 -12.52 23.58
N PRO A 258 51.89 -12.58 24.21
CA PRO A 258 50.60 -12.35 23.54
C PRO A 258 50.31 -10.86 23.35
N TYR A 259 49.82 -10.49 22.19
CA TYR A 259 49.49 -9.11 21.89
C TYR A 259 47.99 -8.91 21.70
N VAL A 260 47.48 -7.80 22.24
CA VAL A 260 46.07 -7.45 22.07
C VAL A 260 45.92 -6.02 21.55
N TYR A 261 44.77 -5.73 20.96
CA TYR A 261 44.44 -4.39 20.51
C TYR A 261 43.32 -3.83 21.40
N THR A 262 43.38 -2.53 21.68
CA THR A 262 42.33 -1.89 22.46
C THR A 262 41.82 -0.62 21.78
N ASP A 263 40.52 -0.55 21.59
CA ASP A 263 39.89 0.67 21.07
C ASP A 263 39.53 1.58 22.24
N VAL A 264 39.90 2.86 22.12
CA VAL A 264 39.76 3.79 23.24
C VAL A 264 38.92 5.01 22.90
N LEU A 265 37.91 5.28 23.72
CA LEU A 265 37.10 6.49 23.60
C LEU A 265 37.84 7.67 24.24
N ALA A 266 38.08 8.70 23.44
CA ALA A 266 38.77 9.88 23.93
C ALA A 266 38.05 11.16 23.49
N LEU A 267 38.29 12.24 24.21
CA LEU A 267 37.66 13.53 23.88
C LEU A 267 38.69 14.53 23.37
N ASN A 268 38.24 15.42 22.49
CA ASN A 268 39.10 16.46 21.95
C ASN A 268 39.58 17.40 23.06
N SER A 269 40.81 17.89 22.92
CA SER A 269 41.39 18.75 23.94
C SER A 269 40.81 20.16 23.90
N ASN A 270 40.18 20.52 22.78
CA ASN A 270 39.61 21.85 22.64
C ASN A 270 38.21 21.98 23.22
N LEU A 271 37.78 20.95 23.95
CA LEU A 271 36.47 20.97 24.60
C LEU A 271 36.43 22.04 25.70
N CYS A 272 35.22 22.50 26.02
CA CYS A 272 35.03 23.48 27.08
C CYS A 272 35.14 22.82 28.44
N ASP A 273 34.13 23.05 29.27
CA ASP A 273 34.08 22.45 30.60
C ASP A 273 32.72 21.81 30.83
N GLU A 274 31.74 22.27 30.06
CA GLU A 274 30.38 21.73 30.12
C GLU A 274 30.25 20.54 29.17
N LYS A 275 30.74 20.71 27.95
CA LYS A 275 30.78 19.62 26.97
C LYS A 275 31.58 18.45 27.51
N GLN A 276 32.62 18.78 28.27
CA GLN A 276 33.46 17.80 28.93
C GLN A 276 32.63 16.87 29.83
N LYS A 277 31.59 17.40 30.46
CA LYS A 277 30.71 16.60 31.32
C LYS A 277 29.68 15.79 30.52
N VAL A 278 29.18 16.36 29.43
CA VAL A 278 28.19 15.68 28.61
C VAL A 278 28.82 14.48 27.90
N ALA A 279 30.06 14.65 27.46
CA ALA A 279 30.79 13.59 26.77
C ALA A 279 30.95 12.35 27.65
N VAL A 280 31.27 12.56 28.93
CA VAL A 280 31.42 11.46 29.88
C VAL A 280 30.12 10.67 30.05
N GLU A 281 28.99 11.36 29.97
CA GLU A 281 27.69 10.70 30.06
C GLU A 281 27.46 9.81 28.85
N VAL A 282 27.75 10.34 27.66
CA VAL A 282 27.59 9.58 26.43
C VAL A 282 28.48 8.34 26.45
N ILE A 283 29.72 8.54 26.92
CA ILE A 283 30.69 7.47 27.03
C ILE A 283 30.29 6.44 28.08
N LYS A 284 29.79 6.92 29.22
CA LYS A 284 29.34 6.04 30.29
C LYS A 284 28.21 5.15 29.81
N ASN A 285 27.39 5.69 28.91
CA ASN A 285 26.32 4.91 28.30
C ASN A 285 26.88 3.83 27.37
N LEU A 286 27.81 4.24 26.49
CA LEU A 286 28.41 3.33 25.54
C LEU A 286 29.11 2.13 26.18
N LEU A 287 29.56 2.31 27.42
CA LEU A 287 30.36 1.29 28.08
C LEU A 287 29.61 0.49 29.15
N THR A 288 28.49 1.03 29.63
CA THR A 288 27.77 0.40 30.74
C THR A 288 26.34 -0.03 30.40
N ASN A 289 25.79 0.48 29.31
CA ASN A 289 24.44 0.12 28.89
C ASN A 289 24.35 -1.36 28.57
N THR A 290 23.50 -2.06 29.32
CA THR A 290 23.38 -3.52 29.18
C THR A 290 22.86 -3.93 27.81
N LEU A 291 22.07 -3.08 27.18
CA LEU A 291 21.54 -3.38 25.85
C LEU A 291 22.65 -3.30 24.79
N VAL A 292 23.53 -2.32 24.95
CA VAL A 292 24.67 -2.19 24.05
C VAL A 292 25.63 -3.35 24.26
N LEU A 293 25.86 -3.70 25.53
CA LEU A 293 26.72 -4.83 25.86
C LEU A 293 26.17 -6.14 25.31
N ASP A 294 24.86 -6.33 25.43
CA ASP A 294 24.21 -7.55 24.92
C ASP A 294 24.31 -7.63 23.41
N LEU A 295 24.19 -6.49 22.74
CA LEU A 295 24.32 -6.44 21.29
C LEU A 295 25.75 -6.72 20.86
N LEU A 296 26.71 -6.25 21.64
CA LEU A 296 28.12 -6.54 21.40
C LEU A 296 28.38 -8.03 21.51
N GLY A 297 27.65 -8.68 22.43
CA GLY A 297 27.78 -10.11 22.63
C GLY A 297 27.31 -10.92 21.44
N LEU A 298 26.39 -10.35 20.67
CA LEU A 298 25.87 -11.04 19.49
C LEU A 298 26.90 -11.07 18.37
N GLY A 299 27.82 -10.12 18.40
CA GLY A 299 28.87 -10.05 17.39
C GLY A 299 30.21 -10.50 17.92
N LEU A 300 30.20 -11.09 19.11
CA LEU A 300 31.41 -11.56 19.78
C LEU A 300 32.46 -10.46 19.94
N THR A 301 31.99 -9.23 20.09
CA THR A 301 32.88 -8.10 20.34
C THR A 301 33.16 -8.03 21.83
N LEU A 302 34.42 -7.78 22.19
CA LEU A 302 34.82 -7.79 23.59
C LEU A 302 34.88 -6.38 24.17
N PRO A 303 34.16 -6.16 25.28
CA PRO A 303 34.30 -4.91 26.04
C PRO A 303 35.68 -4.84 26.66
N ALA A 304 36.14 -3.64 27.00
CA ALA A 304 37.49 -3.45 27.52
C ALA A 304 37.54 -3.53 29.04
N ASN A 305 36.43 -3.26 29.70
CA ASN A 305 36.36 -3.28 31.15
C ASN A 305 35.97 -4.64 31.70
N LYS A 306 36.39 -4.93 32.93
CA LYS A 306 36.07 -6.20 33.57
C LYS A 306 34.57 -6.35 33.78
N ASN A 307 33.90 -5.24 34.10
CA ASN A 307 32.45 -5.24 34.28
C ASN A 307 31.73 -5.67 33.00
N GLY A 308 32.20 -5.16 31.87
CA GLY A 308 31.63 -5.50 30.58
C GLY A 308 31.86 -6.94 30.21
N ILE A 309 33.08 -7.43 30.49
CA ILE A 309 33.42 -8.82 30.22
C ILE A 309 32.63 -9.75 31.13
N ALA A 310 32.52 -9.38 32.40
CA ALA A 310 31.77 -10.17 33.37
C ALA A 310 30.30 -10.30 32.97
N HIS A 311 29.74 -9.19 32.50
CA HIS A 311 28.33 -9.15 32.09
C HIS A 311 28.02 -10.14 30.97
N LEU A 312 28.96 -10.29 30.05
CA LEU A 312 28.76 -11.17 28.90
C LEU A 312 29.21 -12.60 29.18
N ALA A 313 29.99 -12.77 30.25
CA ALA A 313 30.49 -14.09 30.63
C ALA A 313 29.45 -14.87 31.40
N LYS A 314 28.42 -14.18 31.90
CA LYS A 314 27.38 -14.81 32.71
C LYS A 314 26.47 -15.73 31.90
N SER A 315 26.51 -15.60 30.58
CA SER A 315 25.64 -16.40 29.72
C SER A 315 26.34 -16.87 28.44
N SER A 316 27.66 -16.74 28.41
CA SER A 316 28.43 -17.18 27.25
C SER A 316 29.72 -17.89 27.67
N ASN A 317 29.88 -19.12 27.21
CA ASN A 317 31.08 -19.90 27.49
C ASN A 317 32.29 -19.33 26.77
N PHE A 318 32.06 -18.76 25.59
CA PHE A 318 33.11 -18.11 24.81
C PHE A 318 33.74 -16.97 25.59
N TYR A 319 32.90 -16.07 26.10
CA TYR A 319 33.38 -14.93 26.89
C TYR A 319 34.01 -15.39 28.20
N ALA A 320 33.60 -16.55 28.67
CA ALA A 320 34.10 -17.10 29.93
C ALA A 320 35.57 -17.46 29.83
N GLN A 321 35.94 -18.10 28.73
CA GLN A 321 37.32 -18.53 28.51
C GLN A 321 38.27 -17.33 28.40
N LEU A 322 37.80 -16.28 27.72
CA LEU A 322 38.61 -15.08 27.52
C LEU A 322 38.80 -14.32 28.82
N SER A 323 37.82 -14.39 29.71
CA SER A 323 37.92 -13.75 31.02
C SER A 323 39.00 -14.43 31.85
N GLN A 324 39.01 -15.76 31.81
CA GLN A 324 40.03 -16.53 32.50
C GLN A 324 41.39 -16.29 31.86
N GLN A 325 41.39 -16.12 30.54
CA GLN A 325 42.61 -15.93 29.77
C GLN A 325 43.26 -14.59 30.11
N PHE A 326 42.45 -13.53 30.13
CA PHE A 326 42.96 -12.18 30.40
C PHE A 326 43.46 -12.03 31.83
N ASP A 327 42.92 -12.83 32.74
CA ASP A 327 43.31 -12.77 34.15
C ASP A 327 44.58 -13.56 34.43
N ALA A 328 44.72 -14.71 33.77
CA ALA A 328 45.87 -15.58 33.96
C ALA A 328 47.13 -14.97 33.38
N LYS A 329 46.99 -14.32 32.22
CA LYS A 329 48.13 -13.74 31.52
C LYS A 329 48.10 -12.22 31.57
N GLU A 330 47.58 -11.68 32.68
CA GLU A 330 47.40 -10.24 32.83
C GLU A 330 48.71 -9.47 32.75
N SER A 331 49.82 -10.12 33.10
CA SER A 331 51.12 -9.48 33.11
C SER A 331 51.91 -9.74 31.82
N GLU A 332 51.51 -10.77 31.09
CA GLU A 332 52.25 -11.17 29.90
C GLU A 332 51.73 -10.52 28.62
N VAL A 333 50.55 -9.94 28.69
CA VAL A 333 49.92 -9.32 27.52
C VAL A 333 50.63 -8.02 27.11
N ARG A 334 50.92 -7.90 25.82
CA ARG A 334 51.59 -6.71 25.30
C ARG A 334 50.69 -5.93 24.35
N VAL A 335 50.95 -4.64 24.21
CA VAL A 335 50.18 -3.79 23.31
C VAL A 335 51.11 -2.94 22.43
N LEU A 336 51.06 -3.17 21.12
CA LEU A 336 51.91 -2.45 20.19
C LEU A 336 51.33 -1.06 19.88
N ARG A 337 52.14 -0.03 20.10
CA ARG A 337 51.71 1.34 19.84
C ARG A 337 52.77 2.13 19.07
N CYS A 338 52.34 3.20 18.41
CA CYS A 338 53.24 4.02 17.59
C CYS A 338 53.46 5.40 18.21
N VAL A 339 54.71 5.82 18.27
CA VAL A 339 55.07 7.09 18.91
C VAL A 339 54.92 8.30 18.00
N ASP A 340 55.52 8.24 16.81
CA ASP A 340 55.54 9.39 15.92
C ASP A 340 55.07 9.09 14.50
N PHE A 341 54.21 8.10 14.35
CA PHE A 341 53.69 7.75 13.02
C PHE A 341 52.34 7.06 13.08
N ALA A 342 51.68 6.96 11.93
CA ALA A 342 50.37 6.34 11.86
C ALA A 342 50.22 5.42 10.65
N ASN A 343 49.12 5.60 9.91
CA ASN A 343 48.74 4.67 8.85
C ASN A 343 49.66 4.64 7.63
N LYS A 344 50.18 5.80 7.24
CA LYS A 344 51.05 5.90 6.07
C LYS A 344 52.32 5.07 6.24
N GLU A 345 52.93 5.17 7.41
CA GLU A 345 54.16 4.44 7.68
C GLU A 345 53.92 2.95 7.84
N VAL A 346 52.77 2.59 8.41
CA VAL A 346 52.41 1.19 8.58
C VAL A 346 52.25 0.49 7.23
N LYS A 347 51.58 1.16 6.30
CA LYS A 347 51.39 0.62 4.95
C LYS A 347 52.72 0.57 4.19
N ASN A 348 53.55 1.58 4.37
CA ASN A 348 54.85 1.64 3.72
C ASN A 348 55.80 0.57 4.24
N CYS A 349 55.78 0.36 5.55
CA CYS A 349 56.62 -0.66 6.17
C CYS A 349 56.19 -2.04 5.70
N ALA A 350 54.88 -2.24 5.58
CA ALA A 350 54.33 -3.50 5.11
C ALA A 350 54.76 -3.77 3.68
N GLY A 351 54.81 -2.72 2.88
CA GLY A 351 55.21 -2.82 1.49
C GLY A 351 56.66 -3.25 1.33
N VAL A 352 57.49 -2.83 2.28
CA VAL A 352 58.90 -3.19 2.28
C VAL A 352 59.09 -4.65 2.68
N LEU A 353 58.33 -5.07 3.69
CA LEU A 353 58.47 -6.40 4.28
C LEU A 353 57.97 -7.52 3.37
N ARG A 354 56.88 -7.28 2.66
CA ARG A 354 56.21 -8.32 1.86
C ARG A 354 57.09 -9.15 0.91
N PRO A 355 58.00 -8.51 0.14
CA PRO A 355 58.84 -9.32 -0.73
C PRO A 355 59.73 -10.30 0.04
N PHE A 356 60.03 -9.98 1.30
CA PHE A 356 60.87 -10.83 2.12
C PHE A 356 60.06 -11.85 2.91
N LEU A 357 58.82 -12.06 2.49
CA LEU A 357 57.93 -13.00 3.17
C LEU A 357 57.42 -14.07 2.22
N PRO B 6 28.33 30.35 10.85
CA PRO B 6 26.97 29.83 10.67
C PRO B 6 26.70 29.53 9.20
N LYS B 7 27.10 30.45 8.33
CA LYS B 7 26.95 30.28 6.90
C LYS B 7 28.21 29.67 6.33
N THR B 8 28.58 28.50 6.85
CA THR B 8 29.84 27.87 6.51
C THR B 8 29.70 26.81 5.41
N LEU B 9 30.69 26.77 4.53
CA LEU B 9 30.74 25.75 3.49
C LEU B 9 31.88 24.78 3.76
N THR B 10 31.57 23.49 3.80
CA THR B 10 32.57 22.48 4.07
C THR B 10 33.19 21.94 2.78
N VAL B 11 34.51 22.07 2.66
CA VAL B 11 35.24 21.60 1.49
C VAL B 11 36.18 20.45 1.82
N GLY B 12 35.92 19.28 1.26
CA GLY B 12 36.78 18.12 1.47
C GLY B 12 37.79 17.96 0.36
N LEU B 13 39.04 18.31 0.66
CA LEU B 13 40.11 18.28 -0.34
C LEU B 13 40.71 16.89 -0.52
N PHE B 14 41.28 16.65 -1.70
CA PHE B 14 42.03 15.43 -1.96
C PHE B 14 43.40 15.55 -1.31
N PRO B 15 43.66 14.74 -0.27
CA PRO B 15 44.83 14.90 0.59
C PRO B 15 46.09 14.17 0.10
N TYR B 16 45.98 13.39 -0.97
CA TYR B 16 47.10 12.58 -1.42
C TYR B 16 47.99 13.32 -2.43
N LEU B 17 48.61 14.39 -1.97
CA LEU B 17 49.51 15.19 -2.79
C LEU B 17 50.95 14.89 -2.37
N PRO B 18 51.92 15.12 -3.29
CA PRO B 18 53.32 14.74 -3.06
C PRO B 18 53.93 15.37 -1.82
N SER B 19 55.03 14.78 -1.35
CA SER B 19 55.71 15.25 -0.15
C SER B 19 57.22 15.33 -0.36
N TRP B 20 57.85 16.33 0.26
CA TRP B 20 59.30 16.44 0.25
C TRP B 20 59.84 16.05 1.62
N ASN B 21 61.00 15.40 1.63
CA ASN B 21 61.61 15.00 2.90
C ASN B 21 63.13 14.92 2.82
N GLU B 22 63.79 15.57 3.76
CA GLU B 22 65.25 15.49 3.89
C GLU B 22 65.60 15.33 5.37
N ASN B 23 65.47 14.09 5.84
CA ASN B 23 65.73 13.74 7.25
C ASN B 23 64.79 14.41 8.24
N GLY B 24 63.76 13.68 8.67
CA GLY B 24 62.86 14.14 9.71
C GLY B 24 61.82 15.16 9.28
N ASN B 25 62.24 16.13 8.47
CA ASN B 25 61.35 17.20 8.04
C ASN B 25 60.57 16.87 6.78
N GLU B 26 59.30 16.52 6.94
CA GLU B 26 58.44 16.23 5.80
C GLU B 26 57.58 17.43 5.45
N VAL B 27 57.55 17.78 4.17
CA VAL B 27 56.76 18.91 3.70
C VAL B 27 55.60 18.43 2.83
N LYS B 28 54.39 18.48 3.37
CA LYS B 28 53.20 18.05 2.65
C LYS B 28 52.67 19.18 1.78
N LEU B 29 52.60 18.94 0.47
CA LEU B 29 52.16 19.95 -0.49
C LEU B 29 50.72 20.40 -0.24
N ILE B 30 49.91 19.50 0.30
CA ILE B 30 48.52 19.81 0.62
C ILE B 30 48.43 20.91 1.67
N ASN B 31 49.43 20.99 2.55
CA ASN B 31 49.46 22.02 3.58
C ASN B 31 49.74 23.40 3.01
N LEU B 32 50.62 23.46 2.01
CA LEU B 32 50.94 24.73 1.36
C LEU B 32 49.74 25.28 0.60
N ILE B 33 48.95 24.38 0.00
CA ILE B 33 47.79 24.77 -0.77
C ILE B 33 46.66 25.27 0.13
N LYS B 34 46.50 24.64 1.30
CA LYS B 34 45.49 25.07 2.27
C LYS B 34 45.77 26.49 2.77
N ASP B 35 47.04 26.86 2.81
CA ASP B 35 47.44 28.18 3.28
C ASP B 35 47.13 29.26 2.25
N VAL B 36 46.79 28.85 1.04
CA VAL B 36 46.50 29.78 -0.04
C VAL B 36 44.99 29.95 -0.24
N LEU B 37 44.25 28.88 0.00
CA LEU B 37 42.80 28.87 -0.21
C LEU B 37 42.07 29.87 0.68
N PRO B 38 41.13 30.62 0.10
CA PRO B 38 40.34 31.66 0.78
C PRO B 38 39.33 31.08 1.77
N THR B 39 39.38 31.54 3.02
CA THR B 39 38.47 31.06 4.05
C THR B 39 37.23 31.93 4.18
N GLN B 40 37.12 32.94 3.31
CA GLN B 40 35.98 33.85 3.31
C GLN B 40 35.56 34.18 1.89
N VAL B 41 34.49 33.55 1.42
CA VAL B 41 34.00 33.78 0.06
C VAL B 41 32.49 34.01 0.01
N SER B 42 32.09 35.15 -0.56
CA SER B 42 30.68 35.49 -0.75
C SER B 42 29.87 35.46 0.54
N GLY B 43 30.47 35.90 1.64
CA GLY B 43 29.80 35.93 2.92
C GLY B 43 29.83 34.59 3.63
N TYR B 44 30.38 33.59 2.96
CA TYR B 44 30.44 32.24 3.51
C TYR B 44 31.82 31.94 4.12
N ASN B 45 31.83 31.39 5.32
CA ASN B 45 33.08 31.01 5.98
C ASN B 45 33.50 29.60 5.58
N ILE B 46 34.41 29.52 4.62
CA ILE B 46 34.81 28.23 4.04
C ILE B 46 35.71 27.42 4.98
N GLU B 47 35.36 26.15 5.16
CA GLU B 47 36.15 25.24 5.99
C GLU B 47 36.78 24.14 5.14
N TYR B 48 38.08 24.27 4.87
CA TYR B 48 38.80 23.28 4.10
C TYR B 48 39.31 22.16 5.01
N THR B 49 39.02 20.92 4.63
CA THR B 49 39.47 19.76 5.40
C THR B 49 39.91 18.63 4.48
N GLU B 50 40.71 17.71 5.01
CA GLU B 50 41.19 16.58 4.22
C GLU B 50 40.15 15.48 4.13
N PHE B 51 39.81 15.09 2.91
CA PHE B 51 38.77 14.08 2.68
C PHE B 51 39.36 12.82 2.07
N ASP B 52 39.43 11.76 2.88
CA ASP B 52 40.00 10.50 2.43
C ASP B 52 38.96 9.64 1.72
N CYS B 53 38.93 9.74 0.39
CA CYS B 53 37.98 8.96 -0.41
C CYS B 53 38.34 7.48 -0.41
N TYR B 54 39.54 7.16 0.07
CA TYR B 54 39.98 5.78 0.19
C TYR B 54 39.61 5.21 1.56
N SER B 55 38.51 5.70 2.10
CA SER B 55 37.96 5.22 3.37
C SER B 55 36.45 5.17 3.25
N ASP B 56 35.89 3.97 3.42
CA ASP B 56 34.45 3.77 3.27
C ASP B 56 33.66 4.56 4.31
N ALA B 57 34.26 4.77 5.47
CA ALA B 57 33.63 5.55 6.53
C ALA B 57 33.45 7.00 6.10
N SER B 58 34.42 7.51 5.34
CA SER B 58 34.39 8.89 4.87
C SER B 58 33.44 9.06 3.69
N LEU B 59 33.36 8.03 2.84
CA LEU B 59 32.46 8.06 1.69
C LEU B 59 31.01 8.01 2.12
N GLN B 60 30.77 7.54 3.34
CA GLN B 60 29.42 7.47 3.89
C GLN B 60 28.89 8.85 4.27
N SER B 61 29.76 9.66 4.87
CA SER B 61 29.38 11.01 5.28
C SER B 61 30.10 12.07 4.45
N LEU B 62 29.48 12.48 3.36
CA LEU B 62 30.05 13.49 2.46
C LEU B 62 29.79 14.89 2.98
N PRO B 63 30.76 15.80 2.78
CA PRO B 63 30.56 17.22 3.13
C PRO B 63 29.86 17.96 2.00
N ASP B 64 29.81 19.28 2.07
CA ASP B 64 29.15 20.08 1.05
C ASP B 64 29.80 19.90 -0.32
N VAL B 65 31.13 19.98 -0.34
CA VAL B 65 31.89 19.75 -1.57
C VAL B 65 33.12 18.92 -1.27
N PHE B 66 33.31 17.84 -2.02
CA PHE B 66 34.39 16.90 -1.77
C PHE B 66 35.11 16.50 -3.05
N SER B 67 36.40 16.19 -2.92
CA SER B 67 37.18 15.70 -4.05
C SER B 67 37.46 14.22 -3.88
N THR B 68 36.97 13.41 -4.82
CA THR B 68 37.13 11.97 -4.75
C THR B 68 37.72 11.39 -6.03
N ASP B 69 38.36 10.25 -5.90
CA ASP B 69 38.86 9.52 -7.06
C ASP B 69 37.68 9.06 -7.89
N SER B 70 37.80 9.12 -9.21
CA SER B 70 36.71 8.75 -10.11
C SER B 70 36.43 7.25 -10.06
N ILE B 71 37.34 6.49 -9.46
CA ILE B 71 37.20 5.04 -9.35
C ILE B 71 36.01 4.67 -8.45
N PHE B 72 35.64 5.58 -7.56
CA PHE B 72 34.54 5.33 -6.64
C PHE B 72 33.35 6.25 -6.94
N LEU B 73 33.44 6.98 -8.05
CA LEU B 73 32.39 7.92 -8.43
C LEU B 73 31.03 7.27 -8.74
N PRO B 74 31.00 6.27 -9.63
CA PRO B 74 29.68 5.67 -9.94
C PRO B 74 29.05 4.99 -8.72
N TYR B 75 29.87 4.40 -7.87
CA TYR B 75 29.38 3.79 -6.63
C TYR B 75 28.81 4.84 -5.69
N LEU B 76 29.44 6.02 -5.67
CA LEU B 76 29.01 7.10 -4.80
C LEU B 76 27.76 7.77 -5.35
N VAL B 77 27.59 7.69 -6.67
CA VAL B 77 26.40 8.22 -7.33
C VAL B 77 25.19 7.35 -7.04
N SER B 78 25.40 6.03 -7.05
CA SER B 78 24.32 5.07 -6.83
C SER B 78 23.75 5.14 -5.42
N LEU B 79 24.39 5.91 -4.55
CA LEU B 79 23.91 6.11 -3.19
C LEU B 79 23.31 7.50 -3.02
N GLY B 80 22.93 8.11 -4.14
CA GLY B 80 22.48 9.49 -4.13
C GLY B 80 23.65 10.40 -3.84
N GLY B 81 23.67 10.98 -2.65
CA GLY B 81 24.81 11.73 -2.16
C GLY B 81 25.28 12.90 -3.00
N VAL B 82 25.65 12.63 -4.24
CA VAL B 82 26.20 13.66 -5.13
C VAL B 82 25.15 14.21 -6.09
N LYS B 83 25.05 15.54 -6.15
CA LYS B 83 24.13 16.20 -7.06
C LYS B 83 24.68 16.22 -8.48
N SER B 84 23.81 15.92 -9.45
CA SER B 84 24.19 15.99 -10.86
C SER B 84 24.35 17.44 -11.27
N LEU B 85 25.28 17.70 -12.20
CA LEU B 85 25.58 19.06 -12.61
C LEU B 85 25.35 19.27 -14.11
N ASP B 86 25.09 20.52 -14.48
CA ASP B 86 24.90 20.88 -15.88
C ASP B 86 26.21 20.75 -16.65
N GLU B 87 26.10 20.30 -17.90
CA GLU B 87 27.28 20.15 -18.77
C GLU B 87 27.96 21.50 -19.00
N SER B 88 27.17 22.53 -19.23
CA SER B 88 27.69 23.86 -19.51
C SER B 88 28.30 24.53 -18.28
N LEU B 89 27.76 24.22 -17.10
CA LEU B 89 28.23 24.82 -15.86
C LEU B 89 29.65 24.34 -15.52
N VAL B 90 29.98 23.13 -15.95
CA VAL B 90 31.30 22.57 -15.72
C VAL B 90 32.33 23.18 -16.66
N ARG B 91 31.95 23.29 -17.94
CA ARG B 91 32.85 23.84 -18.95
C ARG B 91 33.02 25.35 -18.77
N GLY B 92 32.11 25.98 -18.05
CA GLY B 92 32.18 27.40 -17.78
C GLY B 92 33.13 27.71 -16.64
N VAL B 93 33.80 26.67 -16.15
CA VAL B 93 34.77 26.81 -15.07
C VAL B 93 36.08 26.14 -15.45
N THR B 94 36.01 24.89 -15.90
CA THR B 94 37.19 24.13 -16.26
C THR B 94 37.66 24.43 -17.68
N GLY B 95 36.70 24.66 -18.57
CA GLY B 95 37.01 24.89 -19.97
C GLY B 95 37.13 23.58 -20.73
N ASP B 96 37.77 23.62 -21.88
CA ASP B 96 37.97 22.42 -22.68
C ASP B 96 38.84 21.40 -21.96
N LEU B 97 38.31 20.19 -21.80
CA LEU B 97 39.07 19.10 -21.21
C LEU B 97 38.96 17.83 -22.05
N HIS B 98 39.90 16.91 -21.86
CA HIS B 98 39.98 15.71 -22.68
C HIS B 98 38.75 14.81 -22.55
N SER B 99 38.57 13.92 -23.51
CA SER B 99 37.42 13.03 -23.55
C SER B 99 37.40 12.06 -22.37
N PHE B 100 38.55 11.44 -22.09
CA PHE B 100 38.65 10.48 -21.01
C PHE B 100 38.51 11.15 -19.65
N VAL B 101 38.78 12.45 -19.61
CA VAL B 101 38.65 13.22 -18.37
C VAL B 101 37.17 13.43 -18.03
N SER B 102 36.39 13.87 -19.02
CA SER B 102 34.97 14.11 -18.82
C SER B 102 34.20 12.81 -18.65
N SER B 103 34.66 11.75 -19.32
CA SER B 103 34.03 10.45 -19.24
C SER B 103 34.20 9.85 -17.84
N SER B 104 35.29 10.23 -17.18
CA SER B 104 35.57 9.75 -15.83
C SER B 104 34.76 10.52 -14.80
N ALA B 105 34.13 11.61 -15.24
CA ALA B 105 33.31 12.42 -14.35
C ALA B 105 31.83 12.29 -14.70
N SER B 106 31.51 11.34 -15.57
CA SER B 106 30.14 11.15 -16.02
C SER B 106 29.59 9.77 -15.65
N VAL B 107 28.42 9.76 -15.01
CA VAL B 107 27.74 8.53 -14.65
C VAL B 107 26.32 8.52 -15.22
N ASN B 108 25.96 7.42 -15.87
CA ASN B 108 24.62 7.25 -16.44
C ASN B 108 24.23 8.36 -17.43
N GLY B 109 25.22 8.90 -18.14
CA GLY B 109 24.98 9.94 -19.11
C GLY B 109 24.82 11.32 -18.51
N SER B 110 25.26 11.48 -17.26
CA SER B 110 25.16 12.76 -16.57
C SER B 110 26.47 13.13 -15.87
N VAL B 111 26.79 14.42 -15.87
CA VAL B 111 28.01 14.90 -15.24
C VAL B 111 27.82 15.09 -13.74
N TYR B 112 28.75 14.57 -12.95
CA TYR B 112 28.62 14.61 -11.49
C TYR B 112 29.76 15.34 -10.77
N GLY B 113 30.50 16.18 -11.49
CA GLY B 113 31.54 16.96 -10.86
C GLY B 113 32.58 17.58 -11.77
N PHE B 114 33.32 18.54 -11.23
CA PHE B 114 34.41 19.19 -11.95
C PHE B 114 35.71 18.44 -11.71
N PRO B 115 36.31 17.90 -12.78
CA PRO B 115 37.58 17.19 -12.68
C PRO B 115 38.69 18.09 -12.17
N GLN B 116 39.53 17.57 -11.27
CA GLN B 116 40.57 18.38 -10.64
C GLN B 116 41.97 17.90 -10.99
N TYR B 117 42.35 16.72 -10.47
CA TYR B 117 43.67 16.18 -10.69
C TYR B 117 43.66 15.08 -11.77
N LEU B 118 44.84 14.67 -12.18
CA LEU B 118 44.98 13.67 -13.24
C LEU B 118 46.24 12.84 -13.02
N CYS B 119 46.07 11.65 -12.45
CA CYS B 119 47.20 10.79 -12.12
C CYS B 119 47.31 9.60 -13.07
N SER B 120 48.52 9.05 -13.17
CA SER B 120 48.77 7.86 -13.97
C SER B 120 50.16 7.33 -13.67
N ASN B 121 50.34 6.02 -13.81
CA ASN B 121 51.66 5.41 -13.65
C ASN B 121 52.50 5.61 -14.91
N PHE B 122 53.12 6.78 -15.02
CA PHE B 122 53.91 7.12 -16.20
C PHE B 122 55.22 6.35 -16.24
N LEU B 123 55.85 6.34 -17.40
CA LEU B 123 57.16 5.70 -17.56
C LEU B 123 58.25 6.76 -17.70
N LEU B 124 59.04 6.92 -16.66
CA LEU B 124 60.17 7.85 -16.69
C LEU B 124 61.40 7.14 -17.20
N SER B 125 61.97 7.65 -18.28
CA SER B 125 63.13 7.01 -18.92
C SER B 125 64.33 7.95 -18.94
N SER B 126 65.42 7.50 -18.34
CA SER B 126 66.68 8.22 -18.41
C SER B 126 67.19 8.20 -19.85
N PRO B 127 67.85 9.28 -20.27
CA PRO B 127 68.37 9.49 -21.63
C PRO B 127 69.15 8.29 -22.17
N ASN B 128 69.79 7.54 -21.29
CA ASN B 128 70.44 6.29 -21.67
C ASN B 128 69.41 5.25 -22.08
N ALA B 129 68.73 5.50 -23.19
CA ALA B 129 67.62 4.67 -23.64
C ALA B 129 68.09 3.27 -24.03
N THR B 130 68.07 2.36 -23.07
CA THR B 130 68.44 0.97 -23.32
C THR B 130 67.44 0.32 -24.28
N GLN B 131 66.19 0.73 -24.17
CA GLN B 131 65.13 0.21 -25.03
C GLN B 131 63.94 1.17 -25.10
N GLN B 132 63.10 0.99 -26.12
CA GLN B 132 61.89 1.80 -26.28
C GLN B 132 60.68 0.88 -26.34
N ALA B 133 59.58 1.30 -25.72
CA ALA B 133 58.37 0.47 -25.67
C ALA B 133 57.09 1.30 -25.61
N SER B 134 55.95 0.60 -25.59
CA SER B 134 54.64 1.25 -25.54
C SER B 134 53.72 0.60 -24.50
N SER B 135 54.20 -0.47 -23.89
CA SER B 135 53.44 -1.15 -22.83
C SER B 135 54.39 -1.90 -21.89
N LEU B 136 53.96 -2.09 -20.65
CA LEU B 136 54.77 -2.76 -19.64
C LEU B 136 55.05 -4.22 -19.99
N LEU B 137 54.08 -4.88 -20.62
CA LEU B 137 54.26 -6.26 -21.06
C LEU B 137 55.33 -6.35 -22.13
N GLU B 138 55.22 -5.47 -23.12
CA GLU B 138 56.21 -5.38 -24.19
C GLU B 138 57.59 -5.03 -23.60
N LEU B 139 57.58 -4.16 -22.60
CA LEU B 139 58.81 -3.73 -21.96
C LEU B 139 59.41 -4.83 -21.08
N ALA B 140 58.56 -5.61 -20.44
CA ALA B 140 59.03 -6.68 -19.56
C ALA B 140 59.72 -7.81 -20.33
N GLN B 141 59.18 -8.14 -21.50
CA GLN B 141 59.75 -9.19 -22.34
C GLN B 141 61.11 -8.80 -22.89
N LYS B 142 61.34 -7.49 -23.01
CA LYS B 142 62.59 -6.98 -23.54
C LYS B 142 63.70 -6.92 -22.50
N VAL B 143 63.52 -6.06 -21.50
CA VAL B 143 64.55 -5.80 -20.50
C VAL B 143 64.84 -7.03 -19.63
N GLY B 144 63.94 -8.01 -19.66
CA GLY B 144 64.12 -9.25 -18.93
C GLY B 144 63.88 -9.15 -17.44
N TYR B 145 64.83 -9.64 -16.65
CA TYR B 145 64.72 -9.65 -15.19
C TYR B 145 64.75 -8.25 -14.57
N GLU B 146 64.90 -8.21 -13.25
CA GLU B 146 64.81 -6.98 -12.45
C GLU B 146 65.58 -5.79 -13.02
N GLN B 147 64.94 -5.07 -13.95
CA GLN B 147 65.54 -3.91 -14.60
C GLN B 147 64.59 -2.70 -14.60
N ILE B 148 63.45 -2.85 -13.95
CA ILE B 148 62.48 -1.76 -13.87
C ILE B 148 62.19 -1.42 -12.42
N VAL B 149 62.11 -0.14 -12.11
CA VAL B 149 61.73 0.30 -10.77
C VAL B 149 60.24 0.60 -10.70
N TYR B 150 59.51 -0.29 -10.03
CA TYR B 150 58.07 -0.14 -9.88
C TYR B 150 57.70 -0.51 -8.45
N PRO B 151 57.87 0.44 -7.51
CA PRO B 151 57.70 0.23 -6.07
C PRO B 151 56.33 -0.30 -5.68
N ASP B 152 55.27 0.25 -6.28
CA ASP B 152 53.90 -0.16 -5.97
C ASP B 152 53.65 -1.63 -6.28
N VAL B 153 54.20 -2.09 -7.40
CA VAL B 153 54.06 -3.49 -7.79
C VAL B 153 54.92 -4.39 -6.90
N ALA B 154 56.16 -3.96 -6.65
CA ALA B 154 57.08 -4.72 -5.82
C ALA B 154 56.58 -4.82 -4.38
N SER B 155 55.91 -3.77 -3.90
CA SER B 155 55.39 -3.76 -2.55
C SER B 155 54.00 -4.39 -2.48
N SER B 156 53.40 -4.61 -3.66
CA SER B 156 52.08 -5.22 -3.76
C SER B 156 51.02 -4.50 -2.94
N SER B 157 50.84 -3.22 -3.22
CA SER B 157 49.82 -2.42 -2.53
C SER B 157 48.43 -2.90 -2.91
N SER B 158 47.50 -2.81 -1.97
CA SER B 158 46.14 -3.31 -2.16
C SER B 158 45.44 -2.64 -3.35
N PHE B 159 45.81 -1.40 -3.64
CA PHE B 159 45.14 -0.61 -4.67
C PHE B 159 45.72 -0.85 -6.07
N THR B 160 47.00 -1.17 -6.14
CA THR B 160 47.66 -1.38 -7.42
C THR B 160 47.61 -2.85 -7.86
N VAL B 161 47.52 -3.76 -6.89
CA VAL B 161 47.33 -5.17 -7.19
C VAL B 161 45.95 -5.35 -7.82
N PHE B 162 44.95 -4.74 -7.18
CA PHE B 162 43.61 -4.71 -7.72
C PHE B 162 43.57 -3.95 -9.04
N GLY B 163 44.44 -2.94 -9.15
CA GLY B 163 44.49 -2.09 -10.33
C GLY B 163 44.98 -2.82 -11.57
N LEU B 164 46.17 -3.40 -11.50
CA LEU B 164 46.78 -4.05 -12.65
C LEU B 164 46.00 -5.28 -13.11
N TYR B 165 45.45 -6.03 -12.15
CA TYR B 165 44.68 -7.22 -12.47
C TYR B 165 43.47 -6.87 -13.33
N GLN B 166 42.78 -5.80 -12.98
CA GLN B 166 41.63 -5.33 -13.73
C GLN B 166 42.03 -4.69 -15.06
N GLN B 167 43.21 -4.08 -15.07
CA GLN B 167 43.72 -3.42 -16.26
C GLN B 167 44.08 -4.44 -17.34
N LEU B 168 44.76 -5.51 -16.94
CA LEU B 168 45.13 -6.59 -17.84
C LEU B 168 43.88 -7.32 -18.32
N LEU B 169 43.03 -7.71 -17.38
CA LEU B 169 41.84 -8.51 -17.67
C LEU B 169 40.83 -7.79 -18.56
N GLN B 170 40.28 -6.71 -18.03
CA GLN B 170 39.16 -6.02 -18.68
C GLN B 170 39.51 -5.41 -20.03
N SER B 171 38.47 -5.06 -20.77
CA SER B 171 38.61 -4.39 -22.05
C SER B 171 37.35 -3.57 -22.31
N SER B 172 37.49 -2.47 -23.03
CA SER B 172 36.34 -1.58 -23.25
C SER B 172 36.36 -0.92 -24.62
N SER B 173 35.21 -0.36 -25.00
CA SER B 173 35.08 0.35 -26.27
C SER B 173 35.20 1.86 -26.02
N SER B 174 34.67 2.31 -24.90
CA SER B 174 34.74 3.71 -24.52
C SER B 174 35.86 3.94 -23.51
N ALA B 175 35.95 5.17 -23.00
CA ALA B 175 37.00 5.54 -22.06
C ALA B 175 36.69 5.02 -20.65
N ALA B 176 35.41 5.00 -20.30
CA ALA B 176 34.99 4.58 -18.96
C ALA B 176 34.89 3.07 -18.84
N VAL B 177 35.73 2.50 -17.98
CA VAL B 177 35.70 1.07 -17.70
C VAL B 177 35.06 0.81 -16.35
N ASP B 178 33.75 0.59 -16.33
CA ASP B 178 33.02 0.36 -15.10
C ASP B 178 32.83 -1.12 -14.83
N ILE B 179 33.17 -1.55 -13.62
CA ILE B 179 33.04 -2.95 -13.23
C ILE B 179 32.18 -3.12 -11.99
N LYS B 180 31.50 -4.25 -11.90
CA LYS B 180 30.66 -4.56 -10.73
C LYS B 180 31.40 -5.44 -9.74
N ALA B 181 30.79 -5.62 -8.57
CA ALA B 181 31.39 -6.44 -7.52
C ALA B 181 31.31 -7.92 -7.87
N SER B 182 30.43 -8.25 -8.83
CA SER B 182 30.26 -9.63 -9.26
C SER B 182 31.25 -9.99 -10.37
N ASP B 183 32.34 -9.24 -10.45
CA ASP B 183 33.38 -9.48 -11.44
C ASP B 183 34.72 -9.74 -10.76
N LEU B 184 34.76 -9.48 -9.46
CA LEU B 184 35.98 -9.65 -8.69
C LEU B 184 36.10 -11.06 -8.15
N PRO B 185 37.34 -11.61 -8.14
CA PRO B 185 37.62 -12.92 -7.54
C PRO B 185 37.19 -12.95 -6.08
N GLN B 186 36.42 -13.96 -5.71
CA GLN B 186 35.83 -14.01 -4.37
C GLN B 186 36.50 -15.07 -3.50
N SER B 187 37.01 -16.12 -4.14
CA SER B 187 37.58 -17.25 -3.40
C SER B 187 39.07 -17.43 -3.66
N GLY B 188 39.41 -17.92 -4.85
CA GLY B 188 40.79 -18.20 -5.21
C GLY B 188 40.84 -19.04 -6.46
N ASP B 189 39.85 -19.91 -6.61
CA ASP B 189 39.68 -20.70 -7.82
C ASP B 189 38.93 -19.86 -8.86
N GLN B 190 38.56 -18.65 -8.46
CA GLN B 190 37.83 -17.73 -9.31
C GLN B 190 38.80 -16.76 -9.98
N VAL B 191 40.08 -16.90 -9.63
CA VAL B 191 41.12 -16.05 -10.19
C VAL B 191 41.46 -16.45 -11.62
N ASN B 192 41.62 -15.45 -12.50
CA ASN B 192 42.02 -15.70 -13.87
C ASN B 192 43.53 -15.87 -13.97
N LYS B 193 43.98 -17.11 -14.14
CA LYS B 193 45.41 -17.42 -14.12
C LYS B 193 46.16 -16.93 -15.35
N ASP B 194 45.44 -16.69 -16.45
CA ASP B 194 46.04 -16.12 -17.63
C ASP B 194 46.48 -14.68 -17.36
N ILE B 195 45.74 -14.01 -16.48
CA ILE B 195 46.08 -12.64 -16.07
C ILE B 195 47.13 -12.67 -14.97
N THR B 196 47.01 -13.66 -14.08
CA THR B 196 47.97 -13.81 -13.00
C THR B 196 49.36 -14.15 -13.53
N GLN B 197 49.41 -14.62 -14.78
CA GLN B 197 50.68 -14.89 -15.45
C GLN B 197 51.23 -13.62 -16.10
N LYS B 198 50.32 -12.81 -16.67
CA LYS B 198 50.70 -11.53 -17.25
C LYS B 198 51.30 -10.60 -16.18
N TYR B 199 50.60 -10.47 -15.07
CA TYR B 199 51.03 -9.64 -13.95
C TYR B 199 52.37 -10.14 -13.43
N ARG B 200 52.52 -11.46 -13.39
CA ARG B 200 53.69 -12.10 -12.82
C ARG B 200 54.95 -11.84 -13.65
N THR B 201 54.78 -11.64 -14.96
CA THR B 201 55.89 -11.35 -15.85
C THR B 201 56.44 -9.95 -15.62
N ILE B 202 55.53 -9.00 -15.41
CA ILE B 202 55.91 -7.62 -15.13
C ILE B 202 56.59 -7.54 -13.77
N LEU B 203 56.08 -8.30 -12.81
CA LEU B 203 56.63 -8.33 -11.46
C LEU B 203 58.09 -8.78 -11.46
N ASP B 204 58.40 -9.79 -12.28
CA ASP B 204 59.75 -10.30 -12.38
C ASP B 204 60.71 -9.27 -12.97
N SER B 205 60.17 -8.40 -13.82
CA SER B 205 60.98 -7.35 -14.45
C SER B 205 61.16 -6.16 -13.52
N THR B 206 60.55 -6.23 -12.34
CA THR B 206 60.59 -5.16 -11.36
C THR B 206 61.65 -5.40 -10.29
N VAL B 207 62.49 -4.40 -10.05
CA VAL B 207 63.48 -4.46 -9.00
C VAL B 207 62.82 -4.19 -7.65
N VAL B 208 63.18 -5.00 -6.65
CA VAL B 208 62.67 -4.77 -5.29
C VAL B 208 63.37 -3.57 -4.67
N ALA B 209 62.77 -2.39 -4.88
CA ALA B 209 63.34 -1.15 -4.36
C ALA B 209 62.26 -0.10 -4.15
N SER B 210 62.38 0.66 -3.06
CA SER B 210 61.40 1.69 -2.74
C SER B 210 61.61 2.94 -3.58
N GLN B 211 60.67 3.87 -3.49
CA GLN B 211 60.78 5.14 -4.18
C GLN B 211 61.98 5.93 -3.66
N ARG B 212 62.23 5.80 -2.37
CA ARG B 212 63.34 6.50 -1.71
C ARG B 212 64.68 6.10 -2.32
N GLU B 213 64.83 4.82 -2.63
CA GLU B 213 66.08 4.30 -3.17
C GLU B 213 66.32 4.75 -4.60
N TYR B 214 65.25 4.96 -5.35
CA TYR B 214 65.36 5.43 -6.72
C TYR B 214 65.60 6.93 -6.80
N ILE B 215 64.89 7.68 -5.96
CA ILE B 215 65.06 9.14 -5.93
C ILE B 215 66.46 9.52 -5.47
N ASN B 216 66.92 8.89 -4.40
CA ASN B 216 68.26 9.16 -3.89
C ASN B 216 69.37 8.74 -4.85
N SER B 217 69.06 7.77 -5.72
CA SER B 217 70.01 7.30 -6.70
C SER B 217 70.18 8.32 -7.83
N VAL B 218 69.06 8.88 -8.28
CA VAL B 218 69.07 9.89 -9.33
C VAL B 218 69.83 11.13 -8.87
N LYS B 219 69.61 11.53 -7.62
CA LYS B 219 70.29 12.69 -7.05
C LYS B 219 71.81 12.47 -6.98
N GLN B 220 72.21 11.22 -6.76
CA GLN B 220 73.63 10.89 -6.65
C GLN B 220 74.25 10.61 -8.02
N GLY B 221 73.46 10.82 -9.07
CA GLY B 221 73.96 10.67 -10.44
C GLY B 221 74.05 9.24 -10.93
N LYS B 222 73.77 8.28 -10.05
CA LYS B 222 73.81 6.87 -10.42
C LYS B 222 72.47 6.17 -10.23
N PRO B 223 71.58 6.30 -11.23
CA PRO B 223 70.27 5.63 -11.19
C PRO B 223 70.41 4.12 -11.14
N ILE B 224 69.65 3.46 -10.27
CA ILE B 224 69.70 1.99 -10.16
C ILE B 224 69.05 1.33 -11.38
N SER B 225 68.32 2.12 -12.15
CA SER B 225 67.73 1.66 -13.40
C SER B 225 67.20 2.86 -14.18
N ASN B 226 67.27 2.77 -15.52
CA ASN B 226 66.81 3.88 -16.36
C ASN B 226 65.33 3.76 -16.68
N TYR B 227 64.67 2.79 -16.04
CA TYR B 227 63.22 2.61 -16.17
C TYR B 227 62.53 2.80 -14.83
N TYR B 228 61.55 3.69 -14.79
CA TYR B 228 60.79 3.94 -13.57
C TYR B 228 59.31 4.12 -13.86
N VAL B 229 58.47 3.37 -13.15
CA VAL B 229 57.04 3.49 -13.31
C VAL B 229 56.40 3.97 -12.00
N GLY B 230 55.63 5.05 -12.09
CA GLY B 230 54.97 5.61 -10.92
C GLY B 230 54.24 6.90 -11.24
N TYR B 231 53.55 7.44 -10.24
CA TYR B 231 52.80 8.69 -10.42
C TYR B 231 53.76 9.85 -10.66
N SER B 232 53.26 10.90 -11.31
CA SER B 232 54.07 12.08 -11.59
C SER B 232 54.43 12.82 -10.31
N GLU B 233 53.59 12.66 -9.29
CA GLU B 233 53.82 13.31 -8.00
C GLU B 233 55.05 12.74 -7.29
N SER B 234 55.40 11.50 -7.62
CA SER B 234 56.53 10.84 -6.97
C SER B 234 57.86 11.32 -7.55
N MET B 235 57.80 11.97 -8.69
CA MET B 235 59.00 12.45 -9.38
C MET B 235 59.30 13.89 -9.02
N CYS B 236 58.56 14.44 -8.08
CA CYS B 236 58.66 15.85 -7.72
C CYS B 236 60.01 16.22 -7.08
N GLU B 237 60.61 15.25 -6.40
CA GLU B 237 61.87 15.51 -5.70
C GLU B 237 63.06 15.59 -6.66
N ILE B 238 62.81 15.30 -7.94
CA ILE B 238 63.86 15.38 -8.95
C ILE B 238 63.36 16.07 -10.22
N LYS B 239 62.50 17.08 -10.06
CA LYS B 239 61.93 17.79 -11.19
C LYS B 239 62.98 18.63 -11.91
N ASP B 240 64.05 18.95 -11.20
CA ASP B 240 65.13 19.76 -11.77
C ASP B 240 66.10 18.91 -12.57
N ILE B 241 66.38 17.71 -12.09
CA ILE B 241 67.27 16.78 -12.78
C ILE B 241 66.62 16.25 -14.05
N ILE B 242 65.32 15.98 -13.97
CA ILE B 242 64.55 15.50 -15.13
C ILE B 242 64.64 16.48 -16.30
N ARG B 243 64.48 17.76 -16.00
CA ARG B 243 64.54 18.80 -17.03
C ARG B 243 65.95 19.01 -17.56
N ASP B 244 66.90 19.17 -16.65
CA ASP B 244 68.29 19.46 -17.02
C ASP B 244 68.95 18.32 -17.78
N GLN B 245 68.78 17.10 -17.29
CA GLN B 245 69.40 15.94 -17.91
C GLN B 245 68.54 15.34 -19.02
N GLN B 246 67.34 15.91 -19.20
CA GLN B 246 66.41 15.48 -20.24
C GLN B 246 65.85 14.07 -20.07
N TYR B 247 65.18 13.83 -18.96
CA TYR B 247 64.44 12.58 -18.76
C TYR B 247 63.13 12.65 -19.54
N ASN B 248 62.56 11.49 -19.87
CA ASN B 248 61.35 11.45 -20.68
C ASN B 248 60.21 10.66 -20.04
N VAL B 249 59.00 11.22 -20.09
CA VAL B 249 57.81 10.54 -19.60
C VAL B 249 56.85 10.22 -20.74
N GLN B 250 56.14 9.11 -20.62
CA GLN B 250 55.19 8.69 -21.65
C GLN B 250 54.01 7.93 -21.07
N LEU B 251 52.84 8.08 -21.69
CA LEU B 251 51.67 7.32 -21.31
C LEU B 251 51.81 5.88 -21.78
N ILE B 252 51.86 4.96 -20.83
CA ILE B 252 51.89 3.54 -21.15
C ILE B 252 50.84 2.79 -20.34
N GLY B 253 50.45 1.62 -20.84
CA GLY B 253 49.57 0.74 -20.11
C GLY B 253 50.32 -0.51 -19.71
N THR B 254 49.79 -1.24 -18.73
CA THR B 254 50.37 -2.51 -18.33
C THR B 254 50.26 -3.48 -19.51
N SER B 255 49.24 -3.27 -20.33
CA SER B 255 49.06 -4.00 -21.57
C SER B 255 48.04 -3.26 -22.41
N ASP B 256 48.28 -3.18 -23.72
CA ASP B 256 47.38 -2.51 -24.66
C ASP B 256 47.14 -1.05 -24.30
N LYS B 257 45.92 -0.72 -23.91
CA LYS B 257 45.52 0.65 -23.62
C LYS B 257 46.17 1.18 -22.34
N PRO B 258 46.47 2.49 -22.32
CA PRO B 258 46.99 3.17 -21.12
C PRO B 258 45.87 3.59 -20.18
N TYR B 259 46.09 3.44 -18.88
CA TYR B 259 45.07 3.79 -17.89
C TYR B 259 45.42 5.06 -17.12
N VAL B 260 44.38 5.73 -16.63
CA VAL B 260 44.55 7.03 -15.97
C VAL B 260 43.57 7.19 -14.80
N TYR B 261 44.09 7.67 -13.68
CA TYR B 261 43.26 7.99 -12.52
C TYR B 261 42.94 9.49 -12.53
N THR B 262 41.70 9.84 -12.20
CA THR B 262 41.31 11.25 -12.12
C THR B 262 40.59 11.55 -10.82
N ASP B 263 40.91 12.68 -10.21
CA ASP B 263 40.23 13.14 -9.00
C ASP B 263 39.20 14.20 -9.37
N VAL B 264 38.01 14.10 -8.80
CA VAL B 264 36.91 14.97 -9.18
C VAL B 264 36.24 15.67 -8.00
N LEU B 265 36.11 16.98 -8.08
CA LEU B 265 35.38 17.75 -7.10
C LEU B 265 33.88 17.66 -7.37
N ALA B 266 33.12 17.23 -6.36
CA ALA B 266 31.68 17.05 -6.53
C ALA B 266 30.87 17.83 -5.49
N LEU B 267 29.57 17.96 -5.74
CA LEU B 267 28.69 18.66 -4.84
C LEU B 267 27.69 17.72 -4.17
N ASN B 268 27.47 17.92 -2.87
CA ASN B 268 26.50 17.11 -2.13
C ASN B 268 25.08 17.33 -2.65
N SER B 269 24.31 16.26 -2.72
CA SER B 269 22.96 16.33 -3.27
C SER B 269 22.02 17.23 -2.47
N ASN B 270 22.29 17.35 -1.16
CA ASN B 270 21.44 18.16 -0.31
C ASN B 270 21.92 19.61 -0.17
N LEU B 271 22.28 20.21 -1.29
CA LEU B 271 22.72 21.60 -1.29
C LEU B 271 21.60 22.56 -1.71
N CYS B 272 21.62 23.76 -1.14
CA CYS B 272 20.61 24.77 -1.44
C CYS B 272 20.88 25.44 -2.77
N ASP B 273 20.10 26.47 -3.08
CA ASP B 273 20.27 27.22 -4.32
C ASP B 273 21.38 28.25 -4.18
N GLU B 274 21.45 28.87 -3.01
CA GLU B 274 22.43 29.90 -2.72
C GLU B 274 23.80 29.30 -2.41
N LYS B 275 23.79 28.21 -1.63
CA LYS B 275 25.02 27.56 -1.21
C LYS B 275 25.74 26.92 -2.37
N GLN B 276 24.98 26.54 -3.40
CA GLN B 276 25.55 25.89 -4.58
C GLN B 276 26.36 26.89 -5.41
N LYS B 277 25.94 28.15 -5.39
CA LYS B 277 26.64 29.20 -6.13
C LYS B 277 28.01 29.46 -5.53
N VAL B 278 28.08 29.49 -4.20
CA VAL B 278 29.33 29.72 -3.49
C VAL B 278 30.31 28.58 -3.74
N ALA B 279 29.79 27.37 -3.76
CA ALA B 279 30.61 26.18 -4.00
C ALA B 279 31.29 26.23 -5.35
N VAL B 280 30.58 26.77 -6.35
CA VAL B 280 31.14 26.91 -7.70
C VAL B 280 32.34 27.85 -7.70
N GLU B 281 32.23 28.95 -6.96
CA GLU B 281 33.32 29.93 -6.86
C GLU B 281 34.55 29.32 -6.18
N VAL B 282 34.33 28.62 -5.07
CA VAL B 282 35.40 27.98 -4.34
C VAL B 282 36.08 26.92 -5.20
N ILE B 283 35.29 26.19 -5.97
CA ILE B 283 35.82 25.20 -6.90
C ILE B 283 36.56 25.87 -8.05
N LYS B 284 35.97 26.93 -8.59
CA LYS B 284 36.59 27.67 -9.70
C LYS B 284 37.94 28.24 -9.28
N ASN B 285 38.01 28.73 -8.04
CA ASN B 285 39.26 29.24 -7.49
C ASN B 285 40.28 28.12 -7.33
N LEU B 286 39.79 26.91 -7.07
CA LEU B 286 40.65 25.76 -6.84
C LEU B 286 41.20 25.18 -8.15
N LEU B 287 40.67 25.64 -9.28
CA LEU B 287 41.05 25.09 -10.57
C LEU B 287 41.68 26.13 -11.51
N THR B 288 41.55 27.40 -11.15
CA THR B 288 42.00 28.48 -12.03
C THR B 288 43.06 29.39 -11.42
N ASN B 289 43.18 29.38 -10.09
CA ASN B 289 44.14 30.24 -9.40
C ASN B 289 45.58 29.92 -9.81
N THR B 290 46.28 30.93 -10.33
CA THR B 290 47.62 30.76 -10.87
C THR B 290 48.65 30.36 -9.81
N LEU B 291 48.44 30.81 -8.58
CA LEU B 291 49.34 30.47 -7.48
C LEU B 291 49.17 29.00 -7.08
N VAL B 292 47.94 28.52 -7.11
CA VAL B 292 47.65 27.12 -6.83
C VAL B 292 48.25 26.22 -7.90
N LEU B 293 48.07 26.61 -9.15
CA LEU B 293 48.61 25.85 -10.27
C LEU B 293 50.13 25.82 -10.25
N ASP B 294 50.74 26.94 -9.88
CA ASP B 294 52.20 27.03 -9.79
C ASP B 294 52.74 26.17 -8.66
N LEU B 295 51.95 26.03 -7.59
CA LEU B 295 52.33 25.16 -6.48
C LEU B 295 52.24 23.70 -6.89
N LEU B 296 51.23 23.37 -7.69
CA LEU B 296 51.06 22.02 -8.20
C LEU B 296 52.23 21.65 -9.11
N GLY B 297 52.74 22.63 -9.84
CA GLY B 297 53.86 22.42 -10.73
C GLY B 297 55.13 22.05 -9.98
N LEU B 298 55.26 22.54 -8.75
CA LEU B 298 56.39 22.22 -7.91
C LEU B 298 56.35 20.76 -7.48
N GLY B 299 55.14 20.25 -7.28
CA GLY B 299 54.95 18.86 -6.87
C GLY B 299 54.71 17.94 -8.04
N LEU B 300 54.76 18.50 -9.24
CA LEU B 300 54.56 17.75 -10.48
C LEU B 300 53.22 17.03 -10.53
N THR B 301 52.17 17.67 -10.03
CA THR B 301 50.82 17.11 -10.10
C THR B 301 50.07 17.72 -11.28
N LEU B 302 49.32 16.89 -11.99
CA LEU B 302 48.67 17.33 -13.21
C LEU B 302 47.23 17.78 -12.99
N PRO B 303 46.91 19.02 -13.40
CA PRO B 303 45.52 19.47 -13.42
C PRO B 303 44.73 18.67 -14.45
N ALA B 304 43.42 18.60 -14.29
CA ALA B 304 42.59 17.79 -15.17
C ALA B 304 42.19 18.51 -16.45
N ASN B 305 42.04 19.84 -16.35
CA ASN B 305 41.65 20.65 -17.50
C ASN B 305 42.84 21.02 -18.37
N LYS B 306 42.57 21.33 -19.65
CA LYS B 306 43.62 21.74 -20.57
C LYS B 306 44.18 23.10 -20.19
N ASN B 307 43.32 23.96 -19.66
CA ASN B 307 43.73 25.30 -19.22
C ASN B 307 44.79 25.23 -18.13
N GLY B 308 44.69 24.22 -17.26
CA GLY B 308 45.63 24.04 -16.19
C GLY B 308 46.94 23.44 -16.66
N ILE B 309 46.85 22.46 -17.56
CA ILE B 309 48.03 21.79 -18.09
C ILE B 309 48.82 22.73 -18.99
N ALA B 310 48.12 23.50 -19.82
CA ALA B 310 48.77 24.45 -20.72
C ALA B 310 49.43 25.58 -19.93
N HIS B 311 48.87 25.88 -18.76
CA HIS B 311 49.41 26.93 -17.89
C HIS B 311 50.79 26.53 -17.37
N LEU B 312 50.95 25.25 -17.08
CA LEU B 312 52.21 24.73 -16.57
C LEU B 312 53.10 24.20 -17.68
N ALA B 313 52.56 24.19 -18.90
CA ALA B 313 53.31 23.78 -20.07
C ALA B 313 54.23 24.90 -20.52
N LYS B 314 53.90 26.13 -20.11
CA LYS B 314 54.69 27.30 -20.47
C LYS B 314 55.76 27.60 -19.41
N SER B 315 56.27 26.54 -18.78
CA SER B 315 57.29 26.69 -17.75
C SER B 315 58.12 25.43 -17.58
N SER B 316 57.61 24.31 -18.08
CA SER B 316 58.29 23.03 -17.92
C SER B 316 58.10 22.11 -19.14
N ASN B 317 59.16 21.41 -19.51
CA ASN B 317 59.10 20.46 -20.61
C ASN B 317 58.45 19.16 -20.15
N PHE B 318 58.42 18.96 -18.84
CA PHE B 318 57.78 17.80 -18.25
C PHE B 318 56.28 17.85 -18.49
N TYR B 319 55.71 19.05 -18.31
CA TYR B 319 54.29 19.27 -18.56
C TYR B 319 54.00 19.43 -20.06
N ALA B 320 55.06 19.42 -20.86
CA ALA B 320 54.91 19.54 -22.31
C ALA B 320 54.74 18.17 -22.96
N GLN B 321 55.57 17.23 -22.53
CA GLN B 321 55.51 15.87 -23.07
C GLN B 321 54.20 15.18 -22.70
N LEU B 322 53.67 15.52 -21.53
CA LEU B 322 52.42 14.93 -21.06
C LEU B 322 51.21 15.54 -21.75
N SER B 323 51.29 16.84 -22.04
CA SER B 323 50.18 17.54 -22.68
C SER B 323 49.95 17.03 -24.10
N GLN B 324 51.03 16.72 -24.80
CA GLN B 324 50.94 16.18 -26.15
C GLN B 324 50.53 14.71 -26.13
N GLN B 325 50.86 14.03 -25.04
CA GLN B 325 50.55 12.61 -24.90
C GLN B 325 49.06 12.41 -24.62
N PHE B 326 48.46 13.36 -23.92
CA PHE B 326 47.03 13.30 -23.63
C PHE B 326 46.21 13.63 -24.88
N ASP B 327 46.88 14.19 -25.88
CA ASP B 327 46.23 14.52 -27.14
C ASP B 327 46.47 13.43 -28.19
N ALA B 328 47.65 12.83 -28.14
CA ALA B 328 48.05 11.82 -29.11
C ALA B 328 47.52 10.43 -28.75
N LYS B 329 46.99 10.29 -27.55
CA LYS B 329 46.44 9.02 -27.09
C LYS B 329 45.08 9.22 -26.41
N GLU B 330 44.38 10.29 -26.79
CA GLU B 330 43.14 10.66 -26.14
C GLU B 330 42.04 9.60 -26.26
N SER B 331 41.98 8.94 -27.41
CA SER B 331 40.96 7.92 -27.65
C SER B 331 41.47 6.51 -27.33
N GLU B 332 42.49 6.44 -26.47
CA GLU B 332 43.07 5.16 -26.10
C GLU B 332 43.11 5.00 -24.57
N VAL B 333 42.96 6.13 -23.88
CA VAL B 333 43.03 6.15 -22.42
C VAL B 333 41.81 5.51 -21.77
N ARG B 334 42.05 4.62 -20.82
CA ARG B 334 40.97 3.96 -20.08
C ARG B 334 40.94 4.41 -18.63
N VAL B 335 39.75 4.49 -18.06
CA VAL B 335 39.60 4.89 -16.65
C VAL B 335 38.80 3.84 -15.87
N LEU B 336 39.49 3.11 -15.01
CA LEU B 336 38.86 2.08 -14.19
C LEU B 336 37.96 2.69 -13.12
N ARG B 337 36.70 2.24 -13.07
CA ARG B 337 35.74 2.77 -12.12
C ARG B 337 34.95 1.63 -11.46
N CYS B 338 34.32 1.92 -10.33
CA CYS B 338 33.53 0.93 -9.61
C CYS B 338 32.07 1.33 -9.54
N VAL B 339 31.19 0.37 -9.77
CA VAL B 339 29.75 0.64 -9.86
C VAL B 339 29.01 0.40 -8.55
N ASP B 340 29.31 -0.70 -7.88
CA ASP B 340 28.57 -1.07 -6.67
C ASP B 340 29.47 -1.54 -5.53
N PHE B 341 30.70 -1.05 -5.50
CA PHE B 341 31.62 -1.38 -4.42
C PHE B 341 32.70 -0.32 -4.24
N ALA B 342 33.35 -0.33 -3.08
CA ALA B 342 34.37 0.68 -2.76
C ALA B 342 35.65 0.07 -2.22
N ASN B 343 36.17 0.66 -1.15
CA ASN B 343 37.48 0.26 -0.61
C ASN B 343 37.53 -1.13 0.02
N LYS B 344 36.46 -1.50 0.72
CA LYS B 344 36.42 -2.80 1.40
C LYS B 344 36.56 -3.96 0.42
N GLU B 345 35.88 -3.86 -0.72
CA GLU B 345 35.93 -4.92 -1.73
C GLU B 345 37.26 -4.95 -2.48
N VAL B 346 37.87 -3.78 -2.64
CA VAL B 346 39.16 -3.68 -3.30
C VAL B 346 40.26 -4.34 -2.45
N LYS B 347 40.23 -4.07 -1.16
CA LYS B 347 41.22 -4.65 -0.24
C LYS B 347 41.06 -6.17 -0.15
N ASN B 348 39.83 -6.65 -0.21
CA ASN B 348 39.57 -8.08 -0.18
C ASN B 348 40.03 -8.78 -1.45
N CYS B 349 39.77 -8.14 -2.59
CA CYS B 349 40.16 -8.68 -3.88
C CYS B 349 41.67 -8.81 -4.00
N ALA B 350 42.39 -7.80 -3.52
CA ALA B 350 43.84 -7.80 -3.54
C ALA B 350 44.39 -8.88 -2.62
N GLY B 351 43.68 -9.15 -1.52
CA GLY B 351 44.08 -10.17 -0.58
C GLY B 351 43.89 -11.57 -1.14
N VAL B 352 43.00 -11.68 -2.13
CA VAL B 352 42.75 -12.95 -2.79
C VAL B 352 43.82 -13.22 -3.83
N LEU B 353 44.23 -12.18 -4.54
CA LEU B 353 45.17 -12.29 -5.65
C LEU B 353 46.63 -12.47 -5.22
N ARG B 354 47.01 -11.84 -4.12
CA ARG B 354 48.41 -11.82 -3.67
C ARG B 354 49.13 -13.18 -3.55
N PRO B 355 48.45 -14.22 -3.00
CA PRO B 355 49.15 -15.52 -2.94
C PRO B 355 49.50 -16.09 -4.31
N PHE B 356 48.82 -15.61 -5.36
CA PHE B 356 49.09 -16.06 -6.72
C PHE B 356 50.11 -15.16 -7.41
N LEU B 357 50.86 -14.40 -6.61
CA LEU B 357 51.86 -13.47 -7.13
C LEU B 357 53.23 -13.76 -6.54
N PRO C 6 7.12 -2.46 -8.96
CA PRO C 6 6.46 -3.54 -9.70
C PRO C 6 6.26 -4.78 -8.83
N LYS C 7 7.31 -5.57 -8.67
CA LYS C 7 7.24 -6.76 -7.83
C LYS C 7 7.50 -6.41 -6.37
N THR C 8 6.41 -6.22 -5.61
CA THR C 8 6.53 -5.89 -4.19
C THR C 8 5.67 -6.80 -3.34
N LEU C 9 6.24 -7.26 -2.22
CA LEU C 9 5.53 -8.11 -1.28
C LEU C 9 5.30 -7.36 0.03
N THR C 10 4.03 -7.16 0.39
CA THR C 10 3.69 -6.45 1.62
C THR C 10 3.64 -7.38 2.82
N VAL C 11 4.45 -7.09 3.83
CA VAL C 11 4.52 -7.90 5.04
C VAL C 11 4.12 -7.12 6.27
N GLY C 12 3.05 -7.57 6.94
CA GLY C 12 2.58 -6.93 8.16
C GLY C 12 3.07 -7.63 9.41
N LEU C 13 4.01 -7.01 10.10
CA LEU C 13 4.61 -7.61 11.30
C LEU C 13 3.80 -7.34 12.56
N PHE C 14 3.95 -8.24 13.54
CA PHE C 14 3.33 -8.07 14.85
C PHE C 14 4.11 -6.99 15.62
N PRO C 15 3.43 -5.87 15.91
CA PRO C 15 4.10 -4.67 16.45
C PRO C 15 4.28 -4.67 17.97
N TYR C 16 3.57 -5.53 18.68
CA TYR C 16 3.58 -5.50 20.13
C TYR C 16 4.76 -6.25 20.75
N LEU C 17 5.97 -5.79 20.41
CA LEU C 17 7.19 -6.32 20.99
C LEU C 17 7.68 -5.35 22.06
N PRO C 18 8.45 -5.86 23.04
CA PRO C 18 8.91 -5.04 24.16
C PRO C 18 9.70 -3.79 23.73
N SER C 19 9.80 -2.82 24.64
CA SER C 19 10.52 -1.59 24.38
C SER C 19 11.50 -1.29 25.51
N TRP C 20 12.44 -0.38 25.25
CA TRP C 20 13.39 0.04 26.26
C TRP C 20 13.37 1.56 26.44
N ASN C 21 13.53 2.00 27.68
CA ASN C 21 13.54 3.42 27.99
C ASN C 21 14.19 3.72 29.34
N GLU C 22 15.16 4.62 29.33
CA GLU C 22 15.83 5.03 30.56
C GLU C 22 15.70 6.54 30.76
N ASN C 23 14.46 7.00 30.85
CA ASN C 23 14.15 8.43 30.99
C ASN C 23 14.75 9.28 29.88
N GLY C 24 14.08 9.32 28.74
CA GLY C 24 14.54 10.10 27.60
C GLY C 24 14.25 9.44 26.27
N ASN C 25 15.16 8.58 25.83
CA ASN C 25 15.02 7.90 24.55
C ASN C 25 14.13 6.66 24.66
N GLU C 26 13.75 6.11 23.51
CA GLU C 26 12.96 4.89 23.47
C GLU C 26 13.44 3.96 22.36
N VAL C 27 13.82 2.75 22.73
CA VAL C 27 14.26 1.76 21.75
C VAL C 27 13.22 0.66 21.62
N LYS C 28 12.71 0.49 20.40
CA LYS C 28 11.70 -0.53 20.14
C LYS C 28 12.31 -1.74 19.46
N LEU C 29 12.05 -2.92 20.03
CA LEU C 29 12.63 -4.16 19.51
C LEU C 29 12.19 -4.45 18.08
N ILE C 30 10.96 -4.05 17.75
CA ILE C 30 10.41 -4.27 16.42
C ILE C 30 11.21 -3.49 15.36
N ASN C 31 11.85 -2.41 15.79
CA ASN C 31 12.70 -1.62 14.91
C ASN C 31 14.06 -2.28 14.67
N LEU C 32 14.63 -2.85 15.73
CA LEU C 32 15.90 -3.56 15.63
C LEU C 32 15.79 -4.74 14.68
N ILE C 33 14.66 -5.43 14.75
CA ILE C 33 14.44 -6.60 13.89
C ILE C 33 14.21 -6.20 12.42
N LYS C 34 13.45 -5.14 12.20
CA LYS C 34 13.19 -4.65 10.84
C LYS C 34 14.47 -4.25 10.11
N ASP C 35 15.43 -3.72 10.85
CA ASP C 35 16.71 -3.30 10.28
C ASP C 35 17.61 -4.51 9.96
N VAL C 36 17.10 -5.70 10.25
CA VAL C 36 17.82 -6.94 10.00
C VAL C 36 17.18 -7.69 8.84
N LEU C 37 15.88 -7.50 8.67
CA LEU C 37 15.12 -8.19 7.63
C LEU C 37 15.52 -7.72 6.23
N PRO C 38 15.61 -8.67 5.28
CA PRO C 38 15.98 -8.36 3.90
C PRO C 38 14.86 -7.67 3.11
N THR C 39 15.19 -6.63 2.37
CA THR C 39 14.21 -5.89 1.60
C THR C 39 14.16 -6.33 0.14
N GLN C 40 15.04 -7.26 -0.22
CA GLN C 40 15.10 -7.77 -1.59
C GLN C 40 15.24 -9.28 -1.60
N VAL C 41 14.17 -9.97 -1.99
CA VAL C 41 14.18 -11.44 -2.03
C VAL C 41 13.55 -11.96 -3.32
N SER C 42 14.33 -12.70 -4.10
CA SER C 42 13.88 -13.30 -5.35
C SER C 42 13.30 -12.28 -6.33
N GLY C 43 13.98 -11.14 -6.47
CA GLY C 43 13.56 -10.11 -7.40
C GLY C 43 12.35 -9.33 -6.91
N TYR C 44 11.94 -9.59 -5.67
CA TYR C 44 10.82 -8.89 -5.06
C TYR C 44 11.29 -7.89 -4.02
N ASN C 45 10.66 -6.72 -4.01
CA ASN C 45 10.94 -5.71 -2.99
C ASN C 45 10.02 -5.90 -1.80
N ILE C 46 10.58 -6.30 -0.66
CA ILE C 46 9.79 -6.63 0.51
C ILE C 46 9.54 -5.41 1.40
N GLU C 47 8.27 -5.05 1.57
CA GLU C 47 7.90 -3.89 2.38
C GLU C 47 7.35 -4.33 3.74
N TYR C 48 8.13 -4.08 4.79
CA TYR C 48 7.73 -4.44 6.14
C TYR C 48 7.03 -3.28 6.84
N THR C 49 5.83 -3.54 7.35
CA THR C 49 5.08 -2.54 8.09
C THR C 49 4.39 -3.17 9.29
N GLU C 50 4.13 -2.36 10.32
CA GLU C 50 3.44 -2.86 11.51
C GLU C 50 1.96 -3.12 11.21
N PHE C 51 1.47 -4.28 11.64
CA PHE C 51 0.09 -4.67 11.40
C PHE C 51 -0.64 -4.94 12.71
N ASP C 52 -1.64 -4.11 13.00
CA ASP C 52 -2.38 -4.21 14.26
C ASP C 52 -3.58 -5.13 14.13
N CYS C 53 -3.41 -6.39 14.54
CA CYS C 53 -4.48 -7.37 14.50
C CYS C 53 -5.56 -7.05 15.53
N TYR C 54 -5.22 -6.20 16.49
CA TYR C 54 -6.16 -5.80 17.54
C TYR C 54 -7.00 -4.59 17.09
N SER C 55 -7.03 -4.36 15.79
CA SER C 55 -7.85 -3.32 15.20
C SER C 55 -8.72 -3.93 14.10
N ASP C 56 -10.04 -3.85 14.27
CA ASP C 56 -10.96 -4.43 13.31
C ASP C 56 -10.85 -3.80 11.93
N ALA C 57 -10.45 -2.53 11.90
CA ALA C 57 -10.25 -1.83 10.63
C ALA C 57 -9.09 -2.43 9.85
N SER C 58 -8.10 -2.92 10.58
CA SER C 58 -6.92 -3.53 9.96
C SER C 58 -7.19 -4.98 9.56
N LEU C 59 -8.10 -5.62 10.27
CA LEU C 59 -8.49 -6.99 9.93
C LEU C 59 -9.29 -7.04 8.63
N GLN C 60 -9.89 -5.90 8.28
CA GLN C 60 -10.71 -5.81 7.08
C GLN C 60 -9.87 -5.77 5.81
N SER C 61 -8.75 -5.07 5.87
CA SER C 61 -7.85 -4.96 4.72
C SER C 61 -6.52 -5.65 5.01
N LEU C 62 -6.37 -6.88 4.54
CA LEU C 62 -5.18 -7.68 4.81
C LEU C 62 -4.12 -7.52 3.72
N PRO C 63 -2.85 -7.42 4.15
CA PRO C 63 -1.70 -7.36 3.23
C PRO C 63 -1.40 -8.74 2.63
N ASP C 64 -0.24 -8.89 2.01
CA ASP C 64 0.16 -10.17 1.44
C ASP C 64 0.41 -11.20 2.54
N VAL C 65 1.34 -10.89 3.44
CA VAL C 65 1.56 -11.71 4.63
C VAL C 65 1.41 -10.84 5.88
N PHE C 66 0.82 -11.42 6.93
CA PHE C 66 0.53 -10.66 8.15
C PHE C 66 0.59 -11.54 9.39
N SER C 67 1.06 -10.96 10.49
CA SER C 67 1.14 -11.67 11.76
C SER C 67 -0.03 -11.30 12.66
N THR C 68 -0.90 -12.27 12.92
CA THR C 68 -2.07 -12.03 13.76
C THR C 68 -2.14 -12.95 14.97
N ASP C 69 -2.77 -12.46 16.02
CA ASP C 69 -3.07 -13.28 17.19
C ASP C 69 -4.03 -14.37 16.76
N SER C 70 -3.78 -15.60 17.20
CA SER C 70 -4.62 -16.73 16.81
C SER C 70 -6.01 -16.65 17.44
N ILE C 71 -6.22 -15.67 18.30
CA ILE C 71 -7.51 -15.45 18.94
C ILE C 71 -8.55 -14.97 17.94
N PHE C 72 -8.09 -14.42 16.82
CA PHE C 72 -8.98 -13.91 15.78
C PHE C 72 -8.84 -14.71 14.49
N LEU C 73 -8.10 -15.80 14.54
CA LEU C 73 -7.85 -16.61 13.36
C LEU C 73 -9.07 -17.31 12.76
N PRO C 74 -9.90 -17.98 13.59
CA PRO C 74 -11.09 -18.61 13.00
C PRO C 74 -12.06 -17.59 12.42
N TYR C 75 -12.11 -16.40 13.01
CA TYR C 75 -12.96 -15.32 12.51
C TYR C 75 -12.41 -14.78 11.19
N LEU C 76 -11.09 -14.76 11.06
CA LEU C 76 -10.45 -14.25 9.85
C LEU C 76 -10.66 -15.21 8.70
N VAL C 77 -10.77 -16.50 9.00
CA VAL C 77 -11.02 -17.52 7.99
C VAL C 77 -12.46 -17.44 7.49
N SER C 78 -13.38 -17.10 8.38
CA SER C 78 -14.79 -16.98 8.04
C SER C 78 -15.03 -15.92 6.97
N LEU C 79 -14.12 -14.94 6.90
CA LEU C 79 -14.22 -13.87 5.92
C LEU C 79 -13.38 -14.20 4.69
N GLY C 80 -12.98 -15.47 4.56
CA GLY C 80 -12.07 -15.87 3.51
C GLY C 80 -10.70 -15.31 3.80
N GLY C 81 -10.24 -14.38 2.96
CA GLY C 81 -9.04 -13.62 3.24
C GLY C 81 -7.74 -14.37 3.37
N VAL C 82 -7.71 -15.39 4.21
CA VAL C 82 -6.48 -16.14 4.49
C VAL C 82 -6.45 -17.49 3.77
N LYS C 83 -5.35 -17.76 3.08
CA LYS C 83 -5.19 -18.99 2.30
C LYS C 83 -4.81 -20.18 3.18
N SER C 84 -5.43 -21.33 2.90
CA SER C 84 -5.09 -22.57 3.58
C SER C 84 -3.74 -23.07 3.09
N LEU C 85 -2.95 -23.63 4.01
CA LEU C 85 -1.61 -24.08 3.68
C LEU C 85 -1.45 -25.59 3.85
N ASP C 86 -0.48 -26.16 3.15
CA ASP C 86 -0.16 -27.57 3.29
C ASP C 86 0.52 -27.84 4.64
N GLU C 87 0.20 -28.99 5.22
CA GLU C 87 0.78 -29.40 6.50
C GLU C 87 2.31 -29.48 6.40
N SER C 88 2.79 -30.04 5.29
CA SER C 88 4.22 -30.23 5.09
C SER C 88 4.93 -28.92 4.76
N LEU C 89 4.20 -27.97 4.16
CA LEU C 89 4.76 -26.68 3.82
C LEU C 89 5.15 -25.89 5.06
N VAL C 90 4.32 -25.98 6.09
CA VAL C 90 4.58 -25.29 7.35
C VAL C 90 5.68 -25.99 8.15
N ARG C 91 5.59 -27.31 8.24
CA ARG C 91 6.56 -28.09 8.99
C ARG C 91 7.95 -28.02 8.36
N GLY C 92 8.00 -27.76 7.06
CA GLY C 92 9.26 -27.60 6.36
C GLY C 92 9.97 -26.33 6.77
N VAL C 93 9.20 -25.37 7.28
CA VAL C 93 9.74 -24.08 7.71
C VAL C 93 9.91 -24.02 9.22
N THR C 94 8.81 -24.21 9.94
CA THR C 94 8.80 -24.07 11.40
C THR C 94 9.51 -25.22 12.09
N GLY C 95 9.39 -26.42 11.51
CA GLY C 95 9.91 -27.61 12.15
C GLY C 95 8.86 -28.19 13.07
N ASP C 96 9.29 -28.96 14.05
CA ASP C 96 8.35 -29.57 15.01
C ASP C 96 7.70 -28.52 15.89
N LEU C 97 6.38 -28.66 16.07
CA LEU C 97 5.62 -27.75 16.91
C LEU C 97 4.95 -28.50 18.05
N HIS C 98 4.69 -27.80 19.15
CA HIS C 98 3.89 -28.38 20.22
C HIS C 98 2.46 -28.56 19.73
N SER C 99 1.72 -29.47 20.36
CA SER C 99 0.37 -29.77 19.94
C SER C 99 -0.56 -28.55 20.04
N PHE C 100 -0.37 -27.76 21.08
CA PHE C 100 -1.21 -26.57 21.29
C PHE C 100 -0.85 -25.43 20.34
N VAL C 101 0.41 -25.40 19.90
CA VAL C 101 0.86 -24.37 18.97
C VAL C 101 0.29 -24.62 17.58
N SER C 102 0.32 -25.86 17.13
CA SER C 102 -0.16 -26.21 15.80
C SER C 102 -1.67 -26.12 15.68
N SER C 103 -2.36 -26.59 16.71
CA SER C 103 -3.82 -26.62 16.70
C SER C 103 -4.41 -25.22 16.82
N SER C 104 -3.61 -24.27 17.28
CA SER C 104 -4.04 -22.88 17.40
C SER C 104 -4.06 -22.21 16.04
N ALA C 105 -3.32 -22.78 15.09
CA ALA C 105 -3.24 -22.22 13.75
C ALA C 105 -4.07 -23.02 12.74
N SER C 106 -4.86 -23.96 13.25
CA SER C 106 -5.69 -24.80 12.38
C SER C 106 -7.18 -24.54 12.59
N VAL C 107 -7.88 -24.28 11.49
CA VAL C 107 -9.32 -24.07 11.54
C VAL C 107 -10.04 -25.02 10.59
N ASN C 108 -11.00 -25.75 11.12
CA ASN C 108 -11.82 -26.69 10.34
C ASN C 108 -11.01 -27.77 9.61
N GLY C 109 -9.90 -28.18 10.22
CA GLY C 109 -9.10 -29.25 9.68
C GLY C 109 -8.03 -28.79 8.69
N SER C 110 -7.90 -27.49 8.54
CA SER C 110 -6.90 -26.93 7.62
C SER C 110 -5.94 -25.98 8.35
N VAL C 111 -4.69 -25.97 7.92
CA VAL C 111 -3.69 -25.08 8.48
C VAL C 111 -3.76 -23.71 7.80
N TYR C 112 -3.77 -22.64 8.60
CA TYR C 112 -3.90 -21.30 8.05
C TYR C 112 -2.79 -20.35 8.48
N GLY C 113 -1.57 -20.86 8.64
CA GLY C 113 -0.44 -20.00 8.93
C GLY C 113 0.75 -20.65 9.62
N PHE C 114 1.85 -19.90 9.66
CA PHE C 114 3.06 -20.33 10.34
C PHE C 114 3.15 -19.65 11.70
N PRO C 115 3.07 -20.45 12.77
CA PRO C 115 3.17 -19.92 14.14
C PRO C 115 4.48 -19.18 14.36
N GLN C 116 4.41 -17.98 14.93
CA GLN C 116 5.59 -17.14 15.09
C GLN C 116 5.98 -16.93 16.55
N TYR C 117 5.03 -16.43 17.34
CA TYR C 117 5.30 -16.12 18.74
C TYR C 117 4.44 -16.94 19.70
N LEU C 118 4.97 -17.14 20.90
CA LEU C 118 4.22 -17.74 21.99
C LEU C 118 4.14 -16.71 23.11
N CYS C 119 3.00 -16.65 23.79
CA CYS C 119 2.79 -15.65 24.83
C CYS C 119 1.82 -16.17 25.87
N SER C 120 2.02 -15.75 27.12
CA SER C 120 1.14 -16.17 28.21
C SER C 120 1.36 -15.30 29.45
N ASN C 121 0.40 -15.36 30.37
CA ASN C 121 0.54 -14.69 31.65
C ASN C 121 1.30 -15.59 32.62
N PHE C 122 2.62 -15.58 32.50
CA PHE C 122 3.47 -16.44 33.32
C PHE C 122 3.57 -15.93 34.75
N LEU C 123 3.92 -16.84 35.66
CA LEU C 123 4.18 -16.46 37.04
C LEU C 123 5.68 -16.36 37.28
N LEU C 124 6.14 -15.14 37.56
CA LEU C 124 7.55 -14.93 37.90
C LEU C 124 7.69 -14.94 39.42
N SER C 125 8.24 -16.02 39.95
CA SER C 125 8.37 -16.18 41.39
C SER C 125 9.80 -15.97 41.86
N SER C 126 9.96 -15.14 42.89
CA SER C 126 11.24 -14.98 43.56
C SER C 126 11.68 -16.33 44.13
N PRO C 127 13.00 -16.59 44.17
CA PRO C 127 13.49 -17.83 44.75
C PRO C 127 13.10 -17.98 46.23
N ASN C 128 12.78 -16.86 46.87
CA ASN C 128 12.31 -16.87 48.25
C ASN C 128 10.79 -16.98 48.32
N ALA C 129 10.18 -17.56 47.30
CA ALA C 129 8.72 -17.67 47.22
C ALA C 129 8.15 -18.45 48.39
N THR C 130 7.35 -17.78 49.21
CA THR C 130 6.72 -18.39 50.36
C THR C 130 5.80 -19.56 49.98
N GLN C 131 5.10 -19.40 48.86
CA GLN C 131 4.14 -20.42 48.42
C GLN C 131 4.35 -20.85 46.98
N GLN C 132 3.60 -21.88 46.57
CA GLN C 132 3.74 -22.45 45.24
C GLN C 132 2.39 -23.04 44.85
N ALA C 133 2.00 -22.88 43.59
CA ALA C 133 0.68 -23.34 43.14
C ALA C 133 0.64 -23.74 41.67
N SER C 134 -0.44 -24.40 41.28
CA SER C 134 -0.64 -24.85 39.91
C SER C 134 -1.59 -23.91 39.16
N SER C 135 -2.44 -23.23 39.90
CA SER C 135 -3.37 -22.26 39.32
C SER C 135 -3.40 -20.97 40.12
N LEU C 136 -3.99 -19.92 39.55
CA LEU C 136 -4.07 -18.63 40.23
C LEU C 136 -5.10 -18.65 41.36
N LEU C 137 -6.16 -19.42 41.19
CA LEU C 137 -7.16 -19.58 42.24
C LEU C 137 -6.51 -20.25 43.45
N GLU C 138 -5.71 -21.27 43.19
CA GLU C 138 -4.99 -21.98 44.23
C GLU C 138 -3.98 -21.05 44.91
N LEU C 139 -3.28 -20.27 44.10
CA LEU C 139 -2.29 -19.33 44.63
C LEU C 139 -2.98 -18.24 45.45
N ALA C 140 -4.17 -17.85 45.02
CA ALA C 140 -4.95 -16.82 45.71
C ALA C 140 -5.35 -17.25 47.11
N GLN C 141 -5.77 -18.51 47.24
CA GLN C 141 -6.15 -19.06 48.53
C GLN C 141 -4.96 -19.15 49.47
N LYS C 142 -3.76 -19.27 48.90
CA LYS C 142 -2.56 -19.50 49.68
C LYS C 142 -1.85 -18.23 50.13
N VAL C 143 -1.86 -17.20 49.29
CA VAL C 143 -1.14 -15.97 49.60
C VAL C 143 -1.97 -14.97 50.39
N GLY C 144 -3.29 -15.02 50.22
CA GLY C 144 -4.17 -14.13 50.94
C GLY C 144 -4.61 -12.90 50.17
N TYR C 145 -4.68 -11.77 50.88
CA TYR C 145 -5.17 -10.53 50.29
CA TYR C 145 -5.17 -10.52 50.30
C TYR C 145 -4.03 -9.59 49.92
N GLU C 146 -4.04 -9.13 48.66
CA GLU C 146 -3.05 -8.21 48.12
C GLU C 146 -1.61 -8.65 48.34
N GLN C 147 -1.22 -9.73 47.67
CA GLN C 147 0.13 -10.25 47.78
C GLN C 147 0.73 -10.58 46.41
N ILE C 148 -0.08 -10.43 45.36
CA ILE C 148 0.36 -10.75 44.02
C ILE C 148 0.34 -9.51 43.12
N VAL C 149 1.39 -9.34 42.33
CA VAL C 149 1.41 -8.28 41.33
C VAL C 149 0.92 -8.80 39.99
N TYR C 150 -0.23 -8.29 39.54
CA TYR C 150 -0.84 -8.70 38.29
C TYR C 150 -1.50 -7.48 37.66
N PRO C 151 -0.67 -6.59 37.08
CA PRO C 151 -1.07 -5.27 36.59
C PRO C 151 -2.29 -5.26 35.66
N ASP C 152 -2.36 -6.20 34.73
CA ASP C 152 -3.47 -6.23 33.77
C ASP C 152 -4.81 -6.51 34.43
N VAL C 153 -4.79 -7.18 35.57
CA VAL C 153 -6.00 -7.46 36.33
C VAL C 153 -6.39 -6.25 37.18
N ALA C 154 -5.38 -5.65 37.81
CA ALA C 154 -5.60 -4.48 38.64
C ALA C 154 -6.11 -3.30 37.82
N SER C 155 -5.66 -3.22 36.57
CA SER C 155 -6.05 -2.11 35.68
C SER C 155 -7.30 -2.44 34.88
N SER C 156 -7.76 -3.68 34.97
CA SER C 156 -8.96 -4.14 34.28
C SER C 156 -8.92 -3.90 32.76
N SER C 157 -7.83 -4.33 32.13
CA SER C 157 -7.70 -4.22 30.68
C SER C 157 -8.77 -5.06 30.01
N SER C 158 -9.32 -4.54 28.91
CA SER C 158 -10.40 -5.21 28.20
C SER C 158 -10.04 -6.63 27.80
N PHE C 159 -8.84 -6.80 27.25
CA PHE C 159 -8.38 -8.09 26.76
C PHE C 159 -8.28 -9.13 27.86
N THR C 160 -7.69 -8.75 29.00
CA THR C 160 -7.52 -9.67 30.11
C THR C 160 -8.83 -9.93 30.86
N VAL C 161 -9.67 -8.90 30.99
CA VAL C 161 -10.98 -9.07 31.60
C VAL C 161 -11.80 -10.06 30.80
N PHE C 162 -11.80 -9.89 29.48
CA PHE C 162 -12.47 -10.82 28.59
C PHE C 162 -11.85 -12.22 28.71
N GLY C 163 -10.52 -12.27 28.71
CA GLY C 163 -9.80 -13.53 28.74
C GLY C 163 -10.05 -14.37 29.97
N LEU C 164 -9.80 -13.80 31.15
CA LEU C 164 -9.93 -14.54 32.40
C LEU C 164 -11.34 -15.09 32.59
N TYR C 165 -12.33 -14.28 32.25
CA TYR C 165 -13.73 -14.68 32.36
C TYR C 165 -14.00 -15.95 31.56
N GLN C 166 -13.57 -15.94 30.30
CA GLN C 166 -13.76 -17.09 29.43
C GLN C 166 -12.91 -18.28 29.87
N GLN C 167 -11.72 -18.00 30.39
CA GLN C 167 -10.83 -19.05 30.88
C GLN C 167 -11.41 -19.74 32.11
N LEU C 168 -12.09 -18.96 32.95
CA LEU C 168 -12.75 -19.50 34.14
C LEU C 168 -14.00 -20.30 33.77
N LEU C 169 -14.69 -19.85 32.73
CA LEU C 169 -15.98 -20.42 32.37
C LEU C 169 -15.87 -21.63 31.45
N GLN C 170 -15.10 -21.50 30.38
CA GLN C 170 -15.04 -22.53 29.35
C GLN C 170 -14.20 -23.74 29.75
N SER C 171 -14.58 -24.90 29.23
CA SER C 171 -13.85 -26.13 29.46
C SER C 171 -13.86 -26.98 28.19
N SER C 172 -12.68 -27.24 27.65
CA SER C 172 -12.57 -27.95 26.37
C SER C 172 -11.84 -29.28 26.52
N SER C 173 -12.18 -30.23 25.64
CA SER C 173 -11.53 -31.53 25.63
C SER C 173 -10.22 -31.45 24.84
N SER C 174 -10.05 -30.35 24.11
CA SER C 174 -8.84 -30.14 23.31
C SER C 174 -8.23 -28.77 23.60
N ALA C 175 -7.17 -28.44 22.88
CA ALA C 175 -6.43 -27.21 23.10
C ALA C 175 -7.20 -25.98 22.61
N ALA C 176 -7.79 -26.10 21.43
CA ALA C 176 -8.53 -24.98 20.84
C ALA C 176 -9.86 -24.77 21.56
N VAL C 177 -9.99 -23.62 22.21
CA VAL C 177 -11.25 -23.26 22.86
C VAL C 177 -11.96 -22.20 22.02
N ASP C 178 -12.83 -22.67 21.11
CA ASP C 178 -13.51 -21.77 20.20
C ASP C 178 -14.87 -21.32 20.73
N ILE C 179 -14.99 -20.03 20.95
CA ILE C 179 -16.24 -19.45 21.45
C ILE C 179 -16.94 -18.60 20.38
N LYS C 180 -18.25 -18.47 20.50
CA LYS C 180 -19.04 -17.71 19.54
C LYS C 180 -19.60 -16.45 20.18
N ALA C 181 -20.04 -15.51 19.34
CA ALA C 181 -20.54 -14.23 19.81
C ALA C 181 -21.80 -14.38 20.66
N SER C 182 -22.56 -15.45 20.42
CA SER C 182 -23.79 -15.70 21.14
C SER C 182 -23.52 -16.15 22.58
N ASP C 183 -22.31 -16.65 22.82
CA ASP C 183 -21.94 -17.15 24.15
C ASP C 183 -21.49 -16.02 25.07
N LEU C 184 -21.27 -14.84 24.50
CA LEU C 184 -20.81 -13.70 25.29
C LEU C 184 -21.96 -13.03 26.02
N PRO C 185 -21.71 -12.58 27.27
CA PRO C 185 -22.69 -11.80 28.03
C PRO C 185 -23.01 -10.50 27.30
N GLN C 186 -24.29 -10.19 27.15
CA GLN C 186 -24.70 -9.03 26.37
C GLN C 186 -25.25 -7.91 27.24
N SER C 187 -25.93 -8.28 28.32
CA SER C 187 -26.62 -7.30 29.16
C SER C 187 -25.94 -7.13 30.52
N GLY C 188 -25.98 -8.17 31.33
CA GLY C 188 -25.50 -8.12 32.70
C GLY C 188 -26.26 -9.14 33.51
N ASP C 189 -27.46 -9.46 33.03
CA ASP C 189 -28.27 -10.54 33.61
C ASP C 189 -27.88 -11.86 32.96
N GLN C 190 -26.92 -11.79 32.03
CA GLN C 190 -26.40 -12.97 31.37
C GLN C 190 -25.04 -13.34 31.97
N VAL C 191 -24.46 -12.40 32.71
CA VAL C 191 -23.16 -12.60 33.33
C VAL C 191 -23.23 -13.64 34.44
N ASN C 192 -22.41 -14.69 34.32
CA ASN C 192 -22.35 -15.74 35.33
C ASN C 192 -21.73 -15.21 36.62
N LYS C 193 -22.55 -15.13 37.68
CA LYS C 193 -22.10 -14.58 38.95
C LYS C 193 -21.06 -15.47 39.63
N ASP C 194 -21.13 -16.78 39.37
CA ASP C 194 -20.20 -17.74 39.96
C ASP C 194 -18.80 -17.56 39.38
N ILE C 195 -18.73 -17.30 38.07
CA ILE C 195 -17.46 -17.05 37.41
C ILE C 195 -16.87 -15.73 37.88
N THR C 196 -17.73 -14.74 38.05
CA THR C 196 -17.31 -13.42 38.52
C THR C 196 -16.80 -13.52 39.96
N GLN C 197 -17.38 -14.43 40.72
CA GLN C 197 -16.96 -14.69 42.09
C GLN C 197 -15.51 -15.14 42.13
N LYS C 198 -15.16 -16.05 41.22
CA LYS C 198 -13.81 -16.60 41.15
C LYS C 198 -12.80 -15.55 40.67
N TYR C 199 -13.24 -14.69 39.76
CA TYR C 199 -12.40 -13.60 39.27
C TYR C 199 -12.05 -12.67 40.43
N ARG C 200 -13.03 -12.42 41.29
CA ARG C 200 -12.90 -11.46 42.37
C ARG C 200 -11.89 -11.92 43.44
N THR C 201 -11.75 -13.24 43.60
CA THR C 201 -10.78 -13.77 44.55
C THR C 201 -9.36 -13.50 44.05
N ILE C 202 -9.17 -13.62 42.74
CA ILE C 202 -7.89 -13.33 42.12
C ILE C 202 -7.58 -11.84 42.22
N LEU C 203 -8.60 -11.02 41.98
CA LEU C 203 -8.45 -9.58 42.08
C LEU C 203 -8.14 -9.14 43.51
N ASP C 204 -8.74 -9.82 44.49
CA ASP C 204 -8.50 -9.50 45.89
C ASP C 204 -7.08 -9.86 46.32
N SER C 205 -6.53 -10.91 45.70
CA SER C 205 -5.16 -11.32 46.00
C SER C 205 -4.15 -10.44 45.27
N THR C 206 -4.65 -9.62 44.35
CA THR C 206 -3.81 -8.77 43.53
C THR C 206 -3.51 -7.43 44.20
N VAL C 207 -2.24 -7.03 44.16
CA VAL C 207 -1.84 -5.73 44.67
C VAL C 207 -2.08 -4.67 43.60
N VAL C 208 -2.57 -3.51 44.00
CA VAL C 208 -2.74 -2.41 43.07
C VAL C 208 -1.39 -1.76 42.79
N ALA C 209 -0.78 -2.14 41.67
CA ALA C 209 0.52 -1.64 41.29
C ALA C 209 0.75 -1.84 39.79
N SER C 210 1.38 -0.86 39.15
CA SER C 210 1.66 -0.94 37.72
C SER C 210 2.84 -1.86 37.45
N GLN C 211 3.04 -2.22 36.19
CA GLN C 211 4.17 -3.04 35.80
C GLN C 211 5.48 -2.30 36.10
N ARG C 212 5.51 -1.02 35.77
CA ARG C 212 6.71 -0.21 35.95
C ARG C 212 7.09 -0.10 37.43
N GLU C 213 6.10 -0.11 38.30
CA GLU C 213 6.34 -0.06 39.74
C GLU C 213 7.03 -1.34 40.22
N TYR C 214 6.57 -2.48 39.72
CA TYR C 214 7.18 -3.75 40.08
C TYR C 214 8.61 -3.85 39.54
N ILE C 215 8.78 -3.45 38.29
CA ILE C 215 10.09 -3.47 37.64
C ILE C 215 11.10 -2.64 38.43
N ASN C 216 10.67 -1.47 38.88
CA ASN C 216 11.52 -0.60 39.68
C ASN C 216 11.89 -1.20 41.03
N SER C 217 10.96 -1.98 41.60
CA SER C 217 11.19 -2.62 42.89
C SER C 217 12.22 -3.73 42.78
N VAL C 218 12.14 -4.49 41.68
CA VAL C 218 13.10 -5.56 41.43
C VAL C 218 14.50 -4.99 41.22
N LYS C 219 14.58 -3.89 40.49
CA LYS C 219 15.85 -3.23 40.23
C LYS C 219 16.51 -2.73 41.52
N GLN C 220 15.70 -2.22 42.43
CA GLN C 220 16.20 -1.63 43.67
C GLN C 220 16.46 -2.68 44.75
N GLY C 221 16.44 -3.96 44.36
CA GLY C 221 16.75 -5.05 45.27
C GLY C 221 15.74 -5.24 46.39
N LYS C 222 14.50 -4.81 46.14
CA LYS C 222 13.45 -4.95 47.14
C LYS C 222 12.08 -5.03 46.46
N PRO C 223 11.72 -6.22 45.95
CA PRO C 223 10.46 -6.43 45.24
C PRO C 223 9.25 -6.15 46.12
N ILE C 224 8.19 -5.60 45.53
CA ILE C 224 6.97 -5.32 46.28
C ILE C 224 6.17 -6.59 46.49
N SER C 225 6.59 -7.67 45.84
CA SER C 225 5.96 -8.97 45.99
C SER C 225 6.85 -10.09 45.46
N ASN C 226 6.65 -11.29 46.00
CA ASN C 226 7.38 -12.47 45.53
C ASN C 226 6.70 -13.12 44.33
N TYR C 227 5.58 -12.54 43.91
CA TYR C 227 4.78 -13.10 42.84
C TYR C 227 4.42 -12.04 41.80
N TYR C 228 4.70 -12.34 40.54
CA TYR C 228 4.36 -11.45 39.45
C TYR C 228 3.72 -12.24 38.31
N VAL C 229 2.61 -11.72 37.78
CA VAL C 229 1.93 -12.36 36.67
C VAL C 229 1.83 -11.44 35.47
N GLY C 230 2.34 -11.90 34.33
CA GLY C 230 2.30 -11.12 33.11
C GLY C 230 3.02 -11.78 31.96
N TYR C 231 3.08 -11.09 30.83
CA TYR C 231 3.78 -11.60 29.65
C TYR C 231 5.28 -11.61 29.91
N SER C 232 6.00 -12.49 29.22
CA SER C 232 7.45 -12.55 29.37
C SER C 232 8.11 -11.29 28.81
N GLU C 233 7.44 -10.65 27.87
CA GLU C 233 7.93 -9.43 27.26
C GLU C 233 8.05 -8.31 28.29
N SER C 234 7.16 -8.32 29.28
CA SER C 234 7.15 -7.31 30.32
C SER C 234 8.25 -7.56 31.35
N MET C 235 8.88 -8.72 31.28
CA MET C 235 9.93 -9.09 32.22
C MET C 235 11.31 -8.79 31.65
N CYS C 236 11.36 -8.33 30.40
CA CYS C 236 12.61 -8.17 29.68
C CYS C 236 13.54 -7.12 30.29
N GLU C 237 12.94 -6.15 30.99
CA GLU C 237 13.72 -5.05 31.56
C GLU C 237 14.46 -5.49 32.82
N ILE C 238 14.20 -6.72 33.27
CA ILE C 238 14.90 -7.28 34.41
C ILE C 238 15.43 -8.68 34.13
N LYS C 239 15.76 -8.95 32.87
CA LYS C 239 16.21 -10.28 32.47
C LYS C 239 17.55 -10.66 33.12
N ASP C 240 18.35 -9.65 33.46
CA ASP C 240 19.63 -9.89 34.12
C ASP C 240 19.42 -10.33 35.57
N ILE C 241 18.54 -9.63 36.27
CA ILE C 241 18.21 -9.96 37.65
C ILE C 241 17.56 -11.35 37.74
N ILE C 242 16.67 -11.63 36.79
CA ILE C 242 16.05 -12.95 36.68
C ILE C 242 17.10 -14.04 36.55
N ARG C 243 18.16 -13.75 35.79
CA ARG C 243 19.26 -14.69 35.62
C ARG C 243 20.10 -14.78 36.89
N ASP C 244 20.61 -13.63 37.34
CA ASP C 244 21.53 -13.58 38.47
C ASP C 244 20.89 -13.98 39.81
N GLN C 245 19.77 -13.34 40.14
CA GLN C 245 19.10 -13.62 41.40
C GLN C 245 18.22 -14.88 41.31
N GLN C 246 18.16 -15.46 40.13
CA GLN C 246 17.47 -16.72 39.89
C GLN C 246 15.97 -16.69 40.22
N TYR C 247 15.23 -15.88 39.50
CA TYR C 247 13.76 -15.92 39.58
C TYR C 247 13.28 -17.09 38.74
N ASN C 248 12.08 -17.58 39.00
CA ASN C 248 11.54 -18.71 38.26
C ASN C 248 10.23 -18.41 37.54
N VAL C 249 10.11 -18.88 36.31
CA VAL C 249 8.88 -18.73 35.55
C VAL C 249 8.17 -20.08 35.34
N GLN C 250 6.86 -20.03 35.19
CA GLN C 250 6.07 -21.23 34.97
C GLN C 250 4.75 -20.93 34.25
N LEU C 251 4.22 -21.93 33.57
CA LEU C 251 2.89 -21.86 33.00
C LEU C 251 1.86 -22.02 34.11
N ILE C 252 1.27 -20.91 34.54
CA ILE C 252 0.22 -20.98 35.54
C ILE C 252 -1.13 -20.64 34.93
N GLY C 253 -2.11 -21.52 35.16
CA GLY C 253 -3.46 -21.27 34.69
C GLY C 253 -4.20 -20.42 35.68
N THR C 254 -5.25 -19.74 35.21
CA THR C 254 -6.10 -18.98 36.10
C THR C 254 -6.91 -19.95 36.95
N SER C 255 -7.24 -21.09 36.34
CA SER C 255 -7.89 -22.18 37.02
C SER C 255 -7.69 -23.45 36.20
N ASP C 256 -7.19 -24.50 36.85
CA ASP C 256 -6.97 -25.80 36.21
C ASP C 256 -6.01 -25.71 35.01
N LYS C 257 -6.54 -25.37 33.85
CA LYS C 257 -5.76 -25.38 32.61
C LYS C 257 -5.01 -24.07 32.35
N PRO C 258 -3.74 -24.19 31.94
CA PRO C 258 -2.92 -23.03 31.56
C PRO C 258 -3.21 -22.57 30.13
N TYR C 259 -3.56 -21.30 29.98
CA TYR C 259 -3.85 -20.75 28.66
C TYR C 259 -2.65 -20.05 28.05
N VAL C 260 -2.55 -20.11 26.74
CA VAL C 260 -1.42 -19.51 26.03
C VAL C 260 -1.90 -18.73 24.81
N TYR C 261 -1.07 -17.78 24.36
CA TYR C 261 -1.38 -17.01 23.16
C TYR C 261 -0.34 -17.29 22.08
N THR C 262 -0.79 -17.43 20.84
CA THR C 262 0.13 -17.61 19.72
C THR C 262 -0.12 -16.57 18.64
N ASP C 263 0.96 -15.98 18.12
CA ASP C 263 0.87 -15.07 16.99
C ASP C 263 1.30 -15.82 15.73
N VAL C 264 0.48 -15.76 14.69
CA VAL C 264 0.67 -16.59 13.51
C VAL C 264 0.82 -15.76 12.23
N LEU C 265 1.87 -16.06 11.47
CA LEU C 265 2.09 -15.46 10.16
C LEU C 265 1.23 -16.16 9.12
N ALA C 266 0.32 -15.43 8.49
CA ALA C 266 -0.60 -16.01 7.52
C ALA C 266 -0.43 -15.38 6.13
N LEU C 267 -0.97 -16.05 5.12
CA LEU C 267 -0.91 -15.56 3.75
C LEU C 267 -2.30 -15.15 3.26
N ASN C 268 -2.35 -14.10 2.43
CA ASN C 268 -3.60 -13.67 1.83
C ASN C 268 -4.11 -14.72 0.85
N SER C 269 -5.43 -14.85 0.75
CA SER C 269 -6.05 -15.87 -0.08
C SER C 269 -6.03 -15.52 -1.57
N ASN C 270 -5.56 -14.32 -1.90
CA ASN C 270 -5.52 -13.89 -3.30
C ASN C 270 -4.12 -13.91 -3.89
N LEU C 271 -3.16 -14.47 -3.14
CA LEU C 271 -1.78 -14.52 -3.60
C LEU C 271 -1.58 -15.48 -4.76
N CYS C 272 -0.85 -15.03 -5.77
CA CYS C 272 -0.52 -15.87 -6.92
C CYS C 272 0.60 -16.85 -6.57
N ASP C 273 0.87 -17.77 -7.48
CA ASP C 273 1.85 -18.83 -7.22
C ASP C 273 3.28 -18.33 -7.05
N GLU C 274 3.60 -17.21 -7.70
CA GLU C 274 4.95 -16.66 -7.61
C GLU C 274 5.16 -15.92 -6.28
N LYS C 275 4.19 -15.08 -5.91
CA LYS C 275 4.26 -14.34 -4.65
C LYS C 275 4.22 -15.29 -3.45
N GLN C 276 3.43 -16.35 -3.57
CA GLN C 276 3.25 -17.30 -2.48
C GLN C 276 4.57 -17.97 -2.11
N LYS C 277 5.38 -18.27 -3.12
CA LYS C 277 6.68 -18.87 -2.90
C LYS C 277 7.65 -17.87 -2.25
N VAL C 278 7.60 -16.63 -2.70
CA VAL C 278 8.45 -15.58 -2.17
C VAL C 278 8.09 -15.28 -0.72
N ALA C 279 6.80 -15.31 -0.41
CA ALA C 279 6.31 -15.07 0.94
C ALA C 279 6.87 -16.10 1.93
N VAL C 280 6.92 -17.36 1.50
CA VAL C 280 7.44 -18.43 2.34
C VAL C 280 8.92 -18.21 2.67
N GLU C 281 9.68 -17.70 1.70
CA GLU C 281 11.09 -17.41 1.91
C GLU C 281 11.27 -16.33 2.98
N VAL C 282 10.45 -15.29 2.90
CA VAL C 282 10.49 -14.20 3.88
C VAL C 282 10.10 -14.71 5.26
N ILE C 283 9.04 -15.51 5.31
CA ILE C 283 8.57 -16.09 6.56
C ILE C 283 9.61 -17.03 7.16
N LYS C 284 10.22 -17.85 6.31
CA LYS C 284 11.24 -18.80 6.76
C LYS C 284 12.42 -18.06 7.40
N ASN C 285 12.78 -16.92 6.83
CA ASN C 285 13.84 -16.10 7.40
C ASN C 285 13.41 -15.50 8.75
N LEU C 286 12.16 -15.05 8.82
CA LEU C 286 11.62 -14.48 10.05
C LEU C 286 11.62 -15.47 11.22
N LEU C 287 11.50 -16.75 10.89
CA LEU C 287 11.35 -17.78 11.93
C LEU C 287 12.63 -18.56 12.22
N THR C 288 13.59 -18.54 11.28
CA THR C 288 14.77 -19.38 11.41
C THR C 288 16.09 -18.61 11.51
N ASN C 289 16.10 -17.35 11.10
CA ASN C 289 17.31 -16.54 11.15
C ASN C 289 17.80 -16.38 12.60
N THR C 290 19.01 -16.85 12.87
CA THR C 290 19.54 -16.88 14.22
C THR C 290 19.71 -15.48 14.82
N LEU C 291 19.95 -14.48 13.98
CA LEU C 291 20.10 -13.11 14.46
C LEU C 291 18.76 -12.55 14.92
N VAL C 292 17.70 -12.91 14.22
CA VAL C 292 16.35 -12.51 14.61
C VAL C 292 15.98 -13.14 15.94
N LEU C 293 16.27 -14.44 16.07
CA LEU C 293 15.99 -15.18 17.30
C LEU C 293 16.78 -14.60 18.47
N ASP C 294 18.03 -14.22 18.22
CA ASP C 294 18.86 -13.64 19.26
C ASP C 294 18.31 -12.31 19.76
N LEU C 295 17.77 -11.52 18.83
CA LEU C 295 17.19 -10.22 19.19
C LEU C 295 15.91 -10.41 19.99
N LEU C 296 15.13 -11.44 19.63
CA LEU C 296 13.94 -11.79 20.38
C LEU C 296 14.30 -12.15 21.81
N GLY C 297 15.44 -12.80 21.98
CA GLY C 297 15.92 -13.22 23.28
C GLY C 297 16.22 -12.05 24.20
N LEU C 298 16.62 -10.93 23.61
CA LEU C 298 16.92 -9.73 24.38
C LEU C 298 15.65 -9.14 25.00
N GLY C 299 14.52 -9.37 24.36
CA GLY C 299 13.25 -8.85 24.84
C GLY C 299 12.37 -9.93 25.46
N LEU C 300 12.97 -11.09 25.71
CA LEU C 300 12.27 -12.23 26.31
C LEU C 300 11.01 -12.62 25.54
N THR C 301 11.08 -12.53 24.22
CA THR C 301 9.97 -12.92 23.36
C THR C 301 10.13 -14.38 22.96
N LEU C 302 9.05 -15.15 23.08
CA LEU C 302 9.13 -16.58 22.86
C LEU C 302 8.75 -16.96 21.44
N PRO C 303 9.67 -17.65 20.73
CA PRO C 303 9.32 -18.23 19.43
C PRO C 303 8.25 -19.30 19.62
N ALA C 304 7.49 -19.59 18.57
CA ALA C 304 6.40 -20.55 18.67
C ALA C 304 6.86 -21.97 18.38
N ASN C 305 7.97 -22.10 17.66
CA ASN C 305 8.49 -23.41 17.26
C ASN C 305 9.51 -23.98 18.24
N LYS C 306 9.61 -25.30 18.27
CA LYS C 306 10.54 -25.98 19.17
C LYS C 306 12.00 -25.63 18.87
N ASN C 307 12.31 -25.44 17.59
CA ASN C 307 13.68 -25.08 17.19
C ASN C 307 14.09 -23.71 17.70
N GLY C 308 13.19 -22.74 17.55
CA GLY C 308 13.44 -21.39 18.02
C GLY C 308 13.55 -21.34 19.54
N ILE C 309 12.68 -22.09 20.21
CA ILE C 309 12.70 -22.17 21.66
C ILE C 309 14.00 -22.81 22.15
N ALA C 310 14.40 -23.90 21.49
CA ALA C 310 15.62 -24.61 21.84
C ALA C 310 16.86 -23.72 21.67
N HIS C 311 16.86 -22.94 20.59
CA HIS C 311 17.99 -22.07 20.28
C HIS C 311 18.26 -21.05 21.39
N LEU C 312 17.19 -20.56 22.01
CA LEU C 312 17.32 -19.56 23.06
C LEU C 312 17.44 -20.20 24.44
N ALA C 313 17.03 -21.46 24.54
CA ALA C 313 17.10 -22.19 25.81
C ALA C 313 18.54 -22.59 26.15
N LYS C 314 19.39 -22.67 25.12
CA LYS C 314 20.77 -23.12 25.30
C LYS C 314 21.64 -22.09 26.01
N SER C 315 21.17 -20.85 26.09
CA SER C 315 21.96 -19.80 26.72
C SER C 315 21.15 -18.99 27.73
N SER C 316 19.96 -19.48 28.07
CA SER C 316 19.09 -18.78 29.01
C SER C 316 18.29 -19.77 29.86
N ASN C 317 18.43 -19.67 31.18
CA ASN C 317 17.68 -20.53 32.07
C ASN C 317 16.20 -20.18 32.02
N PHE C 318 15.91 -18.92 31.70
CA PHE C 318 14.55 -18.43 31.55
C PHE C 318 13.81 -19.21 30.47
N TYR C 319 14.42 -19.30 29.29
CA TYR C 319 13.82 -20.03 28.18
C TYR C 319 13.80 -21.53 28.45
N ALA C 320 14.81 -22.02 29.15
CA ALA C 320 14.90 -23.43 29.49
C ALA C 320 13.75 -23.85 30.40
N GLN C 321 13.45 -23.03 31.40
CA GLN C 321 12.35 -23.31 32.31
C GLN C 321 11.02 -23.35 31.57
N LEU C 322 10.85 -22.44 30.63
CA LEU C 322 9.62 -22.38 29.84
C LEU C 322 9.52 -23.57 28.88
N SER C 323 10.65 -23.94 28.29
CA SER C 323 10.70 -25.08 27.37
C SER C 323 10.30 -26.36 28.07
N GLN C 324 10.85 -26.59 29.26
CA GLN C 324 10.51 -27.76 30.06
C GLN C 324 9.05 -27.70 30.48
N GLN C 325 8.58 -26.47 30.73
CA GLN C 325 7.20 -26.24 31.12
C GLN C 325 6.24 -26.56 29.98
N PHE C 326 6.64 -26.20 28.77
CA PHE C 326 5.83 -26.44 27.57
C PHE C 326 5.76 -27.93 27.24
N ASP C 327 6.81 -28.67 27.57
CA ASP C 327 6.86 -30.10 27.29
C ASP C 327 6.06 -30.90 28.30
N ALA C 328 6.06 -30.45 29.54
CA ALA C 328 5.40 -31.17 30.63
C ALA C 328 3.89 -30.97 30.64
N LYS C 329 3.44 -29.78 30.26
CA LYS C 329 2.02 -29.45 30.30
C LYS C 329 1.44 -29.30 28.90
N GLU C 330 2.05 -29.96 27.93
CA GLU C 330 1.68 -29.81 26.53
C GLU C 330 0.21 -30.12 26.25
N SER C 331 -0.31 -31.16 26.90
CA SER C 331 -1.70 -31.57 26.68
C SER C 331 -2.67 -30.83 27.59
N GLU C 332 -2.14 -29.94 28.44
CA GLU C 332 -2.97 -29.19 29.37
C GLU C 332 -3.23 -27.78 28.87
N VAL C 333 -2.41 -27.33 27.92
CA VAL C 333 -2.50 -25.97 27.41
C VAL C 333 -3.73 -25.76 26.53
N ARG C 334 -4.45 -24.68 26.80
CA ARG C 334 -5.59 -24.29 25.98
C ARG C 334 -5.34 -22.95 25.30
N VAL C 335 -6.02 -22.71 24.18
CA VAL C 335 -5.93 -21.44 23.48
C VAL C 335 -7.32 -20.93 23.14
N LEU C 336 -7.64 -19.74 23.66
CA LEU C 336 -8.94 -19.12 23.42
C LEU C 336 -9.00 -18.50 22.03
N ARG C 337 -10.05 -18.80 21.28
CA ARG C 337 -10.21 -18.28 19.92
C ARG C 337 -11.64 -17.85 19.64
N CYS C 338 -11.79 -16.87 18.75
CA CYS C 338 -13.11 -16.34 18.41
C CYS C 338 -13.57 -16.83 17.04
N VAL C 339 -14.80 -17.33 16.99
CA VAL C 339 -15.33 -17.92 15.76
C VAL C 339 -15.92 -16.88 14.80
N ASP C 340 -16.75 -15.98 15.31
CA ASP C 340 -17.47 -15.05 14.45
C ASP C 340 -17.43 -13.60 14.92
N PHE C 341 -16.46 -13.27 15.76
CA PHE C 341 -16.30 -11.89 16.24
C PHE C 341 -14.84 -11.54 16.46
N ALA C 342 -14.60 -10.28 16.80
CA ALA C 342 -13.23 -9.81 17.05
C ALA C 342 -13.17 -8.70 18.07
N ASN C 343 -12.33 -7.70 17.82
CA ASN C 343 -12.03 -6.64 18.79
C ASN C 343 -13.23 -5.87 19.33
N LYS C 344 -14.18 -5.56 18.46
CA LYS C 344 -15.37 -4.80 18.87
C LYS C 344 -16.13 -5.53 19.96
N GLU C 345 -16.46 -6.79 19.70
CA GLU C 345 -17.23 -7.61 20.63
C GLU C 345 -16.44 -7.92 21.90
N VAL C 346 -15.11 -7.98 21.78
CA VAL C 346 -14.26 -8.22 22.94
C VAL C 346 -14.33 -7.04 23.91
N LYS C 347 -14.19 -5.84 23.39
CA LYS C 347 -14.26 -4.63 24.22
C LYS C 347 -15.65 -4.46 24.83
N ASN C 348 -16.69 -4.75 24.06
CA ASN C 348 -18.06 -4.66 24.55
C ASN C 348 -18.33 -5.65 25.67
N CYS C 349 -17.82 -6.88 25.52
CA CYS C 349 -18.01 -7.91 26.53
C CYS C 349 -17.34 -7.52 27.84
N ALA C 350 -16.15 -6.94 27.73
CA ALA C 350 -15.41 -6.49 28.90
C ALA C 350 -16.13 -5.36 29.62
N GLY C 351 -16.79 -4.50 28.84
CA GLY C 351 -17.54 -3.38 29.39
C GLY C 351 -18.74 -3.82 30.21
N VAL C 352 -19.32 -4.95 29.82
CA VAL C 352 -20.44 -5.53 30.55
C VAL C 352 -19.96 -6.15 31.87
N LEU C 353 -18.80 -6.79 31.82
CA LEU C 353 -18.26 -7.53 32.97
C LEU C 353 -17.70 -6.63 34.07
N ARG C 354 -17.11 -5.50 33.68
CA ARG C 354 -16.45 -4.61 34.64
C ARG C 354 -17.24 -4.21 35.91
N PRO C 355 -18.53 -3.81 35.76
CA PRO C 355 -19.27 -3.43 36.97
C PRO C 355 -19.44 -4.59 37.96
N PHE C 356 -19.28 -5.82 37.48
CA PHE C 356 -19.43 -6.99 38.34
C PHE C 356 -18.10 -7.41 38.95
N LEU C 357 -17.01 -6.78 38.50
CA LEU C 357 -15.69 -7.08 39.03
C LEU C 357 -15.36 -6.19 40.21
N PRO D 6 -0.59 2.82 -11.14
CA PRO D 6 0.58 3.70 -11.25
C PRO D 6 0.34 5.05 -10.57
N LYS D 7 -0.72 5.75 -10.97
CA LYS D 7 -1.08 7.01 -10.34
C LYS D 7 -2.28 6.84 -9.40
N THR D 8 -1.99 6.48 -8.16
CA THR D 8 -3.06 6.25 -7.17
C THR D 8 -2.96 7.19 -5.99
N LEU D 9 -4.12 7.57 -5.46
CA LEU D 9 -4.20 8.48 -4.32
C LEU D 9 -4.92 7.78 -3.17
N THR D 10 -4.16 7.41 -2.14
CA THR D 10 -4.71 6.65 -1.02
C THR D 10 -5.42 7.54 0.01
N VAL D 11 -6.66 7.20 0.31
CA VAL D 11 -7.46 7.98 1.25
C VAL D 11 -7.89 7.14 2.45
N GLY D 12 -7.52 7.57 3.64
CA GLY D 12 -7.90 6.88 4.87
C GLY D 12 -9.10 7.51 5.53
N LEU D 13 -10.24 6.84 5.45
CA LEU D 13 -11.49 7.36 6.00
C LEU D 13 -11.68 7.00 7.47
N PHE D 14 -12.39 7.86 8.19
CA PHE D 14 -12.75 7.60 9.58
C PHE D 14 -13.84 6.52 9.63
N PRO D 15 -13.50 5.34 10.18
CA PRO D 15 -14.36 4.15 10.10
C PRO D 15 -15.44 4.10 11.17
N TYR D 16 -15.32 4.89 12.23
CA TYR D 16 -16.25 4.80 13.35
C TYR D 16 -17.55 5.57 13.14
N LEU D 17 -18.36 5.06 12.21
CA LEU D 17 -19.65 5.64 11.89
C LEU D 17 -20.75 4.69 12.34
N PRO D 18 -21.96 5.21 12.61
CA PRO D 18 -23.06 4.40 13.15
C PRO D 18 -23.43 3.19 12.28
N SER D 19 -24.25 2.31 12.84
CA SER D 19 -24.68 1.10 12.14
C SER D 19 -26.16 0.80 12.38
N TRP D 20 -26.70 -0.11 11.58
CA TRP D 20 -28.08 -0.57 11.75
C TRP D 20 -28.13 -2.09 11.73
N ASN D 21 -29.00 -2.66 12.55
CA ASN D 21 -29.16 -4.12 12.60
C ASN D 21 -30.53 -4.56 13.13
N GLU D 22 -30.94 -5.75 12.74
CA GLU D 22 -32.20 -6.34 13.20
C GLU D 22 -31.99 -7.80 13.54
N ASN D 23 -31.78 -8.62 12.51
CA ASN D 23 -31.46 -10.03 12.70
C ASN D 23 -30.13 -10.39 12.08
N GLY D 24 -29.04 -9.91 12.69
CA GLY D 24 -27.70 -10.22 12.21
C GLY D 24 -27.25 -9.32 11.08
N ASN D 25 -28.14 -9.07 10.12
CA ASN D 25 -27.83 -8.23 8.97
C ASN D 25 -27.42 -6.82 9.37
N GLU D 26 -26.11 -6.61 9.48
CA GLU D 26 -25.57 -5.32 9.90
C GLU D 26 -25.32 -4.41 8.71
N VAL D 27 -25.72 -3.16 8.84
CA VAL D 27 -25.47 -2.16 7.81
C VAL D 27 -24.57 -1.07 8.35
N LYS D 28 -23.36 -0.96 7.78
CA LYS D 28 -22.42 0.06 8.20
C LYS D 28 -22.57 1.31 7.34
N LEU D 29 -22.68 2.47 7.99
CA LEU D 29 -22.87 3.73 7.29
C LEU D 29 -21.62 4.09 6.48
N ILE D 30 -20.48 3.58 6.93
CA ILE D 30 -19.21 3.83 6.24
C ILE D 30 -19.20 3.14 4.87
N ASN D 31 -19.94 2.04 4.77
CA ASN D 31 -20.02 1.30 3.51
C ASN D 31 -20.94 1.99 2.50
N LEU D 32 -22.03 2.57 2.99
CA LEU D 32 -22.96 3.30 2.13
C LEU D 32 -22.28 4.54 1.58
N ILE D 33 -21.41 5.15 2.37
CA ILE D 33 -20.70 6.34 1.96
C ILE D 33 -19.56 6.02 0.98
N LYS D 34 -18.86 4.92 1.21
CA LYS D 34 -17.78 4.51 0.31
C LYS D 34 -18.29 4.17 -1.09
N ASP D 35 -19.51 3.63 -1.16
CA ASP D 35 -20.12 3.27 -2.44
C ASP D 35 -20.54 4.51 -3.23
N VAL D 36 -20.48 5.66 -2.59
CA VAL D 36 -20.90 6.92 -3.21
C VAL D 36 -19.68 7.72 -3.68
N LEU D 37 -18.57 7.61 -2.94
CA LEU D 37 -17.36 8.36 -3.24
C LEU D 37 -16.77 8.00 -4.60
N PRO D 38 -16.31 9.02 -5.34
CA PRO D 38 -15.72 8.84 -6.68
C PRO D 38 -14.34 8.18 -6.62
N THR D 39 -14.13 7.17 -7.46
CA THR D 39 -12.87 6.44 -7.47
C THR D 39 -11.92 6.95 -8.54
N GLN D 40 -12.40 7.85 -9.39
CA GLN D 40 -11.60 8.40 -10.47
C GLN D 40 -11.68 9.93 -10.49
N VAL D 41 -10.63 10.57 -9.99
CA VAL D 41 -10.60 12.03 -9.91
C VAL D 41 -9.32 12.62 -10.52
N SER D 42 -9.50 13.44 -11.54
CA SER D 42 -8.40 14.15 -12.19
C SER D 42 -7.29 13.20 -12.68
N GLY D 43 -7.70 12.09 -13.28
CA GLY D 43 -6.75 11.13 -13.83
C GLY D 43 -6.08 10.27 -12.78
N TYR D 44 -6.53 10.40 -11.53
CA TYR D 44 -5.99 9.60 -10.43
C TYR D 44 -6.97 8.51 -10.00
N ASN D 45 -6.41 7.35 -9.62
CA ASN D 45 -7.22 6.26 -9.10
C ASN D 45 -7.29 6.33 -7.58
N ILE D 46 -8.45 6.68 -7.05
CA ILE D 46 -8.60 6.90 -5.62
C ILE D 46 -8.92 5.61 -4.87
N GLU D 47 -8.06 5.25 -3.93
CA GLU D 47 -8.26 4.06 -3.12
C GLU D 47 -8.72 4.42 -1.70
N TYR D 48 -10.00 4.22 -1.43
CA TYR D 48 -10.55 4.52 -0.11
C TYR D 48 -10.37 3.34 0.84
N THR D 49 -9.78 3.60 1.99
CA THR D 49 -9.56 2.56 2.98
C THR D 49 -9.91 3.08 4.37
N GLU D 50 -10.20 2.17 5.29
CA GLU D 50 -10.53 2.56 6.65
C GLU D 50 -9.26 2.78 7.48
N PHE D 51 -9.11 4.00 7.98
CA PHE D 51 -7.92 4.38 8.74
C PHE D 51 -8.22 4.48 10.23
N ASP D 52 -7.68 3.55 11.00
CA ASP D 52 -7.91 3.49 12.44
C ASP D 52 -6.96 4.41 13.19
N CYS D 53 -7.40 5.63 13.48
CA CYS D 53 -6.58 6.60 14.18
C CYS D 53 -6.42 6.24 15.66
N TYR D 54 -7.19 5.26 16.12
CA TYR D 54 -7.07 4.79 17.50
C TYR D 54 -6.15 3.59 17.58
N SER D 55 -5.21 3.51 16.64
CA SER D 55 -4.20 2.48 16.61
C SER D 55 -2.84 3.14 16.34
N ASP D 56 -1.91 2.99 17.27
CA ASP D 56 -0.59 3.60 17.15
C ASP D 56 0.17 3.09 15.94
N ALA D 57 -0.07 1.83 15.58
CA ALA D 57 0.58 1.25 14.41
C ALA D 57 0.12 1.91 13.12
N SER D 58 -1.13 2.39 13.13
CA SER D 58 -1.68 3.08 11.96
C SER D 58 -1.23 4.52 11.91
N LEU D 59 -0.99 5.11 13.08
CA LEU D 59 -0.49 6.48 13.16
C LEU D 59 0.97 6.56 12.70
N GLN D 60 1.65 5.42 12.72
CA GLN D 60 3.05 5.35 12.31
C GLN D 60 3.20 5.40 10.79
N SER D 61 2.29 4.75 10.09
CA SER D 61 2.33 4.72 8.63
C SER D 61 1.11 5.42 8.03
N LEU D 62 1.26 6.70 7.72
CA LEU D 62 0.15 7.50 7.20
C LEU D 62 0.01 7.38 5.69
N PRO D 63 -1.24 7.30 5.20
CA PRO D 63 -1.53 7.33 3.76
C PRO D 63 -1.36 8.73 3.20
N ASP D 64 -1.79 8.94 1.96
CA ASP D 64 -1.72 10.27 1.36
C ASP D 64 -2.60 11.26 2.11
N VAL D 65 -3.89 10.93 2.22
CA VAL D 65 -4.82 11.71 3.02
C VAL D 65 -5.55 10.79 4.00
N PHE D 66 -5.69 11.25 5.24
CA PHE D 66 -6.28 10.43 6.29
C PHE D 66 -7.16 11.25 7.23
N SER D 67 -8.20 10.62 7.75
CA SER D 67 -9.08 11.26 8.72
C SER D 67 -8.75 10.80 10.13
N THR D 68 -8.24 11.73 10.95
CA THR D 68 -7.84 11.39 12.31
C THR D 68 -8.54 12.25 13.36
N ASP D 69 -8.79 11.67 14.53
CA ASP D 69 -9.30 12.41 15.67
C ASP D 69 -8.28 13.46 16.05
N SER D 70 -8.73 14.69 16.25
CA SER D 70 -7.84 15.81 16.56
C SER D 70 -7.19 15.69 17.94
N ILE D 71 -7.59 14.67 18.69
CA ILE D 71 -7.02 14.42 20.01
C ILE D 71 -5.57 13.95 19.89
N PHE D 72 -5.22 13.42 18.71
CA PHE D 72 -3.87 12.92 18.47
C PHE D 72 -3.15 13.78 17.43
N LEU D 73 -3.76 14.89 17.04
CA LEU D 73 -3.20 15.76 16.01
C LEU D 73 -1.86 16.41 16.37
N PRO D 74 -1.76 17.04 17.56
CA PRO D 74 -0.46 17.64 17.91
C PRO D 74 0.66 16.61 18.00
N TYR D 75 0.35 15.42 18.53
CA TYR D 75 1.32 14.34 18.60
C TYR D 75 1.71 13.88 17.21
N LEU D 76 0.74 13.88 16.29
CA LEU D 76 0.96 13.45 14.92
C LEU D 76 1.80 14.48 14.17
N VAL D 77 1.63 15.75 14.54
CA VAL D 77 2.39 16.84 13.94
C VAL D 77 3.86 16.79 14.37
N SER D 78 4.09 16.40 15.63
CA SER D 78 5.45 16.36 16.19
C SER D 78 6.33 15.31 15.52
N LEU D 79 5.73 14.47 14.69
CA LEU D 79 6.47 13.45 13.96
C LEU D 79 6.57 13.80 12.48
N GLY D 80 6.38 15.07 12.16
CA GLY D 80 6.31 15.51 10.78
C GLY D 80 5.03 14.99 10.17
N GLY D 81 5.15 13.99 9.28
CA GLY D 81 4.01 13.28 8.75
C GLY D 81 2.93 14.10 8.06
N VAL D 82 2.35 15.04 8.79
CA VAL D 82 1.24 15.84 8.26
C VAL D 82 1.69 17.20 7.73
N LYS D 83 1.30 17.51 6.49
CA LYS D 83 1.67 18.76 5.86
C LYS D 83 0.81 19.93 6.34
N SER D 84 1.47 21.05 6.65
CA SER D 84 0.77 22.27 7.04
C SER D 84 0.05 22.86 5.82
N LEU D 85 -1.07 23.52 6.06
CA LEU D 85 -1.90 24.03 4.97
C LEU D 85 -2.19 25.52 5.11
N ASP D 86 -2.65 26.13 4.04
CA ASP D 86 -3.04 27.53 4.05
C ASP D 86 -4.46 27.69 4.59
N GLU D 87 -4.67 28.74 5.37
CA GLU D 87 -5.99 29.00 5.94
C GLU D 87 -7.01 29.30 4.84
N SER D 88 -6.52 29.88 3.75
CA SER D 88 -7.37 30.21 2.60
C SER D 88 -7.75 28.95 1.82
N LEU D 89 -6.85 27.97 1.82
CA LEU D 89 -7.09 26.71 1.14
C LEU D 89 -8.20 25.91 1.84
N VAL D 90 -8.20 25.95 3.17
CA VAL D 90 -9.21 25.22 3.94
C VAL D 90 -10.57 25.91 3.84
N ARG D 91 -10.56 27.22 3.99
CA ARG D 91 -11.79 28.02 3.92
CA ARG D 91 -11.77 28.05 3.90
C ARG D 91 -12.44 27.92 2.53
N GLY D 92 -11.63 27.68 1.52
CA GLY D 92 -12.13 27.56 0.16
C GLY D 92 -12.88 26.25 -0.04
N VAL D 93 -12.74 25.34 0.91
CA VAL D 93 -13.41 24.04 0.84
C VAL D 93 -14.50 23.93 1.90
N THR D 94 -14.12 24.15 3.16
CA THR D 94 -15.03 23.96 4.28
C THR D 94 -15.99 25.13 4.43
N GLY D 95 -15.48 26.35 4.28
CA GLY D 95 -16.27 27.54 4.49
C GLY D 95 -16.12 28.05 5.91
N ASP D 96 -17.22 28.52 6.49
CA ASP D 96 -17.21 29.03 7.86
C ASP D 96 -17.11 27.92 8.90
N LEU D 97 -16.15 28.05 9.81
CA LEU D 97 -15.98 27.10 10.90
C LEU D 97 -16.13 27.81 12.24
N HIS D 98 -16.63 27.10 13.23
CA HIS D 98 -16.70 27.64 14.59
C HIS D 98 -15.28 27.85 15.11
N SER D 99 -15.15 28.69 16.13
CA SER D 99 -13.84 29.00 16.69
C SER D 99 -13.16 27.76 17.27
N PHE D 100 -13.95 26.90 17.89
CA PHE D 100 -13.40 25.68 18.50
C PHE D 100 -13.07 24.60 17.46
N VAL D 101 -13.81 24.61 16.35
CA VAL D 101 -13.57 23.65 15.28
C VAL D 101 -12.25 23.96 14.57
N SER D 102 -12.03 25.24 14.26
CA SER D 102 -10.82 25.66 13.59
C SER D 102 -9.59 25.51 14.48
N SER D 103 -9.79 25.68 15.79
CA SER D 103 -8.70 25.59 16.74
C SER D 103 -8.21 24.16 16.92
N SER D 104 -9.13 23.20 16.79
CA SER D 104 -8.80 21.79 16.96
C SER D 104 -7.89 21.29 15.85
N ALA D 105 -7.95 21.94 14.70
CA ALA D 105 -7.14 21.57 13.55
C ALA D 105 -5.87 22.43 13.44
N SER D 106 -5.68 23.30 14.43
CA SER D 106 -4.52 24.19 14.43
C SER D 106 -3.48 23.76 15.46
N VAL D 107 -2.23 23.64 15.00
CA VAL D 107 -1.12 23.29 15.88
C VAL D 107 0.02 24.30 15.74
N ASN D 108 0.43 24.88 16.87
CA ASN D 108 1.54 25.83 16.91
C ASN D 108 1.40 27.02 15.97
N GLY D 109 0.15 27.41 15.70
CA GLY D 109 -0.12 28.57 14.87
C GLY D 109 -0.29 28.25 13.39
N SER D 110 -0.30 26.96 13.07
CA SER D 110 -0.44 26.53 11.69
C SER D 110 -1.64 25.60 11.51
N VAL D 111 -2.18 25.55 10.30
CA VAL D 111 -3.33 24.70 10.00
C VAL D 111 -2.86 23.35 9.45
N TYR D 112 -3.37 22.27 10.00
CA TYR D 112 -2.92 20.93 9.62
C TYR D 112 -4.05 19.99 9.18
N GLY D 113 -5.13 20.54 8.65
CA GLY D 113 -6.18 19.69 8.10
C GLY D 113 -7.55 20.31 7.93
N PHE D 114 -8.43 19.56 7.27
CA PHE D 114 -9.80 19.98 7.01
C PHE D 114 -10.74 19.28 7.98
N PRO D 115 -11.42 20.05 8.85
CA PRO D 115 -12.39 19.49 9.80
C PRO D 115 -13.54 18.78 9.08
N GLN D 116 -13.76 17.51 9.41
CA GLN D 116 -14.78 16.71 8.74
C GLN D 116 -15.98 16.43 9.63
N TYR D 117 -15.73 15.85 10.80
CA TYR D 117 -16.79 15.45 11.71
C TYR D 117 -16.74 16.20 13.03
N LEU D 118 -17.93 16.47 13.56
CA LEU D 118 -18.05 17.08 14.88
C LEU D 118 -18.77 16.09 15.78
N CYS D 119 -18.30 15.95 17.00
CA CYS D 119 -18.83 14.92 17.90
C CYS D 119 -18.71 15.35 19.35
N SER D 120 -19.61 14.84 20.19
CA SER D 120 -19.59 15.13 21.62
C SER D 120 -20.48 14.18 22.39
N ASN D 121 -20.31 14.14 23.71
CA ASN D 121 -21.20 13.38 24.57
C ASN D 121 -22.40 14.23 24.98
N PHE D 122 -23.38 14.32 24.08
CA PHE D 122 -24.54 15.16 24.32
C PHE D 122 -25.47 14.56 25.37
N LEU D 123 -26.39 15.38 25.88
CA LEU D 123 -27.43 14.91 26.77
C LEU D 123 -28.77 14.87 26.05
N LEU D 124 -29.33 13.67 25.92
CA LEU D 124 -30.63 13.50 25.30
C LEU D 124 -31.71 13.42 26.37
N SER D 125 -32.43 14.50 26.58
CA SER D 125 -33.50 14.53 27.57
C SER D 125 -34.83 14.13 26.94
N SER D 126 -35.53 13.20 27.58
CA SER D 126 -36.82 12.73 27.11
C SER D 126 -37.88 13.80 27.35
N PRO D 127 -39.06 13.68 26.72
CA PRO D 127 -40.13 14.64 26.99
C PRO D 127 -40.64 14.58 28.42
N ASN D 128 -40.31 13.49 29.12
CA ASN D 128 -40.73 13.32 30.52
C ASN D 128 -39.64 13.74 31.50
N ALA D 129 -38.54 14.27 30.97
CA ALA D 129 -37.42 14.69 31.81
C ALA D 129 -37.80 15.95 32.59
N THR D 130 -37.79 15.84 33.92
CA THR D 130 -38.21 16.94 34.77
C THR D 130 -37.01 17.72 35.31
N GLN D 131 -35.81 17.21 35.08
CA GLN D 131 -34.61 17.83 35.60
C GLN D 131 -33.74 18.42 34.49
N GLN D 132 -33.07 19.53 34.80
CA GLN D 132 -32.17 20.17 33.85
C GLN D 132 -30.91 20.68 34.54
N ALA D 133 -29.79 20.69 33.82
CA ALA D 133 -28.52 21.10 34.40
C ALA D 133 -27.57 21.70 33.37
N SER D 134 -26.52 22.37 33.87
CA SER D 134 -25.53 22.99 33.00
C SER D 134 -24.27 22.13 32.90
N SER D 135 -24.25 21.03 33.64
CA SER D 135 -23.13 20.09 33.60
C SER D 135 -23.57 18.72 34.10
N LEU D 136 -22.82 17.69 33.73
CA LEU D 136 -23.13 16.33 34.17
C LEU D 136 -22.92 16.18 35.67
N LEU D 137 -21.99 16.95 36.22
CA LEU D 137 -21.74 16.94 37.65
C LEU D 137 -22.97 17.49 38.37
N GLU D 138 -23.52 18.58 37.85
CA GLU D 138 -24.70 19.20 38.42
C GLU D 138 -25.90 18.27 38.28
N LEU D 139 -26.04 17.66 37.10
CA LEU D 139 -27.13 16.74 36.83
C LEU D 139 -27.06 15.51 37.75
N ALA D 140 -25.85 15.06 38.03
CA ALA D 140 -25.63 13.90 38.89
C ALA D 140 -26.15 14.14 40.30
N GLN D 141 -25.92 15.34 40.83
CA GLN D 141 -26.43 15.73 42.13
C GLN D 141 -27.95 15.88 42.11
N LYS D 142 -28.47 16.40 41.00
CA LYS D 142 -29.90 16.67 40.86
C LYS D 142 -30.75 15.41 40.80
N VAL D 143 -30.33 14.43 40.00
CA VAL D 143 -31.09 13.19 39.90
C VAL D 143 -30.98 12.37 41.18
N GLY D 144 -32.12 12.05 41.77
CA GLY D 144 -32.17 11.29 43.00
C GLY D 144 -32.61 9.86 42.75
N TYR D 145 -33.92 9.66 42.62
CA TYR D 145 -34.46 8.32 42.37
C TYR D 145 -34.52 8.05 40.87
N GLU D 146 -34.41 9.11 40.08
CA GLU D 146 -34.22 8.97 38.65
C GLU D 146 -32.73 8.79 38.39
N GLN D 147 -32.38 8.08 37.32
CA GLN D 147 -30.98 7.79 37.04
C GLN D 147 -30.63 7.97 35.56
N ILE D 148 -29.36 8.28 35.31
CA ILE D 148 -28.89 8.58 33.96
C ILE D 148 -28.43 7.31 33.24
N VAL D 149 -28.60 7.28 31.92
CA VAL D 149 -27.97 6.25 31.10
C VAL D 149 -26.74 6.83 30.41
N TYR D 150 -25.57 6.33 30.78
CA TYR D 150 -24.31 6.78 30.22
C TYR D 150 -23.42 5.57 30.05
N PRO D 151 -23.66 4.78 28.98
CA PRO D 151 -23.03 3.49 28.72
C PRO D 151 -21.51 3.47 28.82
N ASP D 152 -20.85 4.45 28.19
CA ASP D 152 -19.38 4.48 28.17
C ASP D 152 -18.77 4.66 29.56
N VAL D 153 -19.52 5.27 30.47
CA VAL D 153 -19.05 5.47 31.84
C VAL D 153 -19.31 4.24 32.68
N ALA D 154 -20.49 3.65 32.52
CA ALA D 154 -20.85 2.44 33.24
C ALA D 154 -19.97 1.25 32.85
N SER D 155 -19.38 1.32 31.66
CA SER D 155 -18.54 0.23 31.17
C SER D 155 -17.05 0.50 31.40
N SER D 156 -16.75 1.70 31.88
CA SER D 156 -15.38 2.11 32.18
C SER D 156 -14.45 1.98 30.97
N SER D 157 -14.89 2.50 29.83
CA SER D 157 -14.09 2.47 28.61
C SER D 157 -12.83 3.33 28.78
N SER D 158 -11.72 2.84 28.24
CA SER D 158 -10.43 3.51 28.37
C SER D 158 -10.48 4.96 27.91
N PHE D 159 -11.01 5.17 26.71
CA PHE D 159 -11.09 6.51 26.13
C PHE D 159 -11.99 7.42 26.96
N THR D 160 -13.07 6.85 27.48
CA THR D 160 -14.03 7.61 28.29
C THR D 160 -13.48 7.91 29.68
N VAL D 161 -12.83 6.92 30.28
CA VAL D 161 -12.22 7.09 31.60
C VAL D 161 -11.14 8.16 31.55
N PHE D 162 -10.28 8.07 30.54
CA PHE D 162 -9.21 9.04 30.34
C PHE D 162 -9.79 10.43 30.04
N GLY D 163 -10.87 10.46 29.26
CA GLY D 163 -11.49 11.70 28.86
C GLY D 163 -12.04 12.51 30.02
N LEU D 164 -12.93 11.90 30.80
CA LEU D 164 -13.59 12.59 31.90
C LEU D 164 -12.61 13.10 32.95
N TYR D 165 -11.61 12.28 33.27
CA TYR D 165 -10.60 12.66 34.26
C TYR D 165 -9.88 13.94 33.84
N GLN D 166 -9.50 14.00 32.57
CA GLN D 166 -8.79 15.17 32.05
C GLN D 166 -9.70 16.39 31.94
N GLN D 167 -10.96 16.17 31.61
CA GLN D 167 -11.92 17.27 31.47
C GLN D 167 -12.27 17.88 32.83
N LEU D 168 -12.24 17.06 33.87
CA LEU D 168 -12.51 17.53 35.23
C LEU D 168 -11.29 18.27 35.79
N LEU D 169 -10.11 17.78 35.45
CA LEU D 169 -8.86 18.30 36.00
C LEU D 169 -8.39 19.57 35.33
N GLN D 170 -8.45 19.60 34.00
CA GLN D 170 -7.86 20.69 33.22
C GLN D 170 -8.74 21.95 33.16
N SER D 171 -8.10 23.07 32.83
CA SER D 171 -8.78 24.34 32.68
C SER D 171 -7.94 25.25 31.78
N SER D 172 -8.43 25.49 30.57
CA SER D 172 -7.66 26.23 29.57
C SER D 172 -8.20 27.63 29.32
N SER D 173 -7.39 28.46 28.66
CA SER D 173 -7.79 29.80 28.28
C SER D 173 -8.54 29.77 26.95
N SER D 174 -7.98 29.07 25.98
CA SER D 174 -8.60 28.91 24.67
C SER D 174 -9.29 27.55 24.54
N ALA D 175 -9.80 27.27 23.35
CA ALA D 175 -10.55 26.04 23.12
C ALA D 175 -9.67 24.79 23.14
N ALA D 176 -8.41 24.96 22.75
CA ALA D 176 -7.48 23.84 22.68
C ALA D 176 -6.89 23.51 24.05
N VAL D 177 -7.26 22.35 24.58
CA VAL D 177 -6.70 21.88 25.84
C VAL D 177 -5.62 20.84 25.56
N ASP D 178 -4.38 21.30 25.44
CA ASP D 178 -3.27 20.45 25.06
C ASP D 178 -2.48 19.97 26.28
N ILE D 179 -2.42 18.65 26.45
CA ILE D 179 -1.70 18.05 27.57
C ILE D 179 -0.56 17.16 27.10
N LYS D 180 0.46 17.02 27.93
CA LYS D 180 1.60 16.16 27.62
C LYS D 180 1.62 14.92 28.49
N ALA D 181 2.50 13.98 28.15
CA ALA D 181 2.57 12.69 28.85
C ALA D 181 2.96 12.84 30.32
N SER D 182 3.67 13.91 30.65
CA SER D 182 4.13 14.14 32.01
C SER D 182 3.01 14.63 32.92
N ASP D 183 1.84 14.87 32.34
CA ASP D 183 0.68 15.32 33.12
C ASP D 183 -0.21 14.16 33.53
N LEU D 184 0.12 12.97 33.05
CA LEU D 184 -0.68 11.78 33.32
C LEU D 184 -0.18 11.01 34.54
N PRO D 185 -1.11 10.53 35.38
CA PRO D 185 -0.78 9.70 36.54
C PRO D 185 -0.10 8.40 36.11
N GLN D 186 1.06 8.11 36.69
CA GLN D 186 1.84 6.94 36.29
C GLN D 186 1.66 5.77 37.26
N SER D 187 1.44 6.08 38.53
CA SER D 187 1.38 5.05 39.56
C SER D 187 0.00 4.87 40.18
N GLY D 188 -0.47 5.89 40.88
CA GLY D 188 -1.74 5.82 41.59
C GLY D 188 -1.78 6.80 42.73
N ASP D 189 -0.60 7.12 43.28
CA ASP D 189 -0.49 8.14 44.30
C ASP D 189 -0.42 9.52 43.65
N GLN D 190 -0.35 9.53 42.33
CA GLN D 190 -0.35 10.76 41.56
C GLN D 190 -1.76 11.12 41.13
N VAL D 191 -2.68 10.18 41.32
CA VAL D 191 -4.08 10.37 40.96
C VAL D 191 -4.77 11.38 41.89
N ASN D 192 -5.38 12.39 41.29
CA ASN D 192 -6.11 13.39 42.05
C ASN D 192 -7.41 12.81 42.61
N LYS D 193 -7.47 12.65 43.92
CA LYS D 193 -8.62 12.02 44.58
C LYS D 193 -9.86 12.91 44.56
N ASP D 194 -9.66 14.21 44.45
CA ASP D 194 -10.78 15.15 44.35
C ASP D 194 -11.49 14.99 43.02
N ILE D 195 -10.70 14.84 41.94
CA ILE D 195 -11.24 14.60 40.61
C ILE D 195 -11.91 13.24 40.58
N THR D 196 -11.26 12.27 41.21
CA THR D 196 -11.78 10.91 41.32
C THR D 196 -13.10 10.90 42.09
N GLN D 197 -13.23 11.80 43.06
CA GLN D 197 -14.44 11.94 43.86
C GLN D 197 -15.61 12.39 42.98
N LYS D 198 -15.34 13.30 42.06
CA LYS D 198 -16.38 13.86 41.19
C LYS D 198 -16.81 12.89 40.10
N TYR D 199 -15.85 12.11 39.60
CA TYR D 199 -16.13 11.09 38.59
C TYR D 199 -17.12 10.08 39.15
N ARG D 200 -16.91 9.69 40.39
CA ARG D 200 -17.71 8.65 41.04
C ARG D 200 -19.15 9.12 41.24
N THR D 201 -19.32 10.42 41.50
CA THR D 201 -20.65 11.01 41.64
C THR D 201 -21.45 10.80 40.36
N ILE D 202 -20.80 11.06 39.22
CA ILE D 202 -21.42 10.83 37.92
C ILE D 202 -21.68 9.34 37.71
N LEU D 203 -20.69 8.52 38.02
CA LEU D 203 -20.80 7.08 37.88
C LEU D 203 -21.95 6.49 38.70
N ASP D 204 -22.10 6.98 39.92
CA ASP D 204 -23.17 6.51 40.80
C ASP D 204 -24.53 6.94 40.31
N SER D 205 -24.56 8.01 39.51
CA SER D 205 -25.81 8.54 38.98
C SER D 205 -26.20 7.86 37.66
N THR D 206 -25.45 6.83 37.28
CA THR D 206 -25.75 6.11 36.03
C THR D 206 -26.28 4.71 36.31
N VAL D 207 -27.26 4.30 35.51
CA VAL D 207 -27.75 2.93 35.57
C VAL D 207 -26.76 2.04 34.85
N VAL D 208 -26.61 0.80 35.31
CA VAL D 208 -25.80 -0.17 34.61
C VAL D 208 -26.59 -0.71 33.42
N ALA D 209 -26.48 -0.02 32.29
CA ALA D 209 -27.23 -0.39 31.09
C ALA D 209 -26.47 0.03 29.82
N SER D 210 -26.55 -0.82 28.80
CA SER D 210 -25.88 -0.56 27.54
C SER D 210 -26.72 0.32 26.63
N GLN D 211 -26.12 0.80 25.53
CA GLN D 211 -26.82 1.59 24.55
C GLN D 211 -27.98 0.80 23.95
N ARG D 212 -27.72 -0.46 23.62
CA ARG D 212 -28.73 -1.33 23.03
C ARG D 212 -29.92 -1.50 23.95
N GLU D 213 -29.68 -1.54 25.26
CA GLU D 213 -30.75 -1.65 26.23
C GLU D 213 -31.62 -0.40 26.27
N TYR D 214 -30.98 0.76 26.22
CA TYR D 214 -31.70 2.00 26.22
C TYR D 214 -32.47 2.15 24.92
N ILE D 215 -31.78 1.99 23.81
CA ILE D 215 -32.39 2.12 22.49
C ILE D 215 -33.63 1.25 22.35
N ASN D 216 -33.54 0.00 22.80
CA ASN D 216 -34.68 -0.91 22.74
C ASN D 216 -35.84 -0.46 23.62
N SER D 217 -35.53 0.07 24.81
CA SER D 217 -36.55 0.53 25.73
C SER D 217 -37.33 1.71 25.17
N VAL D 218 -36.64 2.58 24.43
CA VAL D 218 -37.28 3.71 23.78
C VAL D 218 -38.18 3.26 22.64
N LYS D 219 -37.72 2.27 21.89
CA LYS D 219 -38.50 1.70 20.79
C LYS D 219 -39.76 1.00 21.31
N GLN D 220 -39.63 0.31 22.44
CA GLN D 220 -40.72 -0.45 23.01
C GLN D 220 -41.78 0.45 23.67
N GLY D 221 -41.42 1.70 23.90
CA GLY D 221 -42.36 2.67 24.43
C GLY D 221 -42.08 3.09 25.87
N LYS D 222 -41.44 2.21 26.63
CA LYS D 222 -41.13 2.51 28.04
C LYS D 222 -39.62 2.57 28.30
N PRO D 223 -39.05 3.79 28.20
CA PRO D 223 -37.61 4.01 28.40
C PRO D 223 -37.15 3.63 29.79
N ILE D 224 -35.89 3.25 29.92
CA ILE D 224 -35.32 2.91 31.23
C ILE D 224 -34.84 4.14 31.96
N SER D 225 -34.76 5.26 31.23
CA SER D 225 -34.33 6.52 31.80
C SER D 225 -34.73 7.71 30.95
N ASN D 226 -34.84 8.88 31.58
CA ASN D 226 -35.20 10.10 30.87
C ASN D 226 -33.98 10.93 30.52
N TYR D 227 -32.80 10.41 30.84
CA TYR D 227 -31.55 11.11 30.60
C TYR D 227 -30.52 10.20 29.96
N TYR D 228 -30.11 10.53 28.75
CA TYR D 228 -29.15 9.72 28.01
C TYR D 228 -27.93 10.54 27.62
N VAL D 229 -26.74 9.96 27.80
CA VAL D 229 -25.51 10.64 27.42
C VAL D 229 -24.73 9.79 26.42
N GLY D 230 -24.26 10.43 25.35
CA GLY D 230 -23.48 9.74 24.35
C GLY D 230 -23.33 10.54 23.06
N TYR D 231 -22.69 9.94 22.07
CA TYR D 231 -22.51 10.59 20.77
C TYR D 231 -23.85 10.65 20.06
N SER D 232 -23.99 11.62 19.15
CA SER D 232 -25.22 11.75 18.40
C SER D 232 -25.43 10.55 17.48
N GLU D 233 -24.33 9.92 17.07
CA GLU D 233 -24.38 8.77 16.19
C GLU D 233 -25.04 7.56 16.88
N SER D 234 -24.96 7.53 18.20
CA SER D 234 -25.54 6.42 18.96
C SER D 234 -27.05 6.55 19.08
N MET D 235 -27.58 7.70 18.67
CA MET D 235 -29.00 7.97 18.79
C MET D 235 -29.74 7.77 17.46
N CYS D 236 -28.99 7.41 16.42
CA CYS D 236 -29.56 7.31 15.08
C CYS D 236 -30.61 6.20 14.96
N GLU D 237 -30.59 5.26 15.91
CA GLU D 237 -31.53 4.16 15.90
C GLU D 237 -32.95 4.63 16.22
N ILE D 238 -33.05 5.77 16.90
CA ILE D 238 -34.33 6.34 17.26
C ILE D 238 -34.48 7.77 16.74
N LYS D 239 -33.92 8.03 15.56
CA LYS D 239 -33.94 9.37 15.00
C LYS D 239 -35.34 9.85 14.65
N ASP D 240 -36.22 8.91 14.34
CA ASP D 240 -37.60 9.25 13.98
C ASP D 240 -38.45 9.49 15.22
N ILE D 241 -38.01 8.93 16.35
CA ILE D 241 -38.68 9.15 17.63
C ILE D 241 -38.27 10.51 18.19
N ILE D 242 -37.01 10.87 18.01
CA ILE D 242 -36.51 12.19 18.38
C ILE D 242 -37.22 13.25 17.54
N ARG D 243 -37.56 12.89 16.31
CA ARG D 243 -38.23 13.78 15.39
C ARG D 243 -39.69 14.03 15.77
N ASP D 244 -40.30 13.04 16.43
CA ASP D 244 -41.73 13.08 16.69
C ASP D 244 -42.10 13.36 18.15
N GLN D 245 -41.27 12.92 19.09
CA GLN D 245 -41.69 12.89 20.49
C GLN D 245 -40.98 13.85 21.45
N GLN D 246 -40.70 15.06 21.00
CA GLN D 246 -40.17 16.11 21.88
C GLN D 246 -38.93 15.67 22.67
N TYR D 247 -37.80 15.58 21.98
CA TYR D 247 -36.54 15.25 22.63
C TYR D 247 -35.59 16.43 22.54
N ASN D 248 -34.80 16.64 23.58
CA ASN D 248 -33.85 17.75 23.60
C ASN D 248 -32.41 17.30 23.75
N VAL D 249 -31.57 17.65 22.78
CA VAL D 249 -30.13 17.43 22.88
C VAL D 249 -29.44 18.70 23.35
N GLN D 250 -28.32 18.54 24.04
CA GLN D 250 -27.65 19.66 24.68
C GLN D 250 -26.15 19.45 24.80
N LEU D 251 -25.39 20.52 24.60
CA LEU D 251 -23.97 20.52 24.92
C LEU D 251 -23.78 20.67 26.41
N ILE D 252 -23.25 19.63 27.05
CA ILE D 252 -22.95 19.70 28.47
C ILE D 252 -21.57 19.14 28.78
N GLY D 253 -20.75 19.95 29.44
CA GLY D 253 -19.47 19.46 29.91
C GLY D 253 -19.70 18.57 31.10
N THR D 254 -18.73 17.71 31.40
CA THR D 254 -18.80 16.88 32.59
C THR D 254 -18.80 17.81 33.81
N SER D 255 -18.08 18.92 33.67
CA SER D 255 -18.10 20.00 34.65
C SER D 255 -17.60 21.26 33.97
N ASP D 256 -18.25 22.38 34.28
CA ASP D 256 -17.88 23.68 33.70
C ASP D 256 -17.99 23.69 32.16
N LYS D 257 -16.86 23.75 31.48
CA LYS D 257 -16.85 23.88 30.02
C LYS D 257 -17.22 22.59 29.30
N PRO D 258 -17.96 22.71 28.19
CA PRO D 258 -18.34 21.56 27.34
C PRO D 258 -17.22 21.15 26.38
N TYR D 259 -17.03 19.84 26.22
CA TYR D 259 -15.99 19.32 25.35
C TYR D 259 -16.58 18.67 24.09
N VAL D 260 -15.88 18.82 22.97
CA VAL D 260 -16.29 18.17 21.73
C VAL D 260 -15.12 17.43 21.09
N TYR D 261 -15.44 16.49 20.22
CA TYR D 261 -14.44 15.77 19.46
C TYR D 261 -14.56 16.12 17.97
N THR D 262 -13.43 16.36 17.32
CA THR D 262 -13.44 16.64 15.90
C THR D 262 -12.55 15.67 15.13
N ASP D 263 -13.05 15.17 14.01
CA ASP D 263 -12.27 14.34 13.12
C ASP D 263 -11.78 15.19 11.95
N VAL D 264 -10.47 15.21 11.75
CA VAL D 264 -9.87 16.11 10.78
C VAL D 264 -9.17 15.37 9.64
N LEU D 265 -9.48 15.76 8.40
CA LEU D 265 -8.82 15.21 7.22
C LEU D 265 -7.50 15.91 6.98
N ALA D 266 -6.40 15.17 7.08
CA ALA D 266 -5.07 15.74 6.91
C ALA D 266 -4.35 15.17 5.70
N LEU D 267 -3.24 15.80 5.32
CA LEU D 267 -2.45 15.35 4.19
C LEU D 267 -1.06 14.91 4.64
N ASN D 268 -0.54 13.87 3.99
CA ASN D 268 0.82 13.42 4.26
C ASN D 268 1.81 14.50 3.82
N SER D 269 2.85 14.71 4.62
CA SER D 269 3.80 15.79 4.36
C SER D 269 4.65 15.55 3.11
N ASN D 270 4.66 14.31 2.61
CA ASN D 270 5.45 13.99 1.43
C ASN D 270 4.66 14.08 0.12
N LEU D 271 3.50 14.70 0.17
CA LEU D 271 2.66 14.84 -1.02
C LEU D 271 3.27 15.80 -2.04
N CYS D 272 3.17 15.43 -3.32
CA CYS D 272 3.70 16.25 -4.41
C CYS D 272 2.83 17.48 -4.63
N ASP D 273 3.24 18.32 -5.58
CA ASP D 273 2.51 19.54 -5.91
C ASP D 273 1.19 19.25 -6.60
N GLU D 274 1.17 18.20 -7.43
CA GLU D 274 -0.04 17.82 -8.16
C GLU D 274 -0.94 16.95 -7.31
N LYS D 275 -0.36 16.01 -6.59
CA LYS D 275 -1.12 15.10 -5.74
C LYS D 275 -1.88 15.84 -4.64
N GLN D 276 -1.34 16.98 -4.21
CA GLN D 276 -2.00 17.80 -3.21
C GLN D 276 -3.27 18.39 -3.78
N LYS D 277 -3.23 18.78 -5.05
CA LYS D 277 -4.39 19.36 -5.72
C LYS D 277 -5.49 18.32 -5.88
N VAL D 278 -5.10 17.08 -6.13
CA VAL D 278 -6.06 15.99 -6.27
C VAL D 278 -6.65 15.61 -4.91
N ALA D 279 -5.80 15.63 -3.89
CA ALA D 279 -6.23 15.33 -2.54
C ALA D 279 -7.28 16.33 -2.07
N VAL D 280 -7.01 17.62 -2.29
CA VAL D 280 -7.94 18.67 -1.93
C VAL D 280 -9.27 18.49 -2.65
N GLU D 281 -9.20 18.10 -3.92
CA GLU D 281 -10.40 17.90 -4.73
C GLU D 281 -11.26 16.74 -4.21
N VAL D 282 -10.60 15.69 -3.72
CA VAL D 282 -11.30 14.55 -3.13
C VAL D 282 -11.89 14.92 -1.78
N ILE D 283 -11.13 15.68 -1.00
CA ILE D 283 -11.60 16.17 0.29
C ILE D 283 -12.76 17.12 0.10
N LYS D 284 -12.67 17.95 -0.95
CA LYS D 284 -13.73 18.87 -1.33
C LYS D 284 -15.05 18.13 -1.48
N ASN D 285 -15.00 17.01 -2.18
CA ASN D 285 -16.18 16.17 -2.39
C ASN D 285 -16.68 15.57 -1.08
N LEU D 286 -15.77 15.05 -0.28
CA LEU D 286 -16.11 14.42 1.00
C LEU D 286 -16.87 15.37 1.94
N LEU D 287 -16.58 16.66 1.83
CA LEU D 287 -17.13 17.63 2.76
C LEU D 287 -18.34 18.40 2.23
N THR D 288 -18.41 18.57 0.91
CA THR D 288 -19.46 19.43 0.33
C THR D 288 -20.53 18.68 -0.48
N ASN D 289 -20.23 17.45 -0.87
CA ASN D 289 -21.20 16.66 -1.63
C ASN D 289 -22.47 16.40 -0.83
N THR D 290 -23.60 16.77 -1.39
CA THR D 290 -24.88 16.71 -0.68
C THR D 290 -25.33 15.27 -0.40
N LEU D 291 -25.02 14.36 -1.31
CA LEU D 291 -25.41 12.96 -1.13
C LEU D 291 -24.69 12.34 0.05
N VAL D 292 -23.45 12.79 0.28
CA VAL D 292 -22.68 12.35 1.43
C VAL D 292 -23.29 12.91 2.72
N LEU D 293 -23.59 14.20 2.70
CA LEU D 293 -24.17 14.89 3.85
C LEU D 293 -25.53 14.30 4.23
N ASP D 294 -26.32 13.95 3.23
CA ASP D 294 -27.64 13.35 3.47
C ASP D 294 -27.49 12.00 4.15
N LEU D 295 -26.48 11.24 3.73
CA LEU D 295 -26.19 9.95 4.33
C LEU D 295 -25.73 10.12 5.77
N LEU D 296 -24.95 11.17 6.02
CA LEU D 296 -24.52 11.49 7.38
C LEU D 296 -25.72 11.80 8.27
N GLY D 297 -26.70 12.48 7.70
CA GLY D 297 -27.90 12.86 8.43
C GLY D 297 -28.72 11.65 8.84
N LEU D 298 -28.67 10.60 8.02
CA LEU D 298 -29.39 9.37 8.32
C LEU D 298 -28.81 8.66 9.53
N GLY D 299 -27.53 8.93 9.81
CA GLY D 299 -26.85 8.33 10.94
C GLY D 299 -26.61 9.32 12.07
N LEU D 300 -27.21 10.50 11.94
CA LEU D 300 -27.09 11.56 12.94
C LEU D 300 -25.66 11.96 13.27
N THR D 301 -24.75 11.74 12.33
CA THR D 301 -23.37 12.20 12.52
C THR D 301 -23.24 13.62 12.00
N LEU D 302 -22.43 14.43 12.67
CA LEU D 302 -22.40 15.86 12.41
C LEU D 302 -21.21 16.29 11.57
N PRO D 303 -21.48 17.10 10.52
CA PRO D 303 -20.39 17.75 9.78
C PRO D 303 -19.73 18.80 10.66
N ALA D 304 -18.42 19.01 10.49
CA ALA D 304 -17.68 19.93 11.34
C ALA D 304 -17.77 21.38 10.88
N ASN D 305 -18.37 21.61 9.72
CA ASN D 305 -18.49 22.96 9.17
C ASN D 305 -19.90 23.52 9.25
N LYS D 306 -20.02 24.84 9.30
CA LYS D 306 -21.31 25.49 9.43
C LYS D 306 -22.24 25.19 8.25
N ASN D 307 -21.68 25.17 7.04
CA ASN D 307 -22.45 24.88 5.85
C ASN D 307 -23.02 23.46 5.87
N GLY D 308 -22.23 22.52 6.39
CA GLY D 308 -22.66 21.14 6.50
C GLY D 308 -23.75 20.98 7.54
N ILE D 309 -23.57 21.66 8.67
CA ILE D 309 -24.57 21.65 9.74
C ILE D 309 -25.86 22.31 9.26
N ALA D 310 -25.74 23.44 8.58
CA ALA D 310 -26.90 24.17 8.10
C ALA D 310 -27.72 23.35 7.11
N HIS D 311 -27.04 22.55 6.30
CA HIS D 311 -27.71 21.73 5.29
C HIS D 311 -28.62 20.69 5.92
N LEU D 312 -28.15 20.06 7.00
CA LEU D 312 -28.92 19.02 7.66
C LEU D 312 -29.93 19.62 8.63
N ALA D 313 -29.71 20.87 9.03
CA ALA D 313 -30.60 21.56 9.96
C ALA D 313 -31.92 21.97 9.31
N LYS D 314 -31.91 22.10 7.99
CA LYS D 314 -33.09 22.52 7.25
C LYS D 314 -34.18 21.45 7.24
N SER D 315 -33.79 20.20 7.53
CA SER D 315 -34.72 19.09 7.46
C SER D 315 -34.88 18.37 8.80
N SER D 316 -34.11 18.80 9.79
CA SER D 316 -34.10 18.13 11.09
C SER D 316 -34.01 19.10 12.26
N ASN D 317 -34.98 19.00 13.17
CA ASN D 317 -34.96 19.80 14.39
C ASN D 317 -33.84 19.37 15.32
N PHE D 318 -33.43 18.11 15.20
CA PHE D 318 -32.30 17.58 15.95
C PHE D 318 -31.04 18.37 15.61
N TYR D 319 -30.71 18.43 14.33
CA TYR D 319 -29.56 19.21 13.88
C TYR D 319 -29.74 20.70 14.17
N ALA D 320 -31.00 21.15 14.15
CA ALA D 320 -31.33 22.54 14.44
C ALA D 320 -30.94 22.89 15.88
N GLN D 321 -31.34 22.05 16.83
CA GLN D 321 -31.02 22.27 18.23
C GLN D 321 -29.52 22.32 18.45
N LEU D 322 -28.79 21.44 17.75
CA LEU D 322 -27.35 21.40 17.86
C LEU D 322 -26.71 22.65 17.27
N SER D 323 -27.29 23.15 16.18
CA SER D 323 -26.78 24.35 15.52
C SER D 323 -26.87 25.56 16.47
N GLN D 324 -28.00 25.69 17.14
CA GLN D 324 -28.20 26.76 18.11
C GLN D 324 -27.28 26.57 19.31
N GLN D 325 -26.97 25.30 19.59
CA GLN D 325 -26.15 24.94 20.74
C GLN D 325 -24.70 25.38 20.53
N PHE D 326 -24.13 25.01 19.38
CA PHE D 326 -22.74 25.35 19.09
C PHE D 326 -22.51 26.85 18.97
N ASP D 327 -23.52 27.58 18.49
CA ASP D 327 -23.41 29.03 18.34
C ASP D 327 -23.45 29.75 19.68
N ALA D 328 -24.30 29.29 20.57
CA ALA D 328 -24.48 29.92 21.87
C ALA D 328 -23.30 29.68 22.80
N LYS D 329 -22.71 28.48 22.73
CA LYS D 329 -21.63 28.11 23.63
C LYS D 329 -20.30 28.00 22.91
N GLU D 330 -20.16 28.74 21.81
CA GLU D 330 -18.98 28.67 20.96
C GLU D 330 -17.68 29.01 21.70
N SER D 331 -17.75 29.99 22.60
CA SER D 331 -16.57 30.45 23.33
C SER D 331 -16.28 29.58 24.55
N GLU D 332 -17.19 28.65 24.86
CA GLU D 332 -17.05 27.81 26.04
C GLU D 332 -16.51 26.43 25.70
N VAL D 333 -16.71 26.02 24.45
CA VAL D 333 -16.32 24.68 24.00
C VAL D 333 -14.82 24.43 24.08
N ARG D 334 -14.45 23.30 24.67
CA ARG D 334 -13.04 22.91 24.78
C ARG D 334 -12.76 21.65 23.98
N VAL D 335 -11.50 21.49 23.56
CA VAL D 335 -11.08 20.31 22.80
C VAL D 335 -9.80 19.72 23.37
N LEU D 336 -9.90 18.54 23.96
CA LEU D 336 -8.74 17.86 24.54
C LEU D 336 -7.84 17.29 23.46
N ARG D 337 -6.54 17.58 23.56
CA ARG D 337 -5.56 17.10 22.60
C ARG D 337 -4.29 16.62 23.30
N CYS D 338 -3.54 15.74 22.63
CA CYS D 338 -2.32 15.19 23.20
C CYS D 338 -1.08 15.72 22.49
N VAL D 339 -0.11 16.21 23.26
CA VAL D 339 1.08 16.84 22.70
C VAL D 339 2.13 15.82 22.26
N ASP D 340 2.46 14.88 23.13
CA ASP D 340 3.55 13.93 22.85
C ASP D 340 3.19 12.46 23.11
N PHE D 341 1.91 12.12 22.99
CA PHE D 341 1.49 10.73 23.18
C PHE D 341 0.21 10.40 22.41
N ALA D 342 -0.15 9.12 22.41
CA ALA D 342 -1.34 8.67 21.69
C ALA D 342 -2.05 7.54 22.44
N ASN D 343 -2.49 6.52 21.70
CA ASN D 343 -3.32 5.46 22.24
C ASN D 343 -2.70 4.66 23.38
N LYS D 344 -1.39 4.42 23.30
CA LYS D 344 -0.69 3.61 24.29
C LYS D 344 -0.78 4.23 25.67
N GLU D 345 -0.51 5.52 25.76
CA GLU D 345 -0.52 6.23 27.04
C GLU D 345 -1.94 6.47 27.55
N VAL D 346 -2.90 6.57 26.63
CA VAL D 346 -4.30 6.72 27.01
C VAL D 346 -4.81 5.46 27.71
N LYS D 347 -4.45 4.30 27.17
CA LYS D 347 -4.84 3.02 27.77
C LYS D 347 -4.19 2.83 29.13
N ASN D 348 -2.91 3.17 29.23
CA ASN D 348 -2.18 3.05 30.49
C ASN D 348 -2.76 3.96 31.58
N CYS D 349 -3.04 5.21 31.20
CA CYS D 349 -3.60 6.18 32.13
C CYS D 349 -4.96 5.73 32.65
N ALA D 350 -5.79 5.21 31.75
CA ALA D 350 -7.11 4.72 32.12
C ALA D 350 -6.99 3.52 33.06
N GLY D 351 -5.96 2.71 32.85
CA GLY D 351 -5.72 1.55 33.68
C GLY D 351 -5.33 1.93 35.10
N VAL D 352 -4.61 3.03 35.23
CA VAL D 352 -4.21 3.53 36.55
C VAL D 352 -5.41 4.08 37.31
N LEU D 353 -6.32 4.72 36.57
CA LEU D 353 -7.46 5.41 37.17
C LEU D 353 -8.57 4.46 37.63
N ARG D 354 -8.76 3.36 36.89
CA ARG D 354 -9.85 2.42 37.16
C ARG D 354 -10.05 1.95 38.61
N PRO D 355 -8.96 1.58 39.31
CA PRO D 355 -9.16 1.14 40.70
C PRO D 355 -9.71 2.24 41.62
N PHE D 356 -9.57 3.50 41.21
CA PHE D 356 -10.10 4.62 41.99
C PHE D 356 -11.49 5.01 41.55
N LEU D 357 -12.15 4.12 40.81
CA LEU D 357 -13.49 4.37 40.31
C LEU D 357 -14.45 3.28 40.76
N PRO E 6 -30.09 -24.59 -1.37
CA PRO E 6 -31.22 -25.48 -1.62
C PRO E 6 -32.56 -24.77 -1.44
N LYS E 7 -32.74 -24.11 -0.31
CA LYS E 7 -33.95 -23.33 -0.04
C LYS E 7 -33.69 -21.85 -0.30
N THR E 8 -33.75 -21.46 -1.57
CA THR E 8 -33.44 -20.08 -1.95
C THR E 8 -34.62 -19.37 -2.62
N LEU E 9 -34.76 -18.09 -2.34
CA LEU E 9 -35.81 -17.27 -2.93
C LEU E 9 -35.20 -16.21 -3.85
N THR E 10 -35.63 -16.21 -5.11
CA THR E 10 -35.13 -15.24 -6.08
C THR E 10 -36.02 -14.01 -6.17
N VAL E 11 -35.44 -12.85 -5.89
CA VAL E 11 -36.18 -11.58 -5.90
C VAL E 11 -35.77 -10.70 -7.08
N GLY E 12 -36.75 -10.32 -7.90
CA GLY E 12 -36.51 -9.45 -9.03
C GLY E 12 -36.86 -8.01 -8.74
N LEU E 13 -35.85 -7.21 -8.41
CA LEU E 13 -36.06 -5.81 -8.05
C LEU E 13 -36.25 -4.92 -9.27
N PHE E 14 -37.01 -3.85 -9.08
CA PHE E 14 -37.17 -2.83 -10.12
C PHE E 14 -35.87 -2.06 -10.25
N PRO E 15 -35.22 -2.15 -11.43
CA PRO E 15 -33.86 -1.64 -11.64
C PRO E 15 -33.79 -0.16 -11.98
N TYR E 16 -34.90 0.44 -12.38
CA TYR E 16 -34.89 1.82 -12.87
C TYR E 16 -35.08 2.83 -11.76
N LEU E 17 -34.06 2.92 -10.90
CA LEU E 17 -34.04 3.87 -9.79
C LEU E 17 -33.05 4.99 -10.13
N PRO E 18 -33.15 6.12 -9.43
CA PRO E 18 -32.28 7.29 -9.68
C PRO E 18 -30.79 6.99 -9.77
N SER E 19 -30.03 7.94 -10.30
CA SER E 19 -28.58 7.80 -10.41
C SER E 19 -27.91 9.17 -10.29
N TRP E 20 -26.79 9.20 -9.58
CA TRP E 20 -25.97 10.41 -9.49
C TRP E 20 -24.72 10.23 -10.33
N ASN E 21 -24.43 11.23 -11.17
CA ASN E 21 -23.29 11.13 -12.07
C ASN E 21 -22.73 12.49 -12.46
N GLU E 22 -21.87 13.04 -11.61
CA GLU E 22 -21.23 14.31 -11.91
C GLU E 22 -20.13 14.10 -12.94
N ASN E 23 -19.49 12.94 -12.89
CA ASN E 23 -18.41 12.61 -13.81
C ASN E 23 -18.05 11.12 -13.80
N GLY E 24 -18.13 10.50 -14.98
CA GLY E 24 -17.69 9.12 -15.16
C GLY E 24 -18.26 8.11 -14.20
N ASN E 25 -17.73 8.10 -12.97
CA ASN E 25 -18.18 7.19 -11.93
C ASN E 25 -19.65 7.41 -11.56
N GLU E 26 -20.48 6.40 -11.83
CA GLU E 26 -21.91 6.49 -11.61
C GLU E 26 -22.31 5.94 -10.25
N VAL E 27 -23.28 6.59 -9.62
CA VAL E 27 -23.80 6.14 -8.33
C VAL E 27 -25.26 5.72 -8.47
N LYS E 28 -25.48 4.41 -8.57
CA LYS E 28 -26.83 3.88 -8.74
C LYS E 28 -27.49 3.63 -7.39
N LEU E 29 -28.67 4.23 -7.20
CA LEU E 29 -29.42 4.09 -5.94
C LEU E 29 -29.81 2.64 -5.69
N ILE E 30 -30.01 1.88 -6.76
CA ILE E 30 -30.40 0.48 -6.65
C ILE E 30 -29.32 -0.34 -5.94
N ASN E 31 -28.07 0.09 -6.06
CA ASN E 31 -26.96 -0.58 -5.40
C ASN E 31 -26.95 -0.31 -3.89
N LEU E 32 -27.29 0.92 -3.53
CA LEU E 32 -27.33 1.31 -2.12
C LEU E 32 -28.41 0.55 -1.36
N ILE E 33 -29.53 0.29 -2.04
CA ILE E 33 -30.63 -0.45 -1.44
C ILE E 33 -30.29 -1.92 -1.29
N LYS E 34 -29.65 -2.49 -2.31
CA LYS E 34 -29.24 -3.89 -2.27
C LYS E 34 -28.23 -4.16 -1.16
N ASP E 35 -27.38 -3.17 -0.87
CA ASP E 35 -26.40 -3.30 0.19
C ASP E 35 -27.00 -3.00 1.55
N VAL E 36 -28.31 -3.24 1.67
CA VAL E 36 -29.06 -2.98 2.90
C VAL E 36 -30.04 -4.12 3.12
N LEU E 37 -30.54 -4.69 2.03
CA LEU E 37 -31.48 -5.80 2.10
C LEU E 37 -30.84 -7.04 2.73
N PRO E 38 -31.60 -7.77 3.54
CA PRO E 38 -31.11 -8.98 4.21
C PRO E 38 -30.90 -10.14 3.22
N THR E 39 -29.79 -10.85 3.36
CA THR E 39 -29.48 -11.99 2.49
C THR E 39 -30.09 -13.28 3.00
N GLN E 40 -30.40 -13.33 4.30
CA GLN E 40 -30.94 -14.53 4.92
C GLN E 40 -32.23 -14.21 5.69
N VAL E 41 -33.33 -14.79 5.25
CA VAL E 41 -34.63 -14.60 5.92
C VAL E 41 -35.32 -15.93 6.13
N SER E 42 -35.56 -16.28 7.40
CA SER E 42 -36.20 -17.53 7.78
C SER E 42 -35.49 -18.76 7.21
N GLY E 43 -34.16 -18.76 7.26
CA GLY E 43 -33.38 -19.89 6.79
C GLY E 43 -33.25 -19.93 5.28
N TYR E 44 -33.95 -19.03 4.60
CA TYR E 44 -33.89 -18.95 3.14
C TYR E 44 -32.80 -18.01 2.67
N ASN E 45 -32.10 -18.41 1.61
CA ASN E 45 -31.14 -17.53 0.96
C ASN E 45 -31.84 -16.65 -0.08
N ILE E 46 -31.69 -15.33 0.07
CA ILE E 46 -32.38 -14.40 -0.79
C ILE E 46 -31.43 -13.79 -1.82
N GLU E 47 -31.68 -14.08 -3.10
CA GLU E 47 -30.87 -13.57 -4.18
C GLU E 47 -31.55 -12.42 -4.91
N TYR E 48 -31.09 -11.20 -4.64
CA TYR E 48 -31.67 -10.02 -5.26
C TYR E 48 -31.05 -9.75 -6.63
N THR E 49 -31.86 -9.88 -7.67
CA THR E 49 -31.42 -9.61 -9.03
C THR E 49 -32.30 -8.55 -9.68
N GLU E 50 -31.76 -7.83 -10.65
CA GLU E 50 -32.52 -6.81 -11.36
C GLU E 50 -33.46 -7.44 -12.38
N PHE E 51 -34.72 -7.04 -12.35
CA PHE E 51 -35.73 -7.60 -13.24
C PHE E 51 -36.24 -6.55 -14.22
N ASP E 52 -35.98 -6.75 -15.51
CA ASP E 52 -36.40 -5.81 -16.53
C ASP E 52 -37.78 -6.17 -17.08
N CYS E 53 -38.81 -5.53 -16.54
CA CYS E 53 -40.17 -5.76 -16.99
C CYS E 53 -40.42 -5.14 -18.36
N TYR E 54 -39.48 -4.30 -18.80
CA TYR E 54 -39.58 -3.69 -20.12
C TYR E 54 -38.88 -4.54 -21.17
N SER E 55 -38.81 -5.84 -20.89
CA SER E 55 -38.25 -6.80 -21.81
C SER E 55 -39.20 -7.99 -21.93
N ASP E 56 -39.65 -8.28 -23.14
CA ASP E 56 -40.59 -9.37 -23.38
C ASP E 56 -39.98 -10.73 -23.05
N ALA E 57 -38.66 -10.82 -23.11
CA ALA E 57 -37.95 -12.05 -22.79
C ALA E 57 -38.02 -12.35 -21.29
N SER E 58 -37.95 -11.28 -20.48
CA SER E 58 -37.96 -11.42 -19.03
C SER E 58 -39.36 -11.65 -18.49
N LEU E 59 -40.37 -11.21 -19.23
CA LEU E 59 -41.76 -11.40 -18.81
C LEU E 59 -42.23 -12.82 -19.09
N GLN E 60 -41.43 -13.57 -19.85
CA GLN E 60 -41.77 -14.94 -20.19
C GLN E 60 -41.21 -15.93 -19.16
N SER E 61 -40.20 -15.49 -18.43
CA SER E 61 -39.59 -16.31 -17.38
C SER E 61 -39.50 -15.56 -16.06
N LEU E 62 -40.57 -15.63 -15.28
CA LEU E 62 -40.65 -14.89 -14.02
C LEU E 62 -39.96 -15.64 -12.88
N PRO E 63 -39.22 -14.91 -12.03
CA PRO E 63 -38.62 -15.48 -10.82
C PRO E 63 -39.67 -15.67 -9.72
N ASP E 64 -39.22 -15.89 -8.49
CA ASP E 64 -40.14 -16.09 -7.37
C ASP E 64 -40.99 -14.85 -7.11
N VAL E 65 -40.32 -13.75 -6.74
CA VAL E 65 -41.01 -12.47 -6.63
C VAL E 65 -40.37 -11.49 -7.63
N PHE E 66 -41.14 -10.50 -8.06
CA PHE E 66 -40.65 -9.55 -9.06
C PHE E 66 -41.39 -8.22 -9.01
N SER E 67 -40.67 -7.14 -9.28
CA SER E 67 -41.26 -5.80 -9.32
C SER E 67 -41.47 -5.35 -10.76
N THR E 68 -42.72 -5.35 -11.20
CA THR E 68 -43.04 -4.97 -12.58
C THR E 68 -43.88 -3.70 -12.64
N ASP E 69 -43.78 -2.99 -13.77
CA ASP E 69 -44.64 -1.85 -14.03
C ASP E 69 -46.06 -2.39 -14.19
N SER E 70 -47.03 -1.70 -13.59
CA SER E 70 -48.42 -2.17 -13.62
C SER E 70 -49.03 -2.07 -15.02
N ILE E 71 -48.33 -1.39 -15.92
CA ILE E 71 -48.81 -1.22 -17.29
C ILE E 71 -48.87 -2.57 -18.03
N PHE E 72 -48.08 -3.53 -17.57
CA PHE E 72 -48.05 -4.85 -18.19
C PHE E 72 -48.68 -5.91 -17.31
N LEU E 73 -49.19 -5.50 -16.15
CA LEU E 73 -49.77 -6.42 -15.18
C LEU E 73 -50.96 -7.25 -15.72
N PRO E 74 -51.97 -6.60 -16.34
CA PRO E 74 -53.07 -7.41 -16.87
C PRO E 74 -52.61 -8.37 -17.97
N TYR E 75 -51.62 -7.97 -18.75
CA TYR E 75 -51.04 -8.87 -19.74
C TYR E 75 -50.28 -9.99 -19.06
N LEU E 76 -49.63 -9.65 -17.95
CA LEU E 76 -48.83 -10.61 -17.20
C LEU E 76 -49.74 -11.64 -16.53
N VAL E 77 -50.91 -11.19 -16.08
CA VAL E 77 -51.91 -12.08 -15.49
C VAL E 77 -52.49 -13.01 -16.56
N SER E 78 -52.67 -12.45 -17.77
CA SER E 78 -53.25 -13.20 -18.88
C SER E 78 -52.46 -14.47 -19.21
N LEU E 79 -51.16 -14.44 -18.96
CA LEU E 79 -50.32 -15.61 -19.21
C LEU E 79 -50.18 -16.44 -17.94
N GLY E 80 -51.12 -16.30 -17.02
CA GLY E 80 -51.04 -16.93 -15.72
C GLY E 80 -49.90 -16.31 -14.93
N GLY E 81 -48.84 -17.09 -14.73
CA GLY E 81 -47.59 -16.57 -14.17
C GLY E 81 -47.66 -15.99 -12.77
N VAL E 82 -48.58 -15.06 -12.54
CA VAL E 82 -48.66 -14.37 -11.25
C VAL E 82 -49.78 -14.90 -10.37
N LYS E 83 -49.45 -15.20 -9.12
CA LYS E 83 -50.41 -15.72 -8.15
C LYS E 83 -51.32 -14.62 -7.61
N SER E 84 -52.61 -14.93 -7.46
CA SER E 84 -53.56 -13.98 -6.90
C SER E 84 -53.36 -13.88 -5.38
N LEU E 85 -53.70 -12.72 -4.82
CA LEU E 85 -53.47 -12.47 -3.41
C LEU E 85 -54.73 -12.02 -2.68
N ASP E 86 -54.77 -12.23 -1.37
CA ASP E 86 -55.89 -11.79 -0.55
C ASP E 86 -55.79 -10.29 -0.29
N GLU E 87 -56.96 -9.65 -0.14
CA GLU E 87 -57.01 -8.22 0.12
C GLU E 87 -56.39 -7.89 1.48
N SER E 88 -56.63 -8.75 2.46
CA SER E 88 -56.14 -8.55 3.81
C SER E 88 -54.63 -8.78 3.91
N LEU E 89 -54.13 -9.73 3.12
CA LEU E 89 -52.70 -10.04 3.11
C LEU E 89 -51.88 -8.84 2.64
N VAL E 90 -52.31 -8.24 1.55
CA VAL E 90 -51.63 -7.07 0.99
C VAL E 90 -51.78 -5.85 1.89
N ARG E 91 -53.00 -5.61 2.35
CA ARG E 91 -53.29 -4.48 3.23
C ARG E 91 -52.50 -4.59 4.53
N GLY E 92 -52.34 -5.80 5.02
CA GLY E 92 -51.60 -6.05 6.24
C GLY E 92 -50.14 -5.68 6.14
N VAL E 93 -49.66 -5.48 4.90
CA VAL E 93 -48.28 -5.13 4.66
C VAL E 93 -48.15 -3.65 4.27
N THR E 94 -48.94 -3.25 3.29
CA THR E 94 -48.83 -1.92 2.71
C THR E 94 -49.59 -0.86 3.52
N GLY E 95 -50.72 -1.25 4.09
CA GLY E 95 -51.56 -0.33 4.81
C GLY E 95 -52.57 0.32 3.88
N ASP E 96 -52.90 1.59 4.15
CA ASP E 96 -53.85 2.31 3.33
C ASP E 96 -53.25 2.67 1.97
N LEU E 97 -54.01 2.44 0.91
CA LEU E 97 -53.57 2.76 -0.44
C LEU E 97 -54.55 3.72 -1.11
N HIS E 98 -54.01 4.62 -1.93
CA HIS E 98 -54.87 5.48 -2.74
C HIS E 98 -55.68 4.61 -3.69
N SER E 99 -56.87 5.07 -4.05
CA SER E 99 -57.76 4.30 -4.91
C SER E 99 -57.12 3.96 -6.25
N PHE E 100 -56.37 4.90 -6.81
CA PHE E 100 -55.72 4.68 -8.10
C PHE E 100 -54.55 3.70 -7.99
N VAL E 101 -53.89 3.71 -6.83
CA VAL E 101 -52.79 2.78 -6.58
C VAL E 101 -53.32 1.34 -6.48
N SER E 102 -54.39 1.17 -5.71
CA SER E 102 -54.99 -0.15 -5.52
C SER E 102 -55.59 -0.68 -6.82
N SER E 103 -56.21 0.20 -7.59
CA SER E 103 -56.84 -0.18 -8.85
C SER E 103 -55.82 -0.65 -9.88
N SER E 104 -54.61 -0.11 -9.79
CA SER E 104 -53.56 -0.43 -10.74
C SER E 104 -53.04 -1.85 -10.52
N ALA E 105 -53.20 -2.36 -9.32
CA ALA E 105 -52.69 -3.68 -8.97
C ALA E 105 -53.75 -4.77 -8.99
N SER E 106 -54.95 -4.42 -9.46
CA SER E 106 -56.06 -5.36 -9.50
C SER E 106 -56.52 -5.68 -10.92
N VAL E 107 -56.54 -6.97 -11.25
CA VAL E 107 -56.99 -7.43 -12.56
C VAL E 107 -58.17 -8.37 -12.41
N ASN E 108 -59.27 -8.05 -13.09
CA ASN E 108 -60.48 -8.87 -13.07
C ASN E 108 -61.05 -9.07 -11.68
N GLY E 109 -60.90 -8.06 -10.82
CA GLY E 109 -61.45 -8.10 -9.48
C GLY E 109 -60.50 -8.66 -8.44
N SER E 110 -59.47 -9.36 -8.89
CA SER E 110 -58.51 -9.99 -7.98
C SER E 110 -57.25 -9.13 -7.80
N VAL E 111 -56.65 -9.22 -6.63
CA VAL E 111 -55.40 -8.50 -6.36
C VAL E 111 -54.21 -9.35 -6.80
N TYR E 112 -53.25 -8.74 -7.49
CA TYR E 112 -52.13 -9.50 -8.03
C TYR E 112 -50.76 -8.93 -7.67
N GLY E 113 -50.68 -8.18 -6.57
CA GLY E 113 -49.40 -7.70 -6.11
C GLY E 113 -49.39 -6.60 -5.06
N PHE E 114 -48.21 -6.37 -4.50
CA PHE E 114 -48.00 -5.32 -3.50
C PHE E 114 -47.42 -4.09 -4.18
N PRO E 115 -48.17 -2.99 -4.21
CA PRO E 115 -47.70 -1.72 -4.79
C PRO E 115 -46.43 -1.24 -4.12
N GLN E 116 -45.39 -0.97 -4.91
CA GLN E 116 -44.09 -0.56 -4.38
C GLN E 116 -43.77 0.90 -4.67
N TYR E 117 -43.68 1.23 -5.97
CA TYR E 117 -43.27 2.57 -6.38
C TYR E 117 -44.40 3.33 -7.08
N LEU E 118 -44.29 4.65 -7.07
CA LEU E 118 -45.28 5.51 -7.73
C LEU E 118 -44.57 6.58 -8.54
N CYS E 119 -44.86 6.63 -9.84
CA CYS E 119 -44.19 7.58 -10.73
C CYS E 119 -45.21 8.44 -11.49
N SER E 120 -44.75 9.60 -11.96
CA SER E 120 -45.57 10.48 -12.78
C SER E 120 -44.70 11.56 -13.41
N ASN E 121 -45.13 12.08 -14.55
CA ASN E 121 -44.44 13.19 -15.20
C ASN E 121 -44.91 14.52 -14.61
N PHE E 122 -44.32 14.92 -13.49
CA PHE E 122 -44.71 16.14 -12.81
C PHE E 122 -44.23 17.37 -13.57
N LEU E 123 -44.83 18.51 -13.23
CA LEU E 123 -44.42 19.79 -13.82
C LEU E 123 -43.63 20.59 -12.80
N LEU E 124 -42.33 20.73 -13.03
CA LEU E 124 -41.48 21.51 -12.15
C LEU E 124 -41.44 22.96 -12.62
N SER E 125 -42.05 23.85 -11.85
CA SER E 125 -42.15 25.25 -12.23
C SER E 125 -41.25 26.13 -11.37
N SER E 126 -40.41 26.91 -12.04
CA SER E 126 -39.57 27.91 -11.36
C SER E 126 -40.48 28.93 -10.67
N PRO E 127 -39.98 29.56 -9.59
CA PRO E 127 -40.75 30.61 -8.92
C PRO E 127 -40.94 31.83 -9.83
N ASN E 128 -40.15 31.92 -10.89
CA ASN E 128 -40.25 33.01 -11.84
C ASN E 128 -41.15 32.68 -13.04
N ALA E 129 -41.79 31.52 -12.99
CA ALA E 129 -42.68 31.08 -14.07
C ALA E 129 -43.86 32.04 -14.24
N THR E 130 -44.13 32.41 -15.48
CA THR E 130 -45.17 33.38 -15.78
C THR E 130 -46.53 32.70 -15.95
N GLN E 131 -46.52 31.48 -16.49
CA GLN E 131 -47.76 30.80 -16.83
C GLN E 131 -48.15 29.71 -15.84
N GLN E 132 -49.45 29.55 -15.64
CA GLN E 132 -50.02 28.48 -14.83
C GLN E 132 -50.94 27.65 -15.71
N ALA E 133 -51.03 26.34 -15.45
CA ALA E 133 -51.90 25.48 -16.24
C ALA E 133 -52.39 24.27 -15.46
N SER E 134 -53.52 23.73 -15.88
CA SER E 134 -54.09 22.55 -15.25
C SER E 134 -53.79 21.29 -16.08
N SER E 135 -53.20 21.51 -17.26
CA SER E 135 -52.79 20.41 -18.13
C SER E 135 -51.59 20.82 -18.96
N LEU E 136 -50.97 19.85 -19.63
CA LEU E 136 -49.82 20.14 -20.49
C LEU E 136 -50.26 20.80 -21.79
N LEU E 137 -51.42 20.41 -22.29
CA LEU E 137 -52.01 21.04 -23.48
C LEU E 137 -52.21 22.53 -23.23
N GLU E 138 -52.77 22.86 -22.07
CA GLU E 138 -53.01 24.24 -21.70
C GLU E 138 -51.69 25.00 -21.56
N LEU E 139 -50.72 24.37 -20.90
CA LEU E 139 -49.42 24.99 -20.68
C LEU E 139 -48.72 25.26 -22.01
N ALA E 140 -48.69 24.25 -22.87
CA ALA E 140 -48.05 24.36 -24.18
C ALA E 140 -48.71 25.47 -25.00
N GLN E 141 -50.03 25.59 -24.85
CA GLN E 141 -50.80 26.61 -25.54
C GLN E 141 -50.37 28.01 -25.09
N LYS E 142 -50.09 28.15 -23.80
CA LYS E 142 -49.74 29.44 -23.23
C LYS E 142 -48.31 29.89 -23.52
N VAL E 143 -47.35 29.00 -23.26
CA VAL E 143 -45.93 29.37 -23.37
C VAL E 143 -45.43 29.47 -24.81
N GLY E 144 -45.92 28.59 -25.67
CA GLY E 144 -45.56 28.63 -27.07
C GLY E 144 -44.41 27.73 -27.50
N TYR E 145 -43.87 28.03 -28.66
CA TYR E 145 -42.81 27.22 -29.28
CA TYR E 145 -42.83 27.20 -29.26
C TYR E 145 -41.52 27.21 -28.48
N GLU E 146 -40.98 26.02 -28.21
CA GLU E 146 -39.71 25.83 -27.51
C GLU E 146 -39.59 26.60 -26.19
N GLN E 147 -40.34 26.18 -25.19
CA GLN E 147 -40.38 26.90 -23.92
C GLN E 147 -40.34 25.95 -22.71
N ILE E 148 -40.65 24.69 -22.95
CA ILE E 148 -40.68 23.69 -21.89
C ILE E 148 -39.58 22.65 -22.08
N VAL E 149 -38.92 22.26 -20.99
CA VAL E 149 -37.96 21.17 -21.05
C VAL E 149 -38.65 19.85 -20.70
N TYR E 150 -38.86 19.01 -21.71
CA TYR E 150 -39.52 17.73 -21.53
C TYR E 150 -38.77 16.70 -22.37
N PRO E 151 -37.60 16.26 -21.87
CA PRO E 151 -36.65 15.41 -22.59
C PRO E 151 -37.26 14.18 -23.25
N ASP E 152 -38.13 13.48 -22.54
CA ASP E 152 -38.75 12.26 -23.06
C ASP E 152 -39.56 12.52 -24.33
N VAL E 153 -40.26 13.65 -24.38
CA VAL E 153 -41.04 14.02 -25.55
C VAL E 153 -40.15 14.54 -26.67
N ALA E 154 -39.17 15.36 -26.29
CA ALA E 154 -38.23 15.94 -27.24
C ALA E 154 -37.39 14.87 -27.93
N SER E 155 -37.23 13.73 -27.29
CA SER E 155 -36.41 12.66 -27.82
C SER E 155 -37.24 11.55 -28.46
N SER E 156 -38.57 11.72 -28.40
CA SER E 156 -39.50 10.75 -28.96
C SER E 156 -39.25 9.32 -28.51
N SER E 157 -39.10 9.13 -27.20
CA SER E 157 -38.93 7.79 -26.63
C SER E 157 -40.15 6.94 -26.93
N SER E 158 -39.93 5.66 -27.23
CA SER E 158 -41.00 4.75 -27.60
C SER E 158 -42.12 4.71 -26.56
N PHE E 159 -41.72 4.64 -25.29
CA PHE E 159 -42.68 4.54 -24.19
C PHE E 159 -43.46 5.83 -24.02
N THR E 160 -42.79 6.97 -24.26
CA THR E 160 -43.41 8.27 -24.12
C THR E 160 -44.40 8.55 -25.26
N VAL E 161 -43.97 8.26 -26.48
CA VAL E 161 -44.81 8.45 -27.66
C VAL E 161 -46.08 7.62 -27.56
N PHE E 162 -45.93 6.37 -27.16
CA PHE E 162 -47.07 5.48 -26.93
C PHE E 162 -47.95 6.02 -25.81
N GLY E 163 -47.31 6.53 -24.76
CA GLY E 163 -48.02 6.99 -23.57
C GLY E 163 -48.94 8.19 -23.79
N LEU E 164 -48.37 9.29 -24.26
CA LEU E 164 -49.14 10.53 -24.44
C LEU E 164 -50.26 10.37 -25.46
N TYR E 165 -50.02 9.58 -26.50
CA TYR E 165 -51.03 9.32 -27.51
C TYR E 165 -52.26 8.69 -26.88
N GLN E 166 -52.04 7.68 -26.05
CA GLN E 166 -53.13 6.98 -25.38
C GLN E 166 -53.80 7.85 -24.32
N GLN E 167 -53.02 8.66 -23.63
CA GLN E 167 -53.55 9.55 -22.61
C GLN E 167 -54.44 10.64 -23.23
N LEU E 168 -54.06 11.10 -24.41
CA LEU E 168 -54.83 12.11 -25.13
C LEU E 168 -56.07 11.48 -25.78
N LEU E 169 -55.96 10.21 -26.14
CA LEU E 169 -57.05 9.52 -26.83
C LEU E 169 -58.06 8.91 -25.87
N GLN E 170 -57.59 8.01 -25.01
CA GLN E 170 -58.48 7.25 -24.14
C GLN E 170 -59.14 8.10 -23.07
N SER E 171 -60.24 7.59 -22.52
CA SER E 171 -60.96 8.24 -21.44
C SER E 171 -61.80 7.20 -20.70
N SER E 172 -61.50 7.02 -19.41
CA SER E 172 -62.17 5.99 -18.63
C SER E 172 -62.91 6.56 -17.41
N SER E 173 -63.90 5.82 -16.95
CA SER E 173 -64.66 6.20 -15.76
C SER E 173 -63.89 5.84 -14.50
N SER E 174 -63.23 4.68 -14.53
CA SER E 174 -62.43 4.23 -13.41
C SER E 174 -60.98 4.69 -13.56
N ALA E 175 -60.14 4.34 -12.59
CA ALA E 175 -58.75 4.77 -12.59
C ALA E 175 -57.92 3.97 -13.59
N ALA E 176 -58.32 2.72 -13.83
CA ALA E 176 -57.58 1.84 -14.71
C ALA E 176 -58.00 2.03 -16.18
N VAL E 177 -57.05 2.43 -17.01
CA VAL E 177 -57.28 2.58 -18.43
C VAL E 177 -56.69 1.39 -19.18
N ASP E 178 -57.46 0.31 -19.26
CA ASP E 178 -56.98 -0.93 -19.87
C ASP E 178 -57.30 -0.99 -21.36
N ILE E 179 -56.25 -1.02 -22.18
CA ILE E 179 -56.40 -1.08 -23.62
C ILE E 179 -55.81 -2.36 -24.18
N LYS E 180 -56.31 -2.78 -25.34
CA LYS E 180 -55.79 -3.99 -25.99
C LYS E 180 -55.10 -3.68 -27.32
N ALA E 181 -54.45 -4.69 -27.88
CA ALA E 181 -53.65 -4.52 -29.09
C ALA E 181 -54.48 -4.14 -30.32
N SER E 182 -55.79 -4.32 -30.23
CA SER E 182 -56.67 -4.00 -31.34
C SER E 182 -57.00 -2.51 -31.40
N ASP E 183 -56.66 -1.80 -30.34
CA ASP E 183 -56.91 -0.36 -30.26
C ASP E 183 -55.67 0.43 -30.69
N LEU E 184 -54.62 -0.29 -31.06
CA LEU E 184 -53.36 0.34 -31.43
C LEU E 184 -53.26 0.52 -32.94
N PRO E 185 -52.82 1.71 -33.38
CA PRO E 185 -52.59 2.01 -34.80
C PRO E 185 -51.61 1.02 -35.42
N GLN E 186 -51.90 0.56 -36.63
CA GLN E 186 -51.12 -0.51 -37.25
C GLN E 186 -50.51 -0.10 -38.59
N SER E 187 -51.11 0.90 -39.24
CA SER E 187 -50.70 1.27 -40.59
C SER E 187 -50.21 2.71 -40.68
N GLY E 188 -50.97 3.63 -40.11
CA GLY E 188 -50.68 5.05 -40.23
C GLY E 188 -51.96 5.79 -40.61
N ASP E 189 -52.80 5.11 -41.38
CA ASP E 189 -54.13 5.62 -41.70
C ASP E 189 -55.09 5.29 -40.57
N GLN E 190 -54.62 4.47 -39.63
CA GLN E 190 -55.40 4.15 -38.43
C GLN E 190 -55.11 5.17 -37.33
N VAL E 191 -54.06 5.96 -37.55
CA VAL E 191 -53.65 6.98 -36.59
C VAL E 191 -54.66 8.13 -36.50
N ASN E 192 -55.08 8.44 -35.29
CA ASN E 192 -55.99 9.55 -35.06
C ASN E 192 -55.28 10.88 -35.24
N LYS E 193 -55.64 11.62 -36.28
CA LYS E 193 -54.97 12.88 -36.61
C LYS E 193 -55.33 14.01 -35.63
N ASP E 194 -56.44 13.86 -34.94
CA ASP E 194 -56.84 14.84 -33.92
C ASP E 194 -55.93 14.75 -32.70
N ILE E 195 -55.50 13.53 -32.38
CA ILE E 195 -54.64 13.31 -31.23
C ILE E 195 -53.22 13.79 -31.50
N THR E 196 -52.70 13.49 -32.69
CA THR E 196 -51.38 13.95 -33.09
C THR E 196 -51.34 15.47 -33.14
N GLN E 197 -52.47 16.06 -33.47
CA GLN E 197 -52.64 17.51 -33.47
C GLN E 197 -52.36 18.04 -32.07
N LYS E 198 -52.92 17.36 -31.08
CA LYS E 198 -52.71 17.72 -29.67
C LYS E 198 -51.27 17.44 -29.27
N TYR E 199 -50.75 16.29 -29.71
CA TYR E 199 -49.39 15.88 -29.39
C TYR E 199 -48.37 16.90 -29.89
N ARG E 200 -48.49 17.29 -31.16
CA ARG E 200 -47.56 18.24 -31.76
C ARG E 200 -47.58 19.60 -31.07
N THR E 201 -48.72 19.97 -30.49
CA THR E 201 -48.83 21.20 -29.74
C THR E 201 -47.86 21.16 -28.56
N ILE E 202 -47.78 20.00 -27.91
CA ILE E 202 -46.87 19.80 -26.80
C ILE E 202 -45.43 19.69 -27.30
N LEU E 203 -45.23 18.89 -28.34
CA LEU E 203 -43.90 18.67 -28.91
C LEU E 203 -43.25 19.98 -29.36
N ASP E 204 -44.04 20.89 -29.91
CA ASP E 204 -43.53 22.18 -30.36
C ASP E 204 -43.13 23.06 -29.18
N SER E 205 -43.80 22.87 -28.05
CA SER E 205 -43.51 23.66 -26.85
C SER E 205 -42.21 23.21 -26.20
N THR E 206 -41.82 21.98 -26.48
CA THR E 206 -40.59 21.42 -25.91
C THR E 206 -39.35 22.00 -26.57
N VAL E 207 -38.39 22.41 -25.75
CA VAL E 207 -37.10 22.87 -26.26
C VAL E 207 -36.13 21.69 -26.28
N VAL E 208 -35.38 21.57 -27.37
CA VAL E 208 -34.42 20.49 -27.50
C VAL E 208 -33.32 20.62 -26.46
N ALA E 209 -33.44 19.88 -25.37
CA ALA E 209 -32.47 19.91 -24.29
C ALA E 209 -32.50 18.61 -23.52
N SER E 210 -31.35 18.21 -22.99
CA SER E 210 -31.25 16.97 -22.23
C SER E 210 -31.51 17.23 -20.76
N GLN E 211 -31.73 16.17 -20.00
CA GLN E 211 -31.95 16.28 -18.57
C GLN E 211 -30.75 16.90 -17.87
N ARG E 212 -29.56 16.44 -18.25
CA ARG E 212 -28.32 16.95 -17.65
C ARG E 212 -28.12 18.44 -17.93
N GLU E 213 -28.48 18.86 -19.14
CA GLU E 213 -28.39 20.27 -19.50
C GLU E 213 -29.28 21.14 -18.62
N TYR E 214 -30.51 20.67 -18.38
CA TYR E 214 -31.42 21.39 -17.50
C TYR E 214 -30.94 21.38 -16.06
N ILE E 215 -30.55 20.21 -15.56
CA ILE E 215 -30.07 20.06 -14.19
C ILE E 215 -28.88 20.96 -13.91
N ASN E 216 -27.89 20.95 -14.82
CA ASN E 216 -26.72 21.80 -14.68
C ASN E 216 -27.09 23.29 -14.63
N SER E 217 -27.99 23.69 -15.52
CA SER E 217 -28.43 25.08 -15.59
C SER E 217 -29.07 25.54 -14.28
N VAL E 218 -29.85 24.66 -13.66
CA VAL E 218 -30.45 24.96 -12.37
C VAL E 218 -29.38 25.06 -11.30
N LYS E 219 -28.39 24.17 -11.38
CA LYS E 219 -27.26 24.19 -10.45
C LYS E 219 -26.44 25.47 -10.59
N GLN E 220 -26.17 25.86 -11.84
CA GLN E 220 -25.34 27.02 -12.13
C GLN E 220 -26.04 28.34 -11.82
N GLY E 221 -27.32 28.27 -11.49
CA GLY E 221 -28.07 29.45 -11.08
C GLY E 221 -28.89 30.09 -12.18
N LYS E 222 -28.69 29.64 -13.41
CA LYS E 222 -29.43 30.18 -14.55
C LYS E 222 -30.10 29.08 -15.36
N PRO E 223 -31.35 28.76 -15.01
CA PRO E 223 -32.13 27.71 -15.69
C PRO E 223 -32.44 28.09 -17.13
N ILE E 224 -32.28 27.12 -18.04
CA ILE E 224 -32.57 27.36 -19.45
C ILE E 224 -34.07 27.52 -19.68
N SER E 225 -34.86 27.07 -18.72
CA SER E 225 -36.31 27.16 -18.80
C SER E 225 -36.93 27.17 -17.40
N ASN E 226 -38.10 27.80 -17.29
CA ASN E 226 -38.82 27.84 -16.03
C ASN E 226 -39.86 26.72 -15.95
N TYR E 227 -39.86 25.85 -16.95
CA TYR E 227 -40.79 24.73 -17.01
C TYR E 227 -40.06 23.44 -17.30
N TYR E 228 -40.16 22.47 -16.39
CA TYR E 228 -39.58 21.15 -16.60
C TYR E 228 -40.62 20.08 -16.35
N VAL E 229 -40.66 19.09 -17.24
CA VAL E 229 -41.56 17.96 -17.08
C VAL E 229 -40.76 16.66 -17.01
N GLY E 230 -41.00 15.88 -15.96
CA GLY E 230 -40.32 14.61 -15.79
C GLY E 230 -40.65 13.93 -14.47
N TYR E 231 -40.07 12.76 -14.25
CA TYR E 231 -40.27 12.02 -13.01
C TYR E 231 -39.61 12.74 -11.86
N SER E 232 -40.09 12.49 -10.65
CA SER E 232 -39.50 13.09 -9.46
C SER E 232 -38.08 12.58 -9.24
N GLU E 233 -37.82 11.35 -9.70
CA GLU E 233 -36.50 10.75 -9.60
C GLU E 233 -35.44 11.58 -10.31
N SER E 234 -35.84 12.19 -11.43
CA SER E 234 -34.92 12.96 -12.25
C SER E 234 -34.70 14.38 -11.72
N MET E 235 -35.23 14.64 -10.53
CA MET E 235 -35.08 15.95 -9.91
C MET E 235 -34.22 15.87 -8.65
N CYS E 236 -33.71 14.68 -8.36
CA CYS E 236 -33.01 14.44 -7.09
C CYS E 236 -31.71 15.24 -6.95
N GLU E 237 -31.05 15.51 -8.07
CA GLU E 237 -29.78 16.23 -8.05
C GLU E 237 -29.95 17.70 -7.66
N ILE E 238 -31.15 18.23 -7.86
CA ILE E 238 -31.44 19.62 -7.51
C ILE E 238 -32.54 19.70 -6.45
N LYS E 239 -32.66 18.66 -5.63
CA LYS E 239 -33.72 18.57 -4.64
C LYS E 239 -33.63 19.68 -3.59
N ASP E 240 -32.42 20.17 -3.35
CA ASP E 240 -32.22 21.24 -2.38
C ASP E 240 -32.58 22.60 -2.96
N ILE E 241 -32.26 22.79 -4.24
CA ILE E 241 -32.59 24.02 -4.93
C ILE E 241 -34.11 24.17 -5.04
N ILE E 242 -34.79 23.06 -5.31
CA ILE E 242 -36.26 23.04 -5.35
C ILE E 242 -36.84 23.50 -4.01
N ARG E 243 -36.26 22.99 -2.93
CA ARG E 243 -36.71 23.33 -1.58
C ARG E 243 -36.41 24.79 -1.25
N ASP E 244 -35.17 25.20 -1.50
CA ASP E 244 -34.71 26.54 -1.11
C ASP E 244 -35.26 27.64 -2.01
N GLN E 245 -35.24 27.42 -3.33
CA GLN E 245 -35.64 28.45 -4.27
C GLN E 245 -37.10 28.39 -4.67
N GLN E 246 -37.93 27.78 -3.83
CA GLN E 246 -39.38 27.84 -3.97
C GLN E 246 -39.93 27.25 -5.27
N TYR E 247 -39.28 26.22 -5.80
CA TYR E 247 -39.77 25.57 -7.01
C TYR E 247 -41.09 24.85 -6.77
N ASN E 248 -41.97 24.95 -7.76
CA ASN E 248 -43.29 24.33 -7.68
C ASN E 248 -43.38 23.05 -8.49
N VAL E 249 -43.71 21.95 -7.83
CA VAL E 249 -43.89 20.66 -8.50
C VAL E 249 -45.31 20.15 -8.32
N GLN E 250 -46.00 19.88 -9.43
CA GLN E 250 -47.41 19.51 -9.36
C GLN E 250 -47.79 18.29 -10.20
N LEU E 251 -48.80 17.56 -9.73
CA LEU E 251 -49.44 16.52 -10.51
C LEU E 251 -50.16 17.19 -11.67
N ILE E 252 -49.92 16.71 -12.88
CA ILE E 252 -50.55 17.33 -14.04
C ILE E 252 -50.81 16.32 -15.15
N GLY E 253 -51.96 16.46 -15.80
CA GLY E 253 -52.33 15.56 -16.87
C GLY E 253 -51.88 16.09 -18.21
N THR E 254 -51.72 15.19 -19.18
CA THR E 254 -51.44 15.60 -20.55
C THR E 254 -52.65 16.41 -21.02
N SER E 255 -53.83 15.90 -20.72
CA SER E 255 -55.07 16.63 -20.93
C SER E 255 -56.09 16.13 -19.91
N ASP E 256 -56.67 17.07 -19.16
CA ASP E 256 -57.69 16.77 -18.16
C ASP E 256 -57.17 15.89 -17.02
N LYS E 257 -57.19 14.57 -17.23
CA LYS E 257 -56.85 13.63 -16.17
C LYS E 257 -55.33 13.42 -16.00
N PRO E 258 -54.85 13.54 -14.75
CA PRO E 258 -53.43 13.29 -14.43
C PRO E 258 -53.11 11.80 -14.39
N TYR E 259 -52.11 11.38 -15.15
CA TYR E 259 -51.70 9.98 -15.19
C TYR E 259 -50.50 9.71 -14.29
N VAL E 260 -50.50 8.55 -13.64
CA VAL E 260 -49.36 8.12 -12.85
C VAL E 260 -48.93 6.71 -13.24
N TYR E 261 -47.75 6.31 -12.80
CA TYR E 261 -47.23 4.97 -13.03
C TYR E 261 -47.00 4.29 -11.69
N THR E 262 -47.26 2.99 -11.62
CA THR E 262 -47.02 2.23 -10.40
C THR E 262 -46.21 0.96 -10.65
N ASP E 263 -45.20 0.74 -9.82
CA ASP E 263 -44.44 -0.50 -9.86
C ASP E 263 -44.95 -1.44 -8.77
N VAL E 264 -45.17 -2.70 -9.12
CA VAL E 264 -45.83 -3.64 -8.23
C VAL E 264 -45.01 -4.90 -7.99
N LEU E 265 -44.82 -5.25 -6.72
CA LEU E 265 -44.17 -6.51 -6.33
C LEU E 265 -45.18 -7.64 -6.38
N ALA E 266 -44.93 -8.63 -7.24
CA ALA E 266 -45.86 -9.74 -7.41
C ALA E 266 -45.21 -11.09 -7.08
N LEU E 267 -46.04 -12.12 -6.98
CA LEU E 267 -45.56 -13.47 -6.68
C LEU E 267 -45.87 -14.42 -7.83
N ASN E 268 -44.94 -15.34 -8.09
CA ASN E 268 -45.13 -16.33 -9.14
C ASN E 268 -46.28 -17.27 -8.81
N SER E 269 -47.02 -17.68 -9.83
CA SER E 269 -48.20 -18.52 -9.64
C SER E 269 -47.87 -19.88 -9.05
N ASN E 270 -46.67 -20.38 -9.33
CA ASN E 270 -46.24 -21.68 -8.80
C ASN E 270 -45.44 -21.58 -7.51
N LEU E 271 -46.08 -21.07 -6.46
CA LEU E 271 -45.43 -20.92 -5.17
C LEU E 271 -46.20 -21.66 -4.07
N CYS E 272 -45.47 -22.43 -3.27
CA CYS E 272 -46.08 -23.22 -2.20
C CYS E 272 -46.46 -22.34 -1.00
N ASP E 273 -46.82 -23.00 0.11
CA ASP E 273 -47.26 -22.28 1.30
C ASP E 273 -46.09 -21.72 2.11
N GLU E 274 -45.03 -22.51 2.26
CA GLU E 274 -43.88 -22.09 3.06
C GLU E 274 -43.10 -20.98 2.36
N LYS E 275 -42.81 -21.17 1.07
CA LYS E 275 -41.99 -20.24 0.32
C LYS E 275 -42.68 -18.89 0.14
N GLN E 276 -44.00 -18.91 0.01
CA GLN E 276 -44.78 -17.68 -0.12
C GLN E 276 -44.67 -16.83 1.13
N LYS E 277 -44.63 -17.50 2.28
CA LYS E 277 -44.59 -16.79 3.56
C LYS E 277 -43.26 -16.06 3.75
N VAL E 278 -42.22 -16.58 3.13
CA VAL E 278 -40.90 -15.94 3.19
C VAL E 278 -40.85 -14.77 2.21
N ALA E 279 -41.60 -14.90 1.12
CA ALA E 279 -41.69 -13.84 0.12
C ALA E 279 -42.33 -12.59 0.72
N VAL E 280 -43.42 -12.78 1.44
CA VAL E 280 -44.14 -11.68 2.07
C VAL E 280 -43.24 -10.95 3.07
N GLU E 281 -42.39 -11.71 3.77
CA GLU E 281 -41.45 -11.12 4.71
C GLU E 281 -40.46 -10.21 4.01
N VAL E 282 -39.91 -10.68 2.90
CA VAL E 282 -38.98 -9.91 2.08
C VAL E 282 -39.68 -8.67 1.52
N ILE E 283 -40.90 -8.87 1.03
CA ILE E 283 -41.71 -7.79 0.49
C ILE E 283 -42.03 -6.74 1.55
N LYS E 284 -42.48 -7.21 2.71
CA LYS E 284 -42.80 -6.30 3.81
C LYS E 284 -41.58 -5.48 4.23
N ASN E 285 -40.41 -6.09 4.16
CA ASN E 285 -39.18 -5.39 4.46
C ASN E 285 -38.85 -4.36 3.37
N LEU E 286 -39.17 -4.69 2.13
CA LEU E 286 -38.94 -3.77 1.01
C LEU E 286 -39.84 -2.53 1.09
N LEU E 287 -41.02 -2.69 1.67
CA LEU E 287 -42.02 -1.62 1.68
C LEU E 287 -42.07 -0.84 2.98
N THR E 288 -41.64 -1.45 4.09
CA THR E 288 -41.83 -0.83 5.40
C THR E 288 -40.55 -0.49 6.16
N ASN E 289 -39.40 -0.96 5.67
CA ASN E 289 -38.13 -0.63 6.30
C ASN E 289 -37.84 0.87 6.19
N THR E 290 -37.69 1.52 7.32
CA THR E 290 -37.46 2.96 7.37
C THR E 290 -36.13 3.36 6.74
N LEU E 291 -35.17 2.44 6.74
CA LEU E 291 -33.87 2.71 6.14
C LEU E 291 -33.96 2.69 4.62
N VAL E 292 -34.75 1.74 4.10
CA VAL E 292 -35.00 1.66 2.66
C VAL E 292 -35.76 2.91 2.20
N LEU E 293 -36.77 3.29 2.97
CA LEU E 293 -37.57 4.47 2.64
C LEU E 293 -36.75 5.75 2.66
N ASP E 294 -35.87 5.87 3.64
CA ASP E 294 -35.02 7.06 3.75
C ASP E 294 -34.06 7.17 2.56
N LEU E 295 -33.56 6.04 2.09
CA LEU E 295 -32.69 6.01 0.92
C LEU E 295 -33.47 6.36 -0.33
N LEU E 296 -34.73 5.92 -0.39
CA LEU E 296 -35.62 6.26 -1.49
C LEU E 296 -35.84 7.77 -1.55
N GLY E 297 -35.94 8.39 -0.38
CA GLY E 297 -36.14 9.82 -0.30
C GLY E 297 -34.95 10.61 -0.82
N LEU E 298 -33.77 9.99 -0.75
CA LEU E 298 -32.56 10.62 -1.26
C LEU E 298 -32.59 10.76 -2.77
N GLY E 299 -33.29 9.83 -3.43
CA GLY E 299 -33.43 9.87 -4.87
C GLY E 299 -34.76 10.41 -5.33
N LEU E 300 -35.55 10.92 -4.39
CA LEU E 300 -36.87 11.48 -4.66
C LEU E 300 -37.81 10.51 -5.38
N THR E 301 -37.64 9.21 -5.13
CA THR E 301 -38.58 8.22 -5.65
C THR E 301 -39.72 8.05 -4.65
N LEU E 302 -40.92 7.79 -5.17
CA LEU E 302 -42.11 7.78 -4.34
C LEU E 302 -42.57 6.37 -4.00
N PRO E 303 -42.74 6.07 -2.70
CA PRO E 303 -43.39 4.82 -2.29
C PRO E 303 -44.84 4.84 -2.75
N ALA E 304 -45.39 3.68 -3.09
CA ALA E 304 -46.75 3.62 -3.62
C ALA E 304 -47.82 3.56 -2.53
N ASN E 305 -47.38 3.41 -1.28
CA ASN E 305 -48.31 3.32 -0.16
C ASN E 305 -48.35 4.59 0.69
N LYS E 306 -49.48 4.84 1.34
CA LYS E 306 -49.66 6.04 2.15
C LYS E 306 -48.67 6.13 3.31
N ASN E 307 -48.40 5.00 3.96
CA ASN E 307 -47.45 4.96 5.07
C ASN E 307 -46.06 5.41 4.64
N GLY E 308 -45.61 4.92 3.49
CA GLY E 308 -44.31 5.29 2.94
C GLY E 308 -44.25 6.74 2.55
N ILE E 309 -45.31 7.23 1.91
CA ILE E 309 -45.40 8.63 1.52
C ILE E 309 -45.41 9.52 2.75
N ALA E 310 -46.22 9.16 3.73
CA ALA E 310 -46.34 9.92 4.96
C ALA E 310 -45.02 9.96 5.73
N HIS E 311 -44.31 8.85 5.72
CA HIS E 311 -43.02 8.75 6.43
C HIS E 311 -41.99 9.73 5.86
N LEU E 312 -41.95 9.85 4.54
CA LEU E 312 -41.00 10.74 3.88
C LEU E 312 -41.46 12.19 3.91
N ALA E 313 -42.78 12.38 3.99
CA ALA E 313 -43.34 13.72 4.02
C ALA E 313 -43.12 14.42 5.35
N LYS E 314 -42.83 13.63 6.39
CA LYS E 314 -42.59 14.18 7.72
C LYS E 314 -41.32 15.03 7.77
N SER E 315 -40.39 14.74 6.87
CA SER E 315 -39.10 15.44 6.86
C SER E 315 -38.90 16.27 5.61
N SER E 316 -39.52 15.84 4.50
CA SER E 316 -39.31 16.48 3.21
C SER E 316 -40.51 17.31 2.76
N ASN E 317 -40.25 18.55 2.37
CA ASN E 317 -41.29 19.42 1.83
C ASN E 317 -41.75 18.93 0.46
N PHE E 318 -40.84 18.31 -0.27
CA PHE E 318 -41.14 17.79 -1.61
C PHE E 318 -42.22 16.73 -1.56
N TYR E 319 -42.07 15.80 -0.63
CA TYR E 319 -43.05 14.73 -0.45
C TYR E 319 -44.33 15.25 0.19
N ALA E 320 -44.20 16.31 0.98
CA ALA E 320 -45.34 16.92 1.64
C ALA E 320 -46.32 17.49 0.61
N GLN E 321 -45.78 18.21 -0.37
CA GLN E 321 -46.61 18.82 -1.40
C GLN E 321 -47.22 17.78 -2.34
N LEU E 322 -46.46 16.74 -2.65
CA LEU E 322 -46.96 15.67 -3.52
C LEU E 322 -48.09 14.91 -2.84
N SER E 323 -47.95 14.68 -1.53
CA SER E 323 -48.99 14.00 -0.76
C SER E 323 -50.30 14.79 -0.82
N GLN E 324 -50.19 16.11 -0.74
CA GLN E 324 -51.35 16.99 -0.83
C GLN E 324 -52.00 16.83 -2.20
N GLN E 325 -51.17 16.59 -3.21
CA GLN E 325 -51.63 16.48 -4.58
C GLN E 325 -52.40 15.17 -4.83
N PHE E 326 -51.83 14.07 -4.37
CA PHE E 326 -52.44 12.75 -4.58
C PHE E 326 -53.75 12.59 -3.82
N ASP E 327 -53.87 13.25 -2.68
CA ASP E 327 -55.09 13.20 -1.88
C ASP E 327 -56.22 13.94 -2.59
N ALA E 328 -55.95 15.16 -3.01
CA ALA E 328 -56.96 16.02 -3.62
C ALA E 328 -57.43 15.52 -4.99
N LYS E 329 -56.52 14.95 -5.76
CA LYS E 329 -56.84 14.53 -7.13
C LYS E 329 -56.99 13.02 -7.25
N GLU E 330 -57.17 12.34 -6.11
CA GLU E 330 -57.23 10.88 -6.07
C GLU E 330 -58.25 10.28 -7.02
N SER E 331 -59.42 10.90 -7.10
CA SER E 331 -60.50 10.40 -7.94
C SER E 331 -60.28 10.68 -9.42
N GLU E 332 -59.31 11.55 -9.71
CA GLU E 332 -59.05 11.97 -11.09
C GLU E 332 -57.89 11.21 -11.71
N VAL E 333 -57.03 10.65 -10.87
CA VAL E 333 -55.81 9.98 -11.34
C VAL E 333 -56.09 8.74 -12.19
N ARG E 334 -55.37 8.62 -13.30
CA ARG E 334 -55.53 7.50 -14.21
C ARG E 334 -54.24 6.69 -14.35
N VAL E 335 -54.38 5.41 -14.65
CA VAL E 335 -53.23 4.53 -14.86
C VAL E 335 -53.41 3.70 -16.12
N LEU E 336 -52.58 3.95 -17.13
CA LEU E 336 -52.66 3.22 -18.38
C LEU E 336 -52.10 1.81 -18.23
N ARG E 337 -52.84 0.82 -18.71
CA ARG E 337 -52.41 -0.57 -18.61
C ARG E 337 -52.73 -1.34 -19.89
N CYS E 338 -51.95 -2.38 -20.16
CA CYS E 338 -52.12 -3.19 -21.37
C CYS E 338 -52.78 -4.52 -21.03
N VAL E 339 -53.70 -4.95 -21.88
CA VAL E 339 -54.48 -6.16 -21.63
C VAL E 339 -53.88 -7.41 -22.26
N ASP E 340 -53.55 -7.33 -23.54
CA ASP E 340 -53.05 -8.51 -24.26
C ASP E 340 -51.78 -8.25 -25.06
N PHE E 341 -50.99 -7.27 -24.65
CA PHE E 341 -49.71 -6.99 -25.31
C PHE E 341 -48.69 -6.40 -24.34
N ALA E 342 -47.44 -6.34 -24.78
CA ALA E 342 -46.36 -5.83 -23.93
C ALA E 342 -45.44 -4.88 -24.70
N ASN E 343 -44.13 -5.03 -24.49
CA ASN E 343 -43.14 -4.11 -25.01
C ASN E 343 -43.04 -4.04 -26.53
N LYS E 344 -43.10 -5.20 -27.19
CA LYS E 344 -42.96 -5.26 -28.63
C LYS E 344 -44.03 -4.44 -29.35
N GLU E 345 -45.27 -4.58 -28.89
CA GLU E 345 -46.39 -3.86 -29.49
C GLU E 345 -46.33 -2.37 -29.18
N VAL E 346 -45.79 -2.04 -28.00
CA VAL E 346 -45.59 -0.64 -27.62
C VAL E 346 -44.59 0.02 -28.55
N LYS E 347 -43.49 -0.67 -28.83
CA LYS E 347 -42.45 -0.13 -29.72
C LYS E 347 -42.93 -0.04 -31.15
N ASN E 348 -43.75 -1.00 -31.58
CA ASN E 348 -44.31 -0.99 -32.92
C ASN E 348 -45.30 0.16 -33.11
N CYS E 349 -46.11 0.40 -32.08
CA CYS E 349 -47.09 1.48 -32.11
C CYS E 349 -46.38 2.84 -32.16
N ALA E 350 -45.33 2.98 -31.36
CA ALA E 350 -44.56 4.21 -31.32
C ALA E 350 -43.89 4.46 -32.67
N GLY E 351 -43.53 3.39 -33.35
CA GLY E 351 -42.92 3.50 -34.66
C GLY E 351 -43.90 3.98 -35.72
N VAL E 352 -45.17 3.61 -35.55
CA VAL E 352 -46.22 4.04 -36.45
C VAL E 352 -46.55 5.52 -36.23
N LEU E 353 -46.53 5.93 -34.97
CA LEU E 353 -46.93 7.29 -34.60
C LEU E 353 -45.86 8.34 -34.93
N ARG E 354 -44.60 7.98 -34.78
CA ARG E 354 -43.49 8.94 -34.95
C ARG E 354 -43.46 9.77 -36.26
N PRO E 355 -43.77 9.16 -37.41
CA PRO E 355 -43.80 9.98 -38.63
C PRO E 355 -44.88 11.06 -38.62
N PHE E 356 -45.88 10.90 -37.75
CA PHE E 356 -46.99 11.85 -37.67
C PHE E 356 -46.77 12.88 -36.56
N LEU E 357 -45.63 12.79 -35.89
CA LEU E 357 -45.31 13.70 -34.81
C LEU E 357 -44.39 14.83 -35.28
N PRO F 6 -29.45 -31.40 -10.52
CA PRO F 6 -28.13 -31.24 -9.90
C PRO F 6 -27.15 -30.54 -10.85
N LYS F 7 -26.74 -31.25 -11.90
CA LYS F 7 -25.86 -30.68 -12.91
C LYS F 7 -26.66 -30.16 -14.09
N THR F 8 -27.00 -28.87 -14.05
CA THR F 8 -27.78 -28.26 -15.12
C THR F 8 -26.99 -27.19 -15.86
N LEU F 9 -27.15 -27.14 -17.18
CA LEU F 9 -26.43 -26.19 -18.01
C LEU F 9 -27.40 -25.16 -18.61
N THR F 10 -27.27 -23.91 -18.17
CA THR F 10 -28.18 -22.85 -18.60
C THR F 10 -27.70 -22.18 -19.88
N VAL F 11 -28.49 -22.28 -20.94
CA VAL F 11 -28.15 -21.68 -22.22
C VAL F 11 -29.11 -20.55 -22.61
N GLY F 12 -28.56 -19.35 -22.74
CA GLY F 12 -29.35 -18.20 -23.16
C GLY F 12 -29.33 -18.00 -24.66
N LEU F 13 -30.45 -18.31 -25.31
CA LEU F 13 -30.53 -18.23 -26.77
C LEU F 13 -30.90 -16.82 -27.25
N PHE F 14 -30.45 -16.48 -28.45
CA PHE F 14 -30.84 -15.23 -29.09
C PHE F 14 -32.29 -15.35 -29.55
N PRO F 15 -33.17 -14.53 -28.95
CA PRO F 15 -34.63 -14.68 -29.12
C PRO F 15 -35.20 -13.99 -30.34
N TYR F 16 -34.43 -13.09 -30.96
CA TYR F 16 -34.95 -12.28 -32.05
C TYR F 16 -34.84 -12.97 -33.41
N LEU F 17 -35.65 -14.02 -33.57
CA LEU F 17 -35.72 -14.78 -34.81
C LEU F 17 -37.03 -14.44 -35.53
N PRO F 18 -37.12 -14.77 -36.84
CA PRO F 18 -38.32 -14.50 -37.63
C PRO F 18 -39.61 -15.05 -37.01
N SER F 19 -40.75 -14.57 -37.50
CA SER F 19 -42.04 -15.04 -37.02
C SER F 19 -43.12 -14.87 -38.09
N TRP F 20 -43.65 -16.00 -38.55
CA TRP F 20 -44.71 -15.98 -39.55
C TRP F 20 -46.05 -15.62 -38.91
N ASN F 21 -46.92 -14.98 -39.69
CA ASN F 21 -48.23 -14.58 -39.20
C ASN F 21 -49.20 -14.33 -40.36
N GLU F 22 -50.41 -14.86 -40.24
CA GLU F 22 -51.41 -14.70 -41.29
C GLU F 22 -52.73 -14.16 -40.74
N ASN F 23 -53.33 -14.91 -39.81
CA ASN F 23 -54.59 -14.49 -39.20
C ASN F 23 -54.48 -14.30 -37.69
N GLY F 24 -53.44 -13.61 -37.25
CA GLY F 24 -53.26 -13.32 -35.83
C GLY F 24 -52.41 -14.35 -35.11
N ASN F 25 -52.49 -15.60 -35.57
CA ASN F 25 -51.74 -16.69 -34.95
C ASN F 25 -50.26 -16.66 -35.33
N GLU F 26 -49.45 -16.11 -34.43
CA GLU F 26 -48.04 -15.91 -34.66
C GLU F 26 -47.22 -17.18 -34.44
N VAL F 27 -46.31 -17.46 -35.36
CA VAL F 27 -45.43 -18.62 -35.24
C VAL F 27 -43.97 -18.18 -35.13
N LYS F 28 -43.46 -18.19 -33.91
CA LYS F 28 -42.08 -17.76 -33.64
C LYS F 28 -41.08 -18.87 -33.95
N LEU F 29 -40.08 -18.54 -34.76
CA LEU F 29 -39.07 -19.53 -35.18
C LEU F 29 -38.23 -20.01 -34.00
N ILE F 30 -38.08 -19.16 -32.99
CA ILE F 30 -37.30 -19.51 -31.81
C ILE F 30 -37.95 -20.67 -31.06
N ASN F 31 -39.27 -20.80 -31.18
CA ASN F 31 -40.00 -21.89 -30.55
C ASN F 31 -39.80 -23.22 -31.27
N LEU F 32 -39.72 -23.17 -32.60
CA LEU F 32 -39.50 -24.36 -33.39
C LEU F 32 -38.12 -24.94 -33.12
N ILE F 33 -37.13 -24.05 -32.98
CA ILE F 33 -35.76 -24.48 -32.76
C ILE F 33 -35.54 -25.05 -31.36
N LYS F 34 -36.18 -24.45 -30.36
CA LYS F 34 -36.06 -24.94 -28.99
C LYS F 34 -36.60 -26.36 -28.82
N ASP F 35 -37.53 -26.75 -29.67
CA ASP F 35 -38.13 -28.07 -29.61
C ASP F 35 -37.30 -29.11 -30.37
N VAL F 36 -36.13 -28.69 -30.84
CA VAL F 36 -35.22 -29.58 -31.56
C VAL F 36 -33.95 -29.78 -30.75
N LEU F 37 -33.61 -28.78 -29.94
CA LEU F 37 -32.40 -28.81 -29.12
C LEU F 37 -32.51 -29.83 -27.99
N PRO F 38 -31.41 -30.58 -27.75
CA PRO F 38 -31.36 -31.63 -26.72
C PRO F 38 -31.33 -31.07 -25.30
N THR F 39 -32.17 -31.62 -24.43
CA THR F 39 -32.21 -31.20 -23.04
C THR F 39 -31.41 -32.14 -22.14
N GLN F 40 -30.70 -33.07 -22.76
CA GLN F 40 -29.89 -34.04 -22.01
C GLN F 40 -28.61 -34.36 -22.77
N VAL F 41 -27.52 -33.72 -22.37
CA VAL F 41 -26.22 -33.91 -23.04
C VAL F 41 -25.10 -34.18 -22.04
N SER F 42 -24.42 -35.31 -22.21
CA SER F 42 -23.27 -35.68 -21.38
C SER F 42 -23.59 -35.72 -19.89
N GLY F 43 -24.81 -36.14 -19.55
CA GLY F 43 -25.22 -36.23 -18.16
C GLY F 43 -25.78 -34.93 -17.62
N TYR F 44 -25.52 -33.84 -18.33
CA TYR F 44 -26.02 -32.53 -17.94
C TYR F 44 -27.41 -32.25 -18.50
N ASN F 45 -28.28 -31.71 -17.66
CA ASN F 45 -29.60 -31.27 -18.10
C ASN F 45 -29.53 -29.84 -18.64
N ILE F 46 -29.92 -29.67 -19.91
CA ILE F 46 -29.79 -28.37 -20.55
C ILE F 46 -31.08 -27.54 -20.45
N GLU F 47 -30.97 -26.37 -19.84
CA GLU F 47 -32.11 -25.46 -19.70
C GLU F 47 -32.01 -24.31 -20.67
N TYR F 48 -32.72 -24.41 -21.80
CA TYR F 48 -32.70 -23.36 -22.82
C TYR F 48 -33.66 -22.23 -22.48
N THR F 49 -33.14 -21.01 -22.44
CA THR F 49 -33.95 -19.84 -22.15
C THR F 49 -33.67 -18.73 -23.16
N GLU F 50 -34.54 -17.73 -23.22
CA GLU F 50 -34.35 -16.58 -24.09
C GLU F 50 -33.55 -15.50 -23.39
N PHE F 51 -32.38 -15.17 -23.95
CA PHE F 51 -31.51 -14.16 -23.37
C PHE F 51 -31.56 -12.86 -24.15
N ASP F 52 -32.04 -11.80 -23.50
CA ASP F 52 -32.17 -10.50 -24.15
C ASP F 52 -30.91 -9.66 -23.96
N CYS F 53 -30.04 -9.68 -24.96
CA CYS F 53 -28.80 -8.92 -24.91
C CYS F 53 -29.04 -7.44 -25.15
N TYR F 54 -30.28 -7.08 -25.49
CA TYR F 54 -30.64 -5.69 -25.68
C TYR F 54 -31.24 -5.11 -24.40
N SER F 55 -31.02 -5.81 -23.30
CA SER F 55 -31.42 -5.36 -21.98
C SER F 55 -30.22 -5.35 -21.05
N ASP F 56 -29.89 -4.18 -20.50
CA ASP F 56 -28.72 -4.04 -19.63
C ASP F 56 -28.83 -4.90 -18.37
N ALA F 57 -30.05 -5.14 -17.91
CA ALA F 57 -30.26 -5.96 -16.73
C ALA F 57 -29.84 -7.40 -16.97
N SER F 58 -29.98 -7.86 -18.22
CA SER F 58 -29.60 -9.21 -18.58
C SER F 58 -28.10 -9.31 -18.83
N LEU F 59 -27.50 -8.22 -19.28
CA LEU F 59 -26.05 -8.17 -19.50
C LEU F 59 -25.31 -8.11 -18.17
N GLN F 60 -26.03 -7.73 -17.11
CA GLN F 60 -25.46 -7.65 -15.78
C GLN F 60 -25.44 -9.00 -15.08
N SER F 61 -26.29 -9.92 -15.55
CA SER F 61 -26.35 -11.26 -14.99
C SER F 61 -26.33 -12.32 -16.09
N LEU F 62 -25.13 -12.79 -16.42
CA LEU F 62 -24.94 -13.73 -17.51
C LEU F 62 -25.16 -15.18 -17.08
N PRO F 63 -25.81 -15.97 -17.93
CA PRO F 63 -25.97 -17.42 -17.71
C PRO F 63 -24.67 -18.16 -18.01
N ASP F 64 -24.72 -19.48 -18.07
CA ASP F 64 -23.54 -20.28 -18.39
C ASP F 64 -23.06 -19.97 -19.80
N VAL F 65 -23.94 -20.17 -20.78
CA VAL F 65 -23.67 -19.77 -22.14
C VAL F 65 -24.78 -18.82 -22.63
N PHE F 66 -24.41 -17.85 -23.45
CA PHE F 66 -25.37 -16.86 -23.92
C PHE F 66 -25.06 -16.40 -25.34
N SER F 67 -26.11 -16.09 -26.09
CA SER F 67 -25.96 -15.56 -27.44
C SER F 67 -26.24 -14.06 -27.44
N THR F 68 -25.16 -13.28 -27.53
CA THR F 68 -25.28 -11.83 -27.52
C THR F 68 -24.91 -11.22 -28.86
N ASP F 69 -25.43 -10.03 -29.13
CA ASP F 69 -25.04 -9.26 -30.30
C ASP F 69 -23.60 -8.79 -30.07
N SER F 70 -22.77 -8.92 -31.09
CA SER F 70 -21.36 -8.55 -30.99
C SER F 70 -21.15 -7.06 -30.77
N ILE F 71 -22.23 -6.29 -30.92
CA ILE F 71 -22.18 -4.84 -30.73
C ILE F 71 -21.88 -4.49 -29.28
N PHE F 72 -22.15 -5.43 -28.37
CA PHE F 72 -21.93 -5.21 -26.94
C PHE F 72 -20.85 -6.13 -26.40
N LEU F 73 -20.21 -6.88 -27.29
CA LEU F 73 -19.17 -7.83 -26.88
C LEU F 73 -17.95 -7.20 -26.19
N PRO F 74 -17.36 -6.13 -26.78
CA PRO F 74 -16.22 -5.53 -26.10
C PRO F 74 -16.59 -4.96 -24.73
N TYR F 75 -17.79 -4.40 -24.61
CA TYR F 75 -18.27 -3.88 -23.34
C TYR F 75 -18.50 -5.01 -22.35
N LEU F 76 -19.00 -6.13 -22.85
CA LEU F 76 -19.31 -7.29 -22.01
C LEU F 76 -18.03 -7.96 -21.51
N VAL F 77 -16.97 -7.83 -22.29
CA VAL F 77 -15.67 -8.37 -21.92
C VAL F 77 -15.04 -7.56 -20.78
N SER F 78 -15.18 -6.23 -20.86
CA SER F 78 -14.59 -5.33 -19.87
C SER F 78 -15.12 -5.53 -18.47
N LEU F 79 -16.25 -6.20 -18.34
CA LEU F 79 -16.85 -6.47 -17.05
C LEU F 79 -16.57 -7.90 -16.59
N GLY F 80 -15.54 -8.51 -17.19
CA GLY F 80 -15.25 -9.91 -16.95
C GLY F 80 -16.33 -10.76 -17.60
N GLY F 81 -17.11 -11.47 -16.78
CA GLY F 81 -18.29 -12.17 -17.25
C GLY F 81 -18.07 -13.26 -18.30
N VAL F 82 -17.44 -12.89 -19.40
CA VAL F 82 -17.25 -13.81 -20.52
C VAL F 82 -15.84 -14.40 -20.58
N LYS F 83 -15.75 -15.72 -20.67
CA LYS F 83 -14.47 -16.42 -20.72
C LYS F 83 -13.84 -16.36 -22.10
N SER F 84 -12.53 -16.09 -22.14
CA SER F 84 -11.79 -16.07 -23.39
C SER F 84 -11.58 -17.50 -23.90
N LEU F 85 -11.52 -17.65 -25.21
CA LEU F 85 -11.40 -18.97 -25.81
C LEU F 85 -10.17 -19.09 -26.69
N ASP F 86 -9.79 -20.34 -26.98
CA ASP F 86 -8.70 -20.61 -27.91
C ASP F 86 -9.24 -20.68 -29.33
N GLU F 87 -8.55 -20.05 -30.26
CA GLU F 87 -8.99 -20.03 -31.66
C GLU F 87 -9.03 -21.44 -32.24
N SER F 88 -8.16 -22.30 -31.74
CA SER F 88 -8.11 -23.70 -32.16
C SER F 88 -9.41 -24.42 -31.80
N LEU F 89 -9.95 -24.09 -30.63
CA LEU F 89 -11.19 -24.70 -30.16
C LEU F 89 -12.40 -24.19 -30.95
N VAL F 90 -12.40 -22.90 -31.24
CA VAL F 90 -13.50 -22.26 -31.96
C VAL F 90 -13.58 -22.75 -33.41
N ARG F 91 -12.45 -22.72 -34.10
CA ARG F 91 -12.39 -23.14 -35.49
C ARG F 91 -12.73 -24.62 -35.68
N GLY F 92 -12.46 -25.41 -34.63
CA GLY F 92 -12.78 -26.82 -34.67
C GLY F 92 -14.27 -27.08 -34.63
N VAL F 93 -15.02 -26.11 -34.13
CA VAL F 93 -16.47 -26.23 -34.02
C VAL F 93 -17.18 -25.62 -35.22
N THR F 94 -16.92 -24.34 -35.47
CA THR F 94 -17.59 -23.62 -36.55
C THR F 94 -17.02 -23.96 -37.92
N GLY F 95 -15.69 -24.03 -38.00
CA GLY F 95 -15.02 -24.21 -39.27
C GLY F 95 -14.41 -22.91 -39.73
N ASP F 96 -14.33 -22.72 -41.05
CA ASP F 96 -13.77 -21.50 -41.61
C ASP F 96 -14.76 -20.34 -41.47
N LEU F 97 -14.25 -19.19 -41.03
CA LEU F 97 -15.07 -18.00 -40.85
C LEU F 97 -14.56 -16.86 -41.72
N HIS F 98 -15.46 -15.96 -42.10
CA HIS F 98 -15.05 -14.75 -42.81
C HIS F 98 -14.19 -13.88 -41.90
N SER F 99 -13.39 -13.02 -42.50
CA SER F 99 -12.49 -12.16 -41.74
C SER F 99 -13.25 -11.20 -40.83
N PHE F 100 -14.36 -10.66 -41.33
CA PHE F 100 -15.17 -9.73 -40.56
C PHE F 100 -15.97 -10.42 -39.47
N VAL F 101 -16.28 -11.69 -39.67
CA VAL F 101 -17.02 -12.47 -38.67
C VAL F 101 -16.12 -12.80 -37.49
N SER F 102 -14.92 -13.30 -37.79
CA SER F 102 -13.97 -13.68 -36.74
C SER F 102 -13.47 -12.46 -35.97
N SER F 103 -13.42 -11.31 -36.64
CA SER F 103 -12.97 -10.08 -36.02
C SER F 103 -14.01 -9.50 -35.07
N SER F 104 -15.28 -9.82 -35.33
CA SER F 104 -16.38 -9.33 -34.49
C SER F 104 -16.44 -10.09 -33.17
N ALA F 105 -15.82 -11.27 -33.13
CA ALA F 105 -15.83 -12.10 -31.93
C ALA F 105 -14.53 -11.98 -31.14
N SER F 106 -13.60 -11.19 -31.66
CA SER F 106 -12.31 -11.02 -31.00
C SER F 106 -12.20 -9.66 -30.30
N VAL F 107 -11.85 -9.68 -29.02
CA VAL F 107 -11.67 -8.46 -28.25
C VAL F 107 -10.27 -8.38 -27.68
N ASN F 108 -9.52 -7.34 -28.06
CA ASN F 108 -8.15 -7.13 -27.59
C ASN F 108 -7.22 -8.31 -27.88
N GLY F 109 -7.35 -8.89 -29.06
CA GLY F 109 -6.47 -9.97 -29.49
C GLY F 109 -6.97 -11.35 -29.17
N SER F 110 -7.83 -11.47 -28.16
CA SER F 110 -8.35 -12.75 -27.73
C SER F 110 -9.74 -13.04 -28.28
N VAL F 111 -10.08 -14.32 -28.42
CA VAL F 111 -11.39 -14.74 -28.91
C VAL F 111 -12.32 -15.00 -27.73
N TYR F 112 -13.58 -14.58 -27.85
CA TYR F 112 -14.50 -14.67 -26.73
C TYR F 112 -15.83 -15.38 -27.02
N GLY F 113 -15.92 -16.04 -28.17
CA GLY F 113 -17.13 -16.80 -28.47
C GLY F 113 -17.25 -17.38 -29.87
N PHE F 114 -18.20 -18.29 -30.03
CA PHE F 114 -18.46 -18.91 -31.31
C PHE F 114 -19.56 -18.15 -32.05
N PRO F 115 -19.23 -17.57 -33.22
CA PRO F 115 -20.19 -16.83 -34.03
C PRO F 115 -21.36 -17.73 -34.46
N GLN F 116 -22.59 -17.27 -34.20
CA GLN F 116 -23.77 -18.06 -34.53
C GLN F 116 -24.53 -17.48 -35.72
N TYR F 117 -25.06 -16.28 -35.56
CA TYR F 117 -25.89 -15.67 -36.60
C TYR F 117 -25.16 -14.54 -37.31
N LEU F 118 -25.60 -14.26 -38.54
CA LEU F 118 -25.06 -13.17 -39.33
C LEU F 118 -26.22 -12.35 -39.88
N CYS F 119 -26.16 -11.03 -39.73
CA CYS F 119 -27.29 -10.19 -40.08
C CYS F 119 -26.85 -8.85 -40.64
N SER F 120 -27.69 -8.27 -41.50
CA SER F 120 -27.41 -6.97 -42.10
C SER F 120 -28.66 -6.36 -42.71
N ASN F 121 -28.64 -5.06 -42.95
CA ASN F 121 -29.71 -4.38 -43.65
C ASN F 121 -29.48 -4.47 -45.17
N PHE F 122 -29.87 -5.59 -45.75
CA PHE F 122 -29.67 -5.83 -47.18
C PHE F 122 -30.64 -5.00 -48.02
N LEU F 123 -30.32 -4.89 -49.31
CA LEU F 123 -31.21 -4.24 -50.26
C LEU F 123 -31.95 -5.27 -51.11
N LEU F 124 -33.21 -5.50 -50.79
CA LEU F 124 -34.04 -6.43 -51.54
C LEU F 124 -34.56 -5.73 -52.78
N SER F 125 -33.98 -6.07 -53.93
CA SER F 125 -34.31 -5.39 -55.19
C SER F 125 -35.28 -6.20 -56.05
N SER F 126 -36.36 -5.55 -56.46
CA SER F 126 -37.33 -6.15 -57.37
C SER F 126 -36.71 -6.37 -58.74
N PRO F 127 -37.24 -7.32 -59.51
CA PRO F 127 -36.78 -7.51 -60.90
C PRO F 127 -37.06 -6.28 -61.74
N ASN F 128 -38.04 -5.48 -61.33
CA ASN F 128 -38.40 -4.26 -62.06
C ASN F 128 -37.67 -3.03 -61.54
N ALA F 129 -36.71 -3.24 -60.65
CA ALA F 129 -35.90 -2.14 -60.12
C ALA F 129 -34.98 -1.59 -61.20
N THR F 130 -35.13 -0.30 -61.48
CA THR F 130 -34.38 0.34 -62.56
C THR F 130 -33.07 0.94 -62.10
N GLN F 131 -32.89 1.06 -60.79
CA GLN F 131 -31.70 1.72 -60.25
C GLN F 131 -30.81 0.78 -59.43
N GLN F 132 -29.50 0.97 -59.56
CA GLN F 132 -28.53 0.23 -58.76
C GLN F 132 -27.57 1.20 -58.07
N ALA F 133 -27.06 0.81 -56.91
CA ALA F 133 -26.14 1.67 -56.17
C ALA F 133 -25.19 0.85 -55.28
N SER F 134 -24.15 1.50 -54.80
CA SER F 134 -23.18 0.86 -53.91
C SER F 134 -23.43 1.30 -52.47
N SER F 135 -24.33 2.25 -52.29
CA SER F 135 -24.69 2.74 -50.96
C SER F 135 -26.11 3.30 -50.95
N LEU F 136 -26.73 3.30 -49.77
CA LEU F 136 -28.08 3.84 -49.62
C LEU F 136 -28.09 5.34 -49.89
N LEU F 137 -26.96 5.98 -49.60
CA LEU F 137 -26.80 7.41 -49.86
C LEU F 137 -26.87 7.66 -51.37
N GLU F 138 -26.17 6.81 -52.12
CA GLU F 138 -26.16 6.89 -53.58
C GLU F 138 -27.53 6.55 -54.15
N LEU F 139 -28.15 5.50 -53.60
CA LEU F 139 -29.46 5.06 -54.06
C LEU F 139 -30.53 6.12 -53.83
N ALA F 140 -30.43 6.82 -52.71
CA ALA F 140 -31.39 7.87 -52.37
C ALA F 140 -31.31 9.02 -53.36
N GLN F 141 -30.12 9.24 -53.91
CA GLN F 141 -29.91 10.31 -54.88
C GLN F 141 -30.43 9.93 -56.26
N LYS F 142 -30.65 8.64 -56.47
CA LYS F 142 -31.12 8.15 -57.76
C LYS F 142 -32.63 7.97 -57.83
N VAL F 143 -33.22 7.46 -56.75
CA VAL F 143 -34.66 7.18 -56.73
C VAL F 143 -35.48 8.41 -56.37
N GLY F 144 -34.89 9.33 -55.60
CA GLY F 144 -35.56 10.57 -55.26
C GLY F 144 -36.32 10.55 -53.95
N TYR F 145 -37.58 10.95 -54.00
CA TYR F 145 -38.40 11.11 -52.80
C TYR F 145 -39.42 9.98 -52.63
N GLU F 146 -39.29 9.26 -51.51
CA GLU F 146 -40.21 8.18 -51.15
C GLU F 146 -40.37 7.11 -52.22
N GLN F 147 -39.31 6.35 -52.46
CA GLN F 147 -39.34 5.24 -53.39
C GLN F 147 -38.82 3.96 -52.73
N ILE F 148 -38.17 4.13 -51.59
CA ILE F 148 -37.57 3.00 -50.88
C ILE F 148 -38.35 2.67 -49.62
N VAL F 149 -38.58 1.37 -49.39
CA VAL F 149 -39.19 0.91 -48.14
C VAL F 149 -38.10 0.51 -47.14
N TYR F 150 -38.02 1.26 -46.05
CA TYR F 150 -37.03 1.03 -45.02
C TYR F 150 -37.70 1.25 -43.66
N PRO F 151 -38.48 0.27 -43.19
CA PRO F 151 -39.35 0.37 -42.02
C PRO F 151 -38.63 0.87 -40.77
N ASP F 152 -37.42 0.38 -40.51
CA ASP F 152 -36.68 0.78 -39.32
C ASP F 152 -36.33 2.27 -39.31
N VAL F 153 -35.97 2.80 -40.47
CA VAL F 153 -35.64 4.22 -40.58
C VAL F 153 -36.89 5.08 -40.52
N ALA F 154 -37.95 4.64 -41.21
CA ALA F 154 -39.21 5.37 -41.24
C ALA F 154 -39.81 5.50 -39.84
N SER F 155 -39.66 4.47 -39.03
CA SER F 155 -40.21 4.45 -37.69
C SER F 155 -39.22 5.00 -36.66
N SER F 156 -38.00 5.29 -37.13
CA SER F 156 -36.94 5.83 -36.28
C SER F 156 -36.67 4.99 -35.04
N SER F 157 -36.29 3.74 -35.25
CA SER F 157 -35.93 2.86 -34.15
C SER F 157 -34.63 3.33 -33.52
N SER F 158 -34.54 3.24 -32.20
CA SER F 158 -33.36 3.70 -31.46
C SER F 158 -32.09 3.01 -31.95
N PHE F 159 -32.17 1.70 -32.15
CA PHE F 159 -31.03 0.90 -32.58
C PHE F 159 -30.60 1.27 -34.00
N THR F 160 -31.58 1.62 -34.83
CA THR F 160 -31.31 1.97 -36.22
C THR F 160 -30.80 3.40 -36.35
N VAL F 161 -31.42 4.32 -35.62
CA VAL F 161 -30.99 5.72 -35.60
C VAL F 161 -29.55 5.83 -35.11
N PHE F 162 -29.25 5.16 -34.00
CA PHE F 162 -27.89 5.11 -33.47
C PHE F 162 -26.96 4.44 -34.47
N GLY F 163 -27.46 3.40 -35.13
CA GLY F 163 -26.67 2.63 -36.07
C GLY F 163 -26.20 3.41 -37.28
N LEU F 164 -27.13 3.94 -38.05
CA LEU F 164 -26.81 4.65 -39.29
C LEU F 164 -25.94 5.87 -39.05
N TYR F 165 -26.20 6.58 -37.95
CA TYR F 165 -25.43 7.77 -37.60
C TYR F 165 -23.95 7.44 -37.46
N GLN F 166 -23.66 6.31 -36.83
CA GLN F 166 -22.28 5.89 -36.64
C GLN F 166 -21.67 5.35 -37.93
N GLN F 167 -22.49 4.72 -38.76
CA GLN F 167 -22.02 4.17 -40.02
C GLN F 167 -21.69 5.28 -41.01
N LEU F 168 -22.41 6.40 -40.90
CA LEU F 168 -22.14 7.56 -41.74
C LEU F 168 -20.97 8.35 -41.19
N LEU F 169 -20.74 8.25 -39.89
CA LEU F 169 -19.69 9.03 -39.23
C LEU F 169 -18.34 8.31 -39.23
N GLN F 170 -18.27 7.20 -38.52
CA GLN F 170 -17.00 6.48 -38.34
C GLN F 170 -16.42 5.92 -39.63
N SER F 171 -15.11 6.08 -39.79
CA SER F 171 -14.38 5.51 -40.92
C SER F 171 -13.17 4.76 -40.37
N SER F 172 -13.21 3.44 -40.46
CA SER F 172 -12.19 2.60 -39.84
C SER F 172 -11.33 1.85 -40.86
N SER F 173 -10.15 1.42 -40.41
CA SER F 173 -9.24 0.65 -41.25
C SER F 173 -9.63 -0.83 -41.27
N SER F 174 -9.75 -1.42 -40.09
CA SER F 174 -10.14 -2.82 -39.97
C SER F 174 -11.66 -2.96 -40.00
N ALA F 175 -12.14 -4.19 -39.80
CA ALA F 175 -13.57 -4.46 -39.85
C ALA F 175 -14.30 -3.95 -38.61
N ALA F 176 -13.75 -4.26 -37.44
CA ALA F 176 -14.36 -3.86 -36.18
C ALA F 176 -14.29 -2.36 -35.95
N VAL F 177 -15.45 -1.70 -35.91
CA VAL F 177 -15.52 -0.28 -35.64
C VAL F 177 -15.92 -0.05 -34.18
N ASP F 178 -14.92 -0.05 -33.29
CA ASP F 178 -15.17 0.11 -31.87
C ASP F 178 -15.25 1.58 -31.48
N ILE F 179 -16.28 1.93 -30.71
CA ILE F 179 -16.46 3.30 -30.24
C ILE F 179 -16.67 3.33 -28.72
N LYS F 180 -16.37 4.47 -28.12
CA LYS F 180 -16.56 4.63 -26.68
C LYS F 180 -17.64 5.67 -26.38
N ALA F 181 -18.05 5.74 -25.12
CA ALA F 181 -19.15 6.61 -24.71
C ALA F 181 -18.87 8.09 -24.94
N SER F 182 -17.59 8.47 -24.86
CA SER F 182 -17.19 9.86 -25.02
C SER F 182 -17.31 10.34 -26.47
N ASP F 183 -17.47 9.40 -27.39
CA ASP F 183 -17.60 9.73 -28.81
C ASP F 183 -19.05 9.96 -29.21
N LEU F 184 -19.96 9.81 -28.25
CA LEU F 184 -21.39 9.96 -28.52
C LEU F 184 -21.87 11.38 -28.23
N PRO F 185 -22.77 11.90 -29.08
CA PRO F 185 -23.42 13.19 -28.85
C PRO F 185 -24.18 13.18 -27.52
N GLN F 186 -23.91 14.15 -26.67
CA GLN F 186 -24.44 14.14 -25.31
C GLN F 186 -25.53 15.19 -25.10
N SER F 187 -25.56 16.20 -25.97
CA SER F 187 -26.47 17.32 -25.78
C SER F 187 -27.25 17.68 -27.05
N GLY F 188 -26.54 18.16 -28.06
CA GLY F 188 -27.17 18.59 -29.30
C GLY F 188 -26.22 19.45 -30.12
N ASP F 189 -25.37 20.19 -29.43
CA ASP F 189 -24.34 20.98 -30.09
C ASP F 189 -23.15 20.09 -30.44
N GLN F 190 -23.19 18.85 -29.97
CA GLN F 190 -22.15 17.88 -30.27
C GLN F 190 -22.53 17.03 -31.49
N VAL F 191 -23.80 17.10 -31.86
CA VAL F 191 -24.31 16.36 -33.01
C VAL F 191 -23.68 16.85 -34.31
N ASN F 192 -23.16 15.92 -35.11
CA ASN F 192 -22.57 16.26 -36.39
C ASN F 192 -23.66 16.52 -37.43
N LYS F 193 -23.88 17.79 -37.76
CA LYS F 193 -24.93 18.18 -38.68
C LYS F 193 -24.68 17.72 -40.11
N ASP F 194 -23.42 17.42 -40.43
CA ASP F 194 -23.08 16.89 -41.75
C ASP F 194 -23.64 15.47 -41.88
N ILE F 195 -23.45 14.66 -40.84
CA ILE F 195 -23.98 13.31 -40.80
C ILE F 195 -25.50 13.34 -40.77
N THR F 196 -26.04 14.30 -40.01
CA THR F 196 -27.48 14.53 -39.95
C THR F 196 -28.05 14.80 -41.35
N GLN F 197 -27.32 15.59 -42.13
CA GLN F 197 -27.69 15.89 -43.51
C GLN F 197 -27.76 14.61 -44.35
N LYS F 198 -26.78 13.74 -44.17
CA LYS F 198 -26.73 12.47 -44.89
C LYS F 198 -27.95 11.62 -44.54
N TYR F 199 -28.23 11.50 -43.25
CA TYR F 199 -29.33 10.70 -42.73
C TYR F 199 -30.67 11.16 -43.29
N ARG F 200 -30.87 12.47 -43.34
CA ARG F 200 -32.11 13.05 -43.83
C ARG F 200 -32.43 12.67 -45.27
N THR F 201 -31.40 12.65 -46.12
CA THR F 201 -31.59 12.35 -47.53
C THR F 201 -32.10 10.92 -47.71
N ILE F 202 -31.60 9.99 -46.90
CA ILE F 202 -32.06 8.62 -46.93
C ILE F 202 -33.48 8.54 -46.37
N LEU F 203 -33.74 9.30 -45.30
CA LEU F 203 -35.06 9.35 -44.70
C LEU F 203 -36.07 9.94 -45.68
N ASP F 204 -35.63 10.91 -46.47
CA ASP F 204 -36.50 11.55 -47.46
C ASP F 204 -36.84 10.60 -48.61
N SER F 205 -35.97 9.64 -48.87
CA SER F 205 -36.18 8.67 -49.93
C SER F 205 -36.97 7.47 -49.42
N THR F 206 -37.28 7.48 -48.13
CA THR F 206 -37.98 6.37 -47.50
C THR F 206 -39.49 6.56 -47.45
N VAL F 207 -40.22 5.58 -47.94
CA VAL F 207 -41.68 5.60 -47.89
C VAL F 207 -42.14 5.24 -46.48
N VAL F 208 -43.09 6.01 -45.95
CA VAL F 208 -43.66 5.72 -44.65
C VAL F 208 -44.58 4.50 -44.74
N ALA F 209 -44.00 3.32 -44.50
CA ALA F 209 -44.76 2.08 -44.55
C ALA F 209 -44.09 1.01 -43.70
N SER F 210 -44.91 0.19 -43.03
CA SER F 210 -44.39 -0.87 -42.18
C SER F 210 -44.03 -2.11 -42.99
N GLN F 211 -43.32 -3.04 -42.35
CA GLN F 211 -42.98 -4.30 -42.99
C GLN F 211 -44.24 -5.06 -43.39
N ARG F 212 -45.26 -4.98 -42.53
CA ARG F 212 -46.53 -5.65 -42.78
C ARG F 212 -47.17 -5.15 -44.07
N GLU F 213 -47.13 -3.85 -44.29
CA GLU F 213 -47.71 -3.24 -45.47
C GLU F 213 -46.94 -3.65 -46.74
N TYR F 214 -45.63 -3.76 -46.62
CA TYR F 214 -44.79 -4.15 -47.75
C TYR F 214 -44.97 -5.62 -48.10
N ILE F 215 -44.84 -6.49 -47.10
CA ILE F 215 -44.97 -7.93 -47.30
C ILE F 215 -46.31 -8.30 -47.93
N ASN F 216 -47.37 -7.65 -47.46
CA ASN F 216 -48.69 -7.87 -48.02
C ASN F 216 -48.80 -7.40 -49.47
N SER F 217 -48.10 -6.32 -49.80
CA SER F 217 -48.12 -5.78 -51.16
C SER F 217 -47.40 -6.71 -52.12
N VAL F 218 -46.35 -7.38 -51.63
CA VAL F 218 -45.58 -8.31 -52.45
C VAL F 218 -46.39 -9.58 -52.74
N LYS F 219 -47.09 -10.07 -51.72
CA LYS F 219 -47.91 -11.27 -51.85
C LYS F 219 -49.10 -11.05 -52.77
N GLN F 220 -49.58 -9.82 -52.82
CA GLN F 220 -50.77 -9.49 -53.61
C GLN F 220 -50.42 -9.07 -55.04
N GLY F 221 -49.16 -9.27 -55.42
CA GLY F 221 -48.73 -9.03 -56.79
C GLY F 221 -48.42 -7.60 -57.16
N LYS F 222 -48.79 -6.66 -56.28
CA LYS F 222 -48.56 -5.24 -56.56
C LYS F 222 -47.77 -4.58 -55.44
N PRO F 223 -46.43 -4.72 -55.49
CA PRO F 223 -45.53 -4.15 -54.46
C PRO F 223 -45.61 -2.62 -54.43
N ILE F 224 -45.62 -2.05 -53.24
CA ILE F 224 -45.68 -0.60 -53.08
C ILE F 224 -44.34 0.04 -53.41
N SER F 225 -43.33 -0.79 -53.65
CA SER F 225 -42.00 -0.32 -54.02
C SER F 225 -41.17 -1.43 -54.63
N ASN F 226 -40.13 -1.05 -55.38
CA ASN F 226 -39.20 -2.01 -55.95
C ASN F 226 -37.95 -2.15 -55.10
N TYR F 227 -37.85 -1.32 -54.05
CA TYR F 227 -36.68 -1.32 -53.19
C TYR F 227 -37.06 -1.55 -51.73
N TYR F 228 -36.50 -2.60 -51.14
CA TYR F 228 -36.74 -2.90 -49.73
C TYR F 228 -35.43 -3.07 -48.98
N VAL F 229 -35.29 -2.36 -47.87
CA VAL F 229 -34.11 -2.48 -47.02
C VAL F 229 -34.48 -2.99 -45.64
N GLY F 230 -33.80 -4.05 -45.20
CA GLY F 230 -34.04 -4.62 -43.90
C GLY F 230 -33.27 -5.91 -43.67
N TYR F 231 -33.49 -6.53 -42.52
CA TYR F 231 -32.83 -7.79 -42.20
C TYR F 231 -33.33 -8.89 -43.13
N SER F 232 -32.51 -9.92 -43.31
CA SER F 232 -32.90 -11.06 -44.14
C SER F 232 -34.04 -11.83 -43.48
N GLU F 233 -34.12 -11.74 -42.16
CA GLU F 233 -35.17 -12.40 -41.39
C GLU F 233 -36.55 -11.87 -41.75
N SER F 234 -36.63 -10.59 -42.08
CA SER F 234 -37.90 -9.94 -42.36
C SER F 234 -38.41 -10.22 -43.77
N MET F 235 -37.70 -11.09 -44.49
CA MET F 235 -38.07 -11.40 -45.86
C MET F 235 -38.60 -12.83 -46.00
N CYS F 236 -38.72 -13.52 -44.87
CA CYS F 236 -39.07 -14.93 -44.89
C CYS F 236 -40.50 -15.21 -45.37
N GLU F 237 -41.39 -14.25 -45.20
CA GLU F 237 -42.78 -14.43 -45.60
C GLU F 237 -42.96 -14.36 -47.13
N ILE F 238 -41.92 -13.92 -47.82
CA ILE F 238 -41.97 -13.83 -49.27
C ILE F 238 -40.78 -14.55 -49.91
N LYS F 239 -40.21 -15.52 -49.21
CA LYS F 239 -39.04 -16.24 -49.69
C LYS F 239 -39.35 -17.05 -50.95
N ASP F 240 -40.63 -17.35 -51.15
CA ASP F 240 -41.08 -18.11 -52.31
C ASP F 240 -41.18 -17.19 -53.53
N ILE F 241 -41.58 -15.95 -53.29
CA ILE F 241 -41.70 -14.96 -54.35
C ILE F 241 -40.32 -14.46 -54.77
N ILE F 242 -39.43 -14.31 -53.78
CA ILE F 242 -38.06 -13.91 -54.03
C ILE F 242 -37.36 -14.89 -54.95
N ARG F 243 -37.61 -16.18 -54.75
CA ARG F 243 -37.00 -17.22 -55.58
C ARG F 243 -37.65 -17.29 -56.96
N ASP F 244 -38.97 -17.33 -57.00
CA ASP F 244 -39.70 -17.47 -58.26
C ASP F 244 -39.50 -16.28 -59.19
N GLN F 245 -39.87 -15.09 -58.72
CA GLN F 245 -39.77 -13.88 -59.53
C GLN F 245 -38.33 -13.40 -59.69
N GLN F 246 -37.42 -14.03 -58.95
CA GLN F 246 -35.99 -13.70 -58.98
C GLN F 246 -35.69 -12.28 -58.49
N TYR F 247 -36.00 -12.04 -57.22
CA TYR F 247 -35.60 -10.80 -56.56
C TYR F 247 -34.10 -10.84 -56.29
N ASN F 248 -33.49 -9.67 -56.13
CA ASN F 248 -32.06 -9.60 -55.86
C ASN F 248 -31.75 -9.03 -54.48
N VAL F 249 -30.82 -9.67 -53.78
CA VAL F 249 -30.32 -9.16 -52.51
C VAL F 249 -28.84 -8.87 -52.59
N GLN F 250 -28.40 -7.84 -51.87
CA GLN F 250 -27.00 -7.46 -51.86
C GLN F 250 -26.62 -6.77 -50.56
N LEU F 251 -25.35 -6.92 -50.17
CA LEU F 251 -24.80 -6.11 -49.09
C LEU F 251 -24.72 -4.68 -49.57
N ILE F 252 -25.11 -3.75 -48.72
CA ILE F 252 -25.08 -2.34 -49.09
C ILE F 252 -24.88 -1.47 -47.85
N GLY F 253 -23.96 -0.52 -47.96
CA GLY F 253 -23.67 0.37 -46.85
C GLY F 253 -24.62 1.55 -46.82
N THR F 254 -24.80 2.13 -45.65
CA THR F 254 -25.54 3.37 -45.51
C THR F 254 -24.81 4.41 -46.35
N SER F 255 -23.49 4.37 -46.25
CA SER F 255 -22.60 5.11 -47.12
C SER F 255 -21.24 4.43 -47.06
N ASP F 256 -20.50 4.46 -48.17
CA ASP F 256 -19.16 3.88 -48.23
C ASP F 256 -19.17 2.38 -47.94
N LYS F 257 -18.67 2.00 -46.77
CA LYS F 257 -18.53 0.59 -46.40
C LYS F 257 -19.85 -0.04 -45.94
N PRO F 258 -20.07 -1.31 -46.31
CA PRO F 258 -21.25 -2.07 -45.84
C PRO F 258 -21.05 -2.61 -44.43
N TYR F 259 -22.09 -2.46 -43.60
CA TYR F 259 -22.02 -2.91 -42.21
C TYR F 259 -22.80 -4.21 -41.98
N VAL F 260 -22.36 -4.97 -41.00
CA VAL F 260 -22.97 -6.26 -40.70
C VAL F 260 -23.10 -6.50 -39.21
N TYR F 261 -24.08 -7.31 -38.82
CA TYR F 261 -24.30 -7.66 -37.42
C TYR F 261 -24.06 -9.15 -37.22
N THR F 262 -23.39 -9.50 -36.12
CA THR F 262 -23.17 -10.91 -35.80
C THR F 262 -23.61 -11.22 -34.37
N ASP F 263 -24.24 -12.37 -34.20
CA ASP F 263 -24.59 -12.87 -32.88
C ASP F 263 -23.59 -13.94 -32.48
N VAL F 264 -23.03 -13.80 -31.27
CA VAL F 264 -21.94 -14.66 -30.84
C VAL F 264 -22.29 -15.45 -29.58
N LEU F 265 -22.13 -16.76 -29.65
CA LEU F 265 -22.33 -17.63 -28.49
C LEU F 265 -21.08 -17.63 -27.62
N ALA F 266 -21.21 -17.06 -26.42
CA ALA F 266 -20.08 -16.94 -25.51
C ALA F 266 -20.30 -17.76 -24.25
N LEU F 267 -19.22 -17.95 -23.48
CA LEU F 267 -19.28 -18.73 -22.25
C LEU F 267 -19.01 -17.85 -21.05
N ASN F 268 -19.62 -18.18 -19.91
CA ASN F 268 -19.40 -17.45 -18.67
C ASN F 268 -17.95 -17.59 -18.22
N SER F 269 -17.41 -16.55 -17.58
CA SER F 269 -16.02 -16.54 -17.17
C SER F 269 -15.74 -17.51 -16.01
N ASN F 270 -16.78 -17.88 -15.28
CA ASN F 270 -16.63 -18.78 -14.14
C ASN F 270 -17.15 -20.19 -14.41
N LEU F 271 -16.68 -20.79 -15.50
CA LEU F 271 -17.07 -22.15 -15.85
C LEU F 271 -15.94 -23.14 -15.59
N CYS F 272 -16.24 -24.21 -14.87
CA CYS F 272 -15.27 -25.26 -14.62
C CYS F 272 -15.04 -26.09 -15.88
N ASP F 273 -13.91 -26.79 -15.93
CA ASP F 273 -13.54 -27.56 -17.12
C ASP F 273 -14.52 -28.70 -17.41
N GLU F 274 -15.18 -29.18 -16.36
CA GLU F 274 -16.20 -30.21 -16.51
C GLU F 274 -17.39 -29.68 -17.29
N LYS F 275 -17.83 -28.48 -16.94
CA LYS F 275 -19.01 -27.87 -17.55
C LYS F 275 -18.66 -27.24 -18.89
N GLN F 276 -17.38 -26.94 -19.09
CA GLN F 276 -16.93 -26.28 -20.32
C GLN F 276 -17.00 -27.23 -21.51
N LYS F 277 -16.63 -28.49 -21.28
CA LYS F 277 -16.65 -29.50 -22.34
C LYS F 277 -18.06 -29.81 -22.81
N VAL F 278 -19.04 -29.62 -21.93
CA VAL F 278 -20.43 -29.86 -22.25
C VAL F 278 -21.01 -28.66 -23.00
N ALA F 279 -20.62 -27.46 -22.57
CA ALA F 279 -21.08 -26.23 -23.20
C ALA F 279 -20.65 -26.16 -24.66
N VAL F 280 -19.39 -26.51 -24.91
CA VAL F 280 -18.85 -26.53 -26.27
C VAL F 280 -19.60 -27.57 -27.11
N GLU F 281 -19.98 -28.67 -26.48
CA GLU F 281 -20.70 -29.74 -27.16
C GLU F 281 -22.12 -29.31 -27.53
N VAL F 282 -22.73 -28.50 -26.67
CA VAL F 282 -24.08 -27.98 -26.93
C VAL F 282 -24.05 -26.92 -28.02
N ILE F 283 -23.07 -26.01 -27.91
CA ILE F 283 -22.89 -24.95 -28.90
C ILE F 283 -22.62 -25.53 -30.27
N LYS F 284 -21.83 -26.60 -30.32
CA LYS F 284 -21.51 -27.27 -31.58
C LYS F 284 -22.78 -27.80 -32.25
N ASN F 285 -23.72 -28.29 -31.44
CA ASN F 285 -24.99 -28.74 -31.98
C ASN F 285 -25.81 -27.57 -32.52
N LEU F 286 -25.70 -26.41 -31.88
CA LEU F 286 -26.42 -25.22 -32.31
C LEU F 286 -25.93 -24.72 -33.67
N LEU F 287 -24.69 -25.05 -34.02
CA LEU F 287 -24.08 -24.51 -35.23
C LEU F 287 -23.86 -25.55 -36.33
N THR F 288 -24.00 -26.83 -35.99
CA THR F 288 -23.70 -27.89 -36.95
C THR F 288 -24.90 -28.80 -37.26
N ASN F 289 -25.91 -28.80 -36.39
CA ASN F 289 -27.09 -29.62 -36.61
C ASN F 289 -27.79 -29.24 -37.91
N THR F 290 -27.86 -30.19 -38.84
CA THR F 290 -28.44 -29.95 -40.15
C THR F 290 -29.91 -29.56 -40.08
N LEU F 291 -30.63 -30.09 -39.09
CA LEU F 291 -32.03 -29.78 -38.93
C LEU F 291 -32.22 -28.34 -38.44
N VAL F 292 -31.37 -27.92 -37.52
CA VAL F 292 -31.40 -26.55 -37.03
C VAL F 292 -31.08 -25.58 -38.17
N LEU F 293 -30.05 -25.90 -38.94
CA LEU F 293 -29.65 -25.09 -40.08
C LEU F 293 -30.77 -24.99 -41.12
N ASP F 294 -31.41 -26.12 -41.39
CA ASP F 294 -32.50 -26.17 -42.37
C ASP F 294 -33.70 -25.35 -41.91
N LEU F 295 -33.87 -25.24 -40.60
CA LEU F 295 -34.94 -24.42 -40.04
C LEU F 295 -34.61 -22.94 -40.15
N LEU F 296 -33.34 -22.60 -39.96
CA LEU F 296 -32.86 -21.24 -40.13
C LEU F 296 -33.03 -20.79 -41.57
N GLY F 297 -32.94 -21.74 -42.49
CA GLY F 297 -33.10 -21.46 -43.91
C GLY F 297 -34.54 -21.17 -44.28
N LEU F 298 -35.46 -21.50 -43.39
CA LEU F 298 -36.89 -21.26 -43.63
C LEU F 298 -37.26 -19.85 -43.20
N GLY F 299 -36.54 -19.32 -42.22
CA GLY F 299 -36.76 -17.95 -41.75
C GLY F 299 -35.79 -16.99 -42.41
N LEU F 300 -35.03 -17.50 -43.37
CA LEU F 300 -34.00 -16.72 -44.06
C LEU F 300 -32.99 -16.13 -43.10
N THR F 301 -32.68 -16.88 -42.05
CA THR F 301 -31.66 -16.50 -41.09
C THR F 301 -30.31 -16.99 -41.57
N LEU F 302 -29.29 -16.14 -41.47
CA LEU F 302 -27.97 -16.48 -41.99
C LEU F 302 -27.05 -17.00 -40.90
N PRO F 303 -26.54 -18.23 -41.08
CA PRO F 303 -25.50 -18.77 -40.20
C PRO F 303 -24.23 -17.94 -40.33
N ALA F 304 -23.45 -17.84 -39.27
CA ALA F 304 -22.25 -17.01 -39.28
C ALA F 304 -21.06 -17.70 -39.96
N ASN F 305 -20.99 -19.02 -39.83
CA ASN F 305 -19.88 -19.79 -40.40
C ASN F 305 -20.06 -20.09 -41.88
N LYS F 306 -18.95 -20.30 -42.57
CA LYS F 306 -18.98 -20.58 -44.00
C LYS F 306 -19.66 -21.91 -44.31
N ASN F 307 -19.56 -22.85 -43.38
CA ASN F 307 -20.20 -24.16 -43.54
C ASN F 307 -21.72 -24.05 -43.55
N GLY F 308 -22.26 -23.28 -42.61
CA GLY F 308 -23.70 -23.09 -42.51
C GLY F 308 -24.25 -22.34 -43.71
N ILE F 309 -23.51 -21.36 -44.19
CA ILE F 309 -23.92 -20.57 -45.35
C ILE F 309 -23.94 -21.45 -46.61
N ALA F 310 -22.86 -22.20 -46.80
CA ALA F 310 -22.76 -23.09 -47.96
C ALA F 310 -23.80 -24.20 -47.91
N HIS F 311 -24.16 -24.60 -46.69
CA HIS F 311 -25.17 -25.65 -46.49
C HIS F 311 -26.52 -25.22 -47.06
N LEU F 312 -26.92 -23.99 -46.75
CA LEU F 312 -28.20 -23.47 -47.20
C LEU F 312 -28.11 -22.89 -48.61
N ALA F 313 -26.89 -22.68 -49.08
CA ALA F 313 -26.66 -22.14 -50.42
C ALA F 313 -26.91 -23.21 -51.49
N LYS F 314 -26.79 -24.47 -51.09
CA LYS F 314 -26.99 -25.59 -52.01
C LYS F 314 -28.46 -25.76 -52.38
N SER F 315 -29.34 -25.20 -51.56
CA SER F 315 -30.78 -25.37 -51.76
C SER F 315 -31.51 -24.05 -52.02
N SER F 316 -30.76 -22.97 -52.10
CA SER F 316 -31.38 -21.65 -52.29
C SER F 316 -30.47 -20.67 -53.02
N ASN F 317 -31.03 -19.96 -53.99
CA ASN F 317 -30.31 -18.93 -54.71
C ASN F 317 -30.14 -17.68 -53.85
N PHE F 318 -31.06 -17.50 -52.92
CA PHE F 318 -31.01 -16.39 -51.97
C PHE F 318 -29.71 -16.42 -51.17
N TYR F 319 -29.39 -17.59 -50.62
CA TYR F 319 -28.16 -17.76 -49.86
C TYR F 319 -26.94 -17.78 -50.77
N ALA F 320 -27.16 -18.13 -52.04
CA ALA F 320 -26.08 -18.14 -53.02
C ALA F 320 -25.63 -16.72 -53.34
N GLN F 321 -26.58 -15.81 -53.45
CA GLN F 321 -26.28 -14.41 -53.70
C GLN F 321 -25.51 -13.79 -52.54
N LEU F 322 -25.93 -14.13 -51.32
CA LEU F 322 -25.31 -13.57 -50.12
C LEU F 322 -23.92 -14.14 -49.88
N SER F 323 -23.73 -15.41 -50.21
CA SER F 323 -22.42 -16.04 -50.07
C SER F 323 -21.45 -15.42 -51.07
N GLN F 324 -21.96 -15.12 -52.26
CA GLN F 324 -21.18 -14.43 -53.28
C GLN F 324 -20.83 -13.03 -52.81
N GLN F 325 -21.79 -12.40 -52.13
CA GLN F 325 -21.61 -11.04 -51.65
C GLN F 325 -20.59 -10.99 -50.52
N PHE F 326 -20.71 -11.91 -49.58
CA PHE F 326 -19.82 -11.96 -48.41
C PHE F 326 -18.37 -12.26 -48.83
N ASP F 327 -18.21 -13.17 -49.77
CA ASP F 327 -16.88 -13.57 -50.23
C ASP F 327 -16.16 -12.43 -50.96
N ALA F 328 -16.91 -11.68 -51.75
CA ALA F 328 -16.33 -10.61 -52.55
C ALA F 328 -15.96 -9.38 -51.72
N LYS F 329 -16.93 -8.86 -50.98
CA LYS F 329 -16.74 -7.65 -50.20
C LYS F 329 -16.24 -7.94 -48.79
N GLU F 330 -15.54 -9.07 -48.64
CA GLU F 330 -15.09 -9.54 -47.33
C GLU F 330 -14.24 -8.52 -46.56
N SER F 331 -13.38 -7.81 -47.27
CA SER F 331 -12.49 -6.85 -46.64
C SER F 331 -13.14 -5.49 -46.45
N GLU F 332 -14.30 -5.30 -47.07
CA GLU F 332 -15.00 -4.01 -47.02
C GLU F 332 -16.04 -3.98 -45.91
N VAL F 333 -16.44 -5.15 -45.43
CA VAL F 333 -17.48 -5.26 -44.40
C VAL F 333 -17.03 -4.68 -43.06
N ARG F 334 -17.90 -3.89 -42.43
CA ARG F 334 -17.61 -3.30 -41.14
C ARG F 334 -18.57 -3.82 -40.06
N VAL F 335 -18.12 -3.79 -38.81
CA VAL F 335 -18.95 -4.20 -37.68
C VAL F 335 -18.85 -3.19 -36.54
N LEU F 336 -19.97 -2.52 -36.27
CA LEU F 336 -20.01 -1.51 -35.21
C LEU F 336 -20.09 -2.15 -33.82
N ARG F 337 -19.16 -1.79 -32.94
CA ARG F 337 -19.10 -2.36 -31.60
C ARG F 337 -18.91 -1.29 -30.54
N CYS F 338 -19.33 -1.59 -29.31
CA CYS F 338 -19.27 -0.62 -28.22
C CYS F 338 -18.23 -1.02 -27.17
N VAL F 339 -17.35 -0.09 -26.84
CA VAL F 339 -16.24 -0.37 -25.93
C VAL F 339 -16.62 -0.35 -24.45
N ASP F 340 -17.23 0.75 -24.02
CA ASP F 340 -17.56 0.92 -22.61
C ASP F 340 -19.00 1.37 -22.34
N PHE F 341 -19.92 0.95 -23.20
CA PHE F 341 -21.34 1.26 -23.00
C PHE F 341 -22.24 0.23 -23.66
N ALA F 342 -23.54 0.32 -23.40
CA ALA F 342 -24.50 -0.65 -23.93
C ALA F 342 -25.83 -0.02 -24.30
N ASN F 343 -26.92 -0.67 -23.89
CA ASN F 343 -28.27 -0.27 -24.32
C ASN F 343 -28.73 1.09 -23.83
N LYS F 344 -28.40 1.42 -22.58
CA LYS F 344 -28.80 2.69 -21.99
C LYS F 344 -28.26 3.86 -22.80
N GLU F 345 -26.96 3.84 -23.07
CA GLU F 345 -26.31 4.91 -23.79
C GLU F 345 -26.74 4.98 -25.26
N VAL F 346 -27.03 3.81 -25.85
CA VAL F 346 -27.51 3.75 -27.23
C VAL F 346 -28.88 4.40 -27.37
N LYS F 347 -29.80 4.05 -26.47
CA LYS F 347 -31.14 4.62 -26.50
C LYS F 347 -31.14 6.10 -26.13
N ASN F 348 -30.13 6.52 -25.38
CA ASN F 348 -29.97 7.93 -25.03
C ASN F 348 -29.31 8.72 -26.16
N CYS F 349 -28.46 8.06 -26.93
CA CYS F 349 -27.80 8.70 -28.05
C CYS F 349 -28.79 8.93 -29.19
N ALA F 350 -29.69 7.98 -29.40
CA ALA F 350 -30.72 8.09 -30.42
C ALA F 350 -31.70 9.20 -30.07
N GLY F 351 -31.93 9.39 -28.78
CA GLY F 351 -32.82 10.43 -28.30
C GLY F 351 -32.31 11.81 -28.59
N VAL F 352 -30.98 11.95 -28.59
CA VAL F 352 -30.34 13.21 -28.90
C VAL F 352 -30.41 13.50 -30.40
N LEU F 353 -30.29 12.44 -31.20
CA LEU F 353 -30.24 12.56 -32.65
C LEU F 353 -31.61 12.83 -33.29
N ARG F 354 -32.64 12.16 -32.77
CA ARG F 354 -33.99 12.22 -33.35
C ARG F 354 -34.55 13.62 -33.68
N PRO F 355 -34.35 14.62 -32.80
CA PRO F 355 -34.85 15.96 -33.18
C PRO F 355 -34.24 16.50 -34.47
N PHE F 356 -33.03 16.06 -34.80
CA PHE F 356 -32.36 16.52 -36.01
C PHE F 356 -32.68 15.63 -37.20
N LEU F 357 -33.65 14.74 -37.03
CA LEU F 357 -34.04 13.82 -38.10
C LEU F 357 -35.50 14.00 -38.47
#